data_4R31
#
_entry.id   4R31
#
_cell.length_a   86.422
_cell.length_b   120.595
_cell.length_c   176.879
_cell.angle_alpha   90.000
_cell.angle_beta   90.000
_cell.angle_gamma   90.000
#
_symmetry.space_group_name_H-M   'P 21 21 21'
#
loop_
_entity.id
_entity.type
_entity.pdbx_description
1 polymer 'Uridine phosphorylase'
2 non-polymer GLYCEROL
3 water water
#
_entity_poly.entity_id   1
_entity_poly.type   'polypeptide(L)'
_entity_poly.pdbx_seq_one_letter_code
;(MSE)HHHHHHSSGVDLGTENLYFQS(MSE)SEVFHLGLTKA(MSE)LKGAKIAVIPGDPARSERIAQR(MSE)DKPEFL
ASSREFTSWLGYLENEPVVVCSTGIGGPSVSICVEELAQLGVGTFLRIGTTGAIQPYINVGDVLVTTGAVRLDGASRHFA
PLEYPAVADFSCTNALYSAAVAQGITPYVGITASSDTFYPGQERYDTFSGKVYPAYQGSLKQWQDLNV(MSE)NYE
(MSE)ESATLFT(MSE)CAALGLKAG(MSE)VAGVIVNRTQQEIPNEATIKSTEQKAVAVVIEAARRLISAGRIG
;
_entity_poly.pdbx_strand_id   A,B,C,D,E,F
#
loop_
_chem_comp.id
_chem_comp.type
_chem_comp.name
_chem_comp.formula
GOL non-polymer GLYCEROL 'C3 H8 O3'
#
# COMPACT_ATOMS: atom_id res chain seq x y z
N TYR A 19 35.51 6.38 21.72
CA TYR A 19 34.49 5.30 21.95
C TYR A 19 35.12 3.91 21.88
N PHE A 20 35.16 3.24 23.03
CA PHE A 20 35.69 1.89 23.15
C PHE A 20 34.55 0.94 23.47
N GLN A 21 34.37 -0.05 22.61
CA GLN A 21 33.32 -1.05 22.78
C GLN A 21 33.51 -1.86 24.09
N SER A 22 34.76 -1.94 24.57
CA SER A 22 35.07 -2.58 25.87
C SER A 22 34.46 -1.84 27.08
N MSE A 23 34.11 -0.57 26.92
CA MSE A 23 33.60 0.25 28.02
C MSE A 23 32.09 0.36 27.96
O MSE A 23 31.50 1.16 28.69
CB MSE A 23 34.22 1.63 27.88
CG MSE A 23 35.74 1.58 28.06
SE MSE A 23 36.16 1.23 29.96
CE MSE A 23 36.16 3.14 30.47
N SER A 24 31.46 -0.46 27.12
CA SER A 24 30.01 -0.39 26.88
C SER A 24 29.44 -1.78 26.65
N GLU A 25 28.24 -2.03 27.14
CA GLU A 25 27.52 -3.27 26.83
C GLU A 25 26.58 -3.10 25.62
N VAL A 26 26.50 -1.89 25.06
CA VAL A 26 25.64 -1.61 23.90
C VAL A 26 26.42 -0.91 22.78
N PHE A 27 25.90 -0.98 21.56
CA PHE A 27 26.65 -0.50 20.40
C PHE A 27 26.88 1.00 20.36
N HIS A 28 25.92 1.81 20.82
CA HIS A 28 25.99 3.26 20.57
C HIS A 28 26.08 4.14 21.79
N LEU A 29 25.42 3.76 22.88
CA LEU A 29 25.25 4.69 24.02
C LEU A 29 26.46 4.85 24.95
N GLY A 30 27.41 3.93 24.88
CA GLY A 30 28.60 3.99 25.72
C GLY A 30 28.28 3.71 27.17
N LEU A 31 27.32 2.82 27.42
CA LEU A 31 26.87 2.58 28.78
C LEU A 31 26.90 1.11 29.12
N THR A 32 27.05 0.79 30.40
CA THR A 32 26.80 -0.55 30.92
C THR A 32 25.64 -0.49 31.88
N LYS A 33 25.08 -1.66 32.17
CA LYS A 33 23.95 -1.75 33.06
C LYS A 33 24.27 -1.18 34.45
N ALA A 34 25.42 -1.60 34.98
CA ALA A 34 25.86 -1.13 36.30
C ALA A 34 25.99 0.38 36.41
N MSE A 35 26.29 1.09 35.32
CA MSE A 35 26.45 2.54 35.40
C MSE A 35 25.11 3.20 35.65
O MSE A 35 25.06 4.33 36.14
CB MSE A 35 27.06 3.13 34.12
CG MSE A 35 28.53 2.74 33.96
SE MSE A 35 29.12 3.09 32.10
CE MSE A 35 28.95 5.05 32.19
N LEU A 36 24.02 2.51 35.31
CA LEU A 36 22.66 3.02 35.55
C LEU A 36 22.17 2.80 36.99
N LYS A 37 22.88 1.96 37.74
CA LYS A 37 22.62 1.75 39.17
C LYS A 37 21.19 1.30 39.46
N GLY A 38 20.61 0.51 38.57
CA GLY A 38 19.26 0.01 38.74
C GLY A 38 18.14 0.85 38.11
N ALA A 39 18.48 1.92 37.37
CA ALA A 39 17.43 2.79 36.80
C ALA A 39 16.45 2.02 35.93
N LYS A 40 15.16 2.27 36.15
CA LYS A 40 14.08 1.60 35.42
C LYS A 40 13.31 2.58 34.53
N ILE A 41 13.64 3.84 34.63
CA ILE A 41 12.92 4.89 33.95
C ILE A 41 13.92 5.88 33.37
N ALA A 42 13.60 6.39 32.18
CA ALA A 42 14.41 7.37 31.50
C ALA A 42 13.59 8.54 31.00
N VAL A 43 14.15 9.74 31.14
CA VAL A 43 13.66 10.93 30.48
C VAL A 43 14.49 11.15 29.23
N ILE A 44 13.82 11.31 28.09
CA ILE A 44 14.51 11.34 26.81
C ILE A 44 14.25 12.62 25.99
N PRO A 45 15.09 13.66 26.18
CA PRO A 45 15.00 14.87 25.37
C PRO A 45 15.68 14.67 24.03
N GLY A 46 15.41 15.53 23.06
CA GLY A 46 16.03 15.38 21.73
C GLY A 46 17.47 15.89 21.67
N ASP A 47 17.70 17.01 22.34
CA ASP A 47 18.95 17.76 22.23
C ASP A 47 19.97 17.30 23.27
N PRO A 48 21.16 16.81 22.84
CA PRO A 48 22.24 16.45 23.77
C PRO A 48 22.53 17.51 24.83
N ALA A 49 22.45 18.78 24.44
CA ALA A 49 22.75 19.89 25.33
C ALA A 49 21.75 20.02 26.49
N ARG A 50 20.59 19.38 26.42
CA ARG A 50 19.55 19.49 27.47
C ARG A 50 19.58 18.42 28.54
N SER A 51 20.32 17.34 28.31
CA SER A 51 20.38 16.24 29.27
C SER A 51 20.85 16.70 30.66
N GLU A 52 21.95 17.46 30.69
CA GLU A 52 22.51 17.94 31.95
C GLU A 52 21.51 18.78 32.72
N ARG A 53 20.89 19.73 32.03
CA ARG A 53 19.96 20.64 32.66
C ARG A 53 18.80 19.91 33.33
N ILE A 54 18.24 18.94 32.62
CA ILE A 54 17.16 18.13 33.15
C ILE A 54 17.63 17.30 34.35
N ALA A 55 18.80 16.69 34.24
CA ALA A 55 19.38 15.93 35.35
C ALA A 55 19.56 16.78 36.61
N GLN A 56 19.91 18.04 36.43
CA GLN A 56 20.11 18.94 37.56
C GLN A 56 18.83 19.24 38.35
N ARG A 57 17.67 18.90 37.79
CA ARG A 57 16.42 18.94 38.56
C ARG A 57 16.36 17.81 39.57
N MSE A 58 17.27 16.84 39.48
CA MSE A 58 17.20 15.65 40.33
CA MSE A 58 17.22 15.64 40.31
C MSE A 58 18.27 15.71 41.37
O MSE A 58 19.11 16.60 41.34
CB MSE A 58 17.35 14.41 39.45
CB MSE A 58 17.47 14.41 39.45
CG MSE A 58 16.27 14.36 38.36
CG MSE A 58 16.69 14.43 38.13
SE MSE A 58 16.24 12.54 37.56
SE MSE A 58 17.16 12.85 37.05
CE MSE A 58 17.87 12.74 36.49
CE MSE A 58 15.72 13.13 35.73
N ASP A 59 18.24 14.75 42.29
CA ASP A 59 19.20 14.64 43.37
C ASP A 59 20.50 13.95 42.90
N LYS A 60 21.65 14.49 43.32
CA LYS A 60 22.96 13.91 43.03
C LYS A 60 23.18 13.56 41.55
N PRO A 61 22.97 14.53 40.65
CA PRO A 61 23.18 14.32 39.21
C PRO A 61 24.60 13.94 38.88
N GLU A 62 24.79 13.05 37.91
CA GLU A 62 26.13 12.71 37.45
C GLU A 62 26.12 12.39 35.96
N PHE A 63 27.17 12.84 35.28
CA PHE A 63 27.39 12.58 33.87
C PHE A 63 27.69 11.10 33.69
N LEU A 64 27.14 10.48 32.65
CA LEU A 64 27.41 9.07 32.37
C LEU A 64 28.27 8.87 31.15
N ALA A 65 27.83 9.41 30.03
CA ALA A 65 28.53 9.26 28.77
C ALA A 65 28.00 10.19 27.70
N SER A 66 28.82 10.38 26.67
CA SER A 66 28.45 11.16 25.49
CA SER A 66 28.47 11.18 25.49
C SER A 66 29.06 10.51 24.25
N SER A 67 28.21 10.11 23.32
CA SER A 67 28.65 9.51 22.07
C SER A 67 27.65 9.87 20.98
N ARG A 68 28.16 10.37 19.86
CA ARG A 68 27.31 10.86 18.79
C ARG A 68 26.26 11.79 19.40
N GLU A 69 24.97 11.60 19.10
CA GLU A 69 23.92 12.50 19.61
C GLU A 69 23.36 12.04 20.96
N PHE A 70 24.02 11.07 21.57
CA PHE A 70 23.51 10.43 22.78
C PHE A 70 24.31 10.87 24.01
N THR A 71 23.81 11.86 24.73
CA THR A 71 24.40 12.30 25.97
C THR A 71 23.52 11.88 27.13
N SER A 72 24.10 11.10 28.03
CA SER A 72 23.40 10.54 29.18
C SER A 72 23.93 11.04 30.55
N TRP A 73 22.97 11.27 31.44
CA TRP A 73 23.20 11.64 32.86
C TRP A 73 22.34 10.74 33.73
N LEU A 74 22.75 10.56 34.98
CA LEU A 74 21.93 9.87 35.98
C LEU A 74 21.59 10.84 37.11
N GLY A 75 20.40 10.70 37.67
CA GLY A 75 20.05 11.47 38.87
C GLY A 75 18.99 10.71 39.62
N TYR A 76 18.60 11.22 40.79
CA TYR A 76 17.71 10.50 41.69
C TYR A 76 16.45 11.29 41.99
N LEU A 77 15.33 10.57 41.98
CA LEU A 77 14.02 11.11 42.36
C LEU A 77 13.41 10.06 43.28
N GLU A 78 12.87 10.50 44.41
CA GLU A 78 12.25 9.59 45.39
C GLU A 78 13.18 8.42 45.73
N ASN A 79 14.47 8.70 45.86
CA ASN A 79 15.51 7.70 46.18
C ASN A 79 15.74 6.66 45.11
N GLU A 80 15.24 6.89 43.90
CA GLU A 80 15.45 5.94 42.82
C GLU A 80 16.22 6.60 41.68
N PRO A 81 17.13 5.84 41.06
CA PRO A 81 17.92 6.32 39.94
C PRO A 81 17.06 6.50 38.70
N VAL A 82 17.30 7.59 37.99
CA VAL A 82 16.57 7.93 36.79
C VAL A 82 17.60 8.37 35.76
N VAL A 83 17.54 7.76 34.58
CA VAL A 83 18.40 8.16 33.45
C VAL A 83 17.82 9.33 32.67
N VAL A 84 18.68 10.23 32.22
CA VAL A 84 18.31 11.26 31.23
C VAL A 84 19.22 11.03 30.03
N CYS A 85 18.64 10.69 28.88
CA CYS A 85 19.45 10.43 27.68
C CYS A 85 18.86 11.13 26.46
N SER A 86 19.69 11.86 25.73
CA SER A 86 19.25 12.54 24.52
C SER A 86 19.16 11.54 23.38
N THR A 87 18.27 11.82 22.42
CA THR A 87 17.98 10.88 21.34
C THR A 87 18.45 11.35 19.98
N GLY A 88 18.71 12.64 19.82
CA GLY A 88 18.87 13.23 18.51
C GLY A 88 17.50 13.35 17.85
N ILE A 89 17.50 13.90 16.64
CA ILE A 89 16.29 14.13 15.87
C ILE A 89 15.92 12.88 15.07
N GLY A 90 14.67 12.47 15.16
CA GLY A 90 14.15 11.46 14.29
C GLY A 90 14.04 10.08 14.91
N GLY A 91 13.08 9.31 14.38
CA GLY A 91 12.80 7.95 14.79
C GLY A 91 13.99 7.03 14.75
N PRO A 92 14.85 7.13 13.72
CA PRO A 92 15.99 6.24 13.68
C PRO A 92 16.91 6.38 14.89
N SER A 93 17.25 7.61 15.29
CA SER A 93 18.10 7.75 16.45
C SER A 93 17.36 7.42 17.76
N VAL A 94 16.07 7.75 17.83
CA VAL A 94 15.24 7.39 18.99
C VAL A 94 15.20 5.88 19.15
N SER A 95 15.05 5.16 18.05
CA SER A 95 14.94 3.71 18.10
C SER A 95 16.22 3.06 18.66
N ILE A 96 17.36 3.65 18.37
CA ILE A 96 18.62 3.15 18.89
C ILE A 96 18.70 3.41 20.40
N CYS A 97 18.38 4.64 20.80
CA CYS A 97 18.41 5.02 22.20
C CYS A 97 17.51 4.15 23.08
N VAL A 98 16.27 3.97 22.65
CA VAL A 98 15.30 3.20 23.41
C VAL A 98 15.68 1.75 23.49
N GLU A 99 16.04 1.16 22.35
CA GLU A 99 16.40 -0.26 22.34
C GLU A 99 17.59 -0.53 23.26
N GLU A 100 18.60 0.33 23.23
CA GLU A 100 19.81 0.09 24.01
C GLU A 100 19.58 0.36 25.51
N LEU A 101 18.81 1.38 25.84
CA LEU A 101 18.41 1.53 27.25
C LEU A 101 17.55 0.37 27.72
N ALA A 102 16.68 -0.17 26.84
CA ALA A 102 15.87 -1.31 27.23
C ALA A 102 16.74 -2.53 27.53
N GLN A 103 17.81 -2.73 26.75
CA GLN A 103 18.76 -3.80 27.04
C GLN A 103 19.42 -3.63 28.40
N LEU A 104 19.57 -2.39 28.85
CA LEU A 104 20.16 -2.09 30.14
C LEU A 104 19.12 -1.97 31.26
N GLY A 105 17.89 -2.44 31.03
CA GLY A 105 16.88 -2.57 32.07
C GLY A 105 15.89 -1.42 32.24
N VAL A 106 15.95 -0.40 31.39
CA VAL A 106 14.99 0.70 31.47
C VAL A 106 13.66 0.26 30.81
N GLY A 107 12.56 0.43 31.54
CA GLY A 107 11.23 -0.03 31.13
C GLY A 107 10.24 1.07 30.79
N THR A 108 10.56 2.31 31.17
CA THR A 108 9.66 3.43 31.01
C THR A 108 10.43 4.60 30.43
N PHE A 109 9.82 5.25 29.43
CA PHE A 109 10.45 6.33 28.66
C PHE A 109 9.52 7.52 28.58
N LEU A 110 9.97 8.66 29.10
CA LEU A 110 9.17 9.87 29.09
C LEU A 110 9.86 10.89 28.20
N ARG A 111 9.17 11.21 27.10
CA ARG A 111 9.66 12.11 26.11
C ARG A 111 9.24 13.52 26.51
N ILE A 112 10.19 14.44 26.44
CA ILE A 112 10.01 15.82 26.81
C ILE A 112 10.52 16.65 25.64
N GLY A 113 9.79 17.68 25.27
CA GLY A 113 10.26 18.57 24.22
C GLY A 113 9.44 19.83 24.08
N THR A 114 9.76 20.60 23.05
CA THR A 114 9.00 21.76 22.66
C THR A 114 8.51 21.51 21.25
N THR A 115 7.48 22.23 20.85
CA THR A 115 6.78 21.94 19.61
C THR A 115 6.07 23.18 19.06
N GLY A 116 5.68 23.10 17.79
CA GLY A 116 4.80 24.08 17.19
C GLY A 116 3.43 23.44 17.15
N ALA A 117 2.37 24.23 17.08
CA ALA A 117 1.01 23.70 17.02
C ALA A 117 0.43 24.02 15.67
N ILE A 118 -0.61 23.28 15.28
CA ILE A 118 -1.30 23.56 14.01
C ILE A 118 -2.78 23.90 14.17
N GLN A 119 -3.26 24.03 15.39
CA GLN A 119 -4.64 24.45 15.63
C GLN A 119 -4.65 25.90 16.13
N PRO A 120 -5.54 26.75 15.58
CA PRO A 120 -5.49 28.17 15.97
C PRO A 120 -5.79 28.42 17.46
N TYR A 121 -6.53 27.53 18.12
CA TYR A 121 -6.87 27.71 19.54
C TYR A 121 -5.76 27.35 20.52
N ILE A 122 -4.70 26.69 20.04
CA ILE A 122 -3.55 26.38 20.88
C ILE A 122 -2.57 27.56 20.82
N ASN A 123 -2.20 28.06 22.00
CA ASN A 123 -1.32 29.21 22.14
C ASN A 123 0.07 28.84 22.55
N VAL A 124 1.02 29.71 22.22
CA VAL A 124 2.37 29.59 22.73
C VAL A 124 2.28 29.60 24.24
N GLY A 125 3.01 28.72 24.89
CA GLY A 125 2.93 28.56 26.34
C GLY A 125 2.06 27.41 26.79
N ASP A 126 1.13 26.96 25.93
CA ASP A 126 0.36 25.77 26.26
C ASP A 126 1.22 24.49 26.29
N VAL A 127 0.69 23.47 26.96
CA VAL A 127 1.38 22.20 27.12
C VAL A 127 0.51 21.14 26.47
N LEU A 128 1.13 20.26 25.69
CA LEU A 128 0.43 19.18 25.00
C LEU A 128 0.87 17.84 25.56
N VAL A 129 -0.10 16.97 25.86
CA VAL A 129 0.19 15.58 26.19
C VAL A 129 -0.44 14.73 25.08
N THR A 130 0.37 13.83 24.51
CA THR A 130 0.01 13.09 23.30
C THR A 130 -0.44 11.69 23.64
N THR A 131 -1.65 11.35 23.26
CA THR A 131 -2.19 10.01 23.43
C THR A 131 -1.83 9.08 22.29
N GLY A 132 -1.72 9.63 21.08
CA GLY A 132 -1.48 8.82 19.89
C GLY A 132 -0.85 9.65 18.79
N ALA A 133 -0.14 9.00 17.88
CA ALA A 133 0.60 9.67 16.82
C ALA A 133 0.16 9.20 15.46
N VAL A 134 0.03 10.14 14.53
CA VAL A 134 -0.12 9.82 13.11
C VAL A 134 1.25 9.32 12.65
N ARG A 135 1.30 8.13 12.09
CA ARG A 135 2.57 7.52 11.74
C ARG A 135 3.06 7.98 10.36
N LEU A 136 3.72 9.13 10.32
CA LEU A 136 4.34 9.63 9.08
C LEU A 136 5.87 9.44 9.08
N ASP A 137 6.29 8.34 9.69
CA ASP A 137 7.68 8.03 9.92
C ASP A 137 7.96 6.70 9.25
N GLY A 138 9.21 6.27 9.29
CA GLY A 138 9.57 5.01 8.68
C GLY A 138 9.80 3.95 9.72
N ALA A 139 10.45 4.33 10.81
CA ALA A 139 10.92 3.38 11.81
C ALA A 139 9.79 2.58 12.46
N SER A 140 8.65 3.20 12.71
CA SER A 140 7.54 2.52 13.34
C SER A 140 7.16 1.27 12.58
N ARG A 141 7.27 1.32 11.25
CA ARG A 141 6.93 0.16 10.41
C ARG A 141 7.88 -1.00 10.53
N HIS A 142 9.03 -0.77 11.14
CA HIS A 142 9.94 -1.88 11.40
C HIS A 142 9.55 -2.63 12.66
N PHE A 143 8.63 -2.06 13.46
CA PHE A 143 8.17 -2.68 14.70
C PHE A 143 6.77 -3.28 14.64
N ALA A 144 5.91 -2.70 13.80
CA ALA A 144 4.54 -3.16 13.67
C ALA A 144 3.95 -2.67 12.37
N PRO A 145 2.94 -3.38 11.84
CA PRO A 145 2.40 -2.93 10.55
C PRO A 145 1.63 -1.64 10.73
N LEU A 146 1.38 -0.93 9.63
CA LEU A 146 0.89 0.43 9.71
C LEU A 146 -0.44 0.54 10.48
N GLU A 147 -1.26 -0.50 10.40
CA GLU A 147 -2.60 -0.47 11.01
C GLU A 147 -2.59 -0.52 12.57
N TYR A 148 -1.46 -0.90 13.14
CA TYR A 148 -1.27 -0.94 14.57
C TYR A 148 -1.12 0.49 15.10
N PRO A 149 -1.79 0.81 16.21
CA PRO A 149 -1.83 2.19 16.68
C PRO A 149 -0.55 2.63 17.38
N ALA A 150 -0.06 3.81 17.05
CA ALA A 150 1.02 4.42 17.78
C ALA A 150 0.43 5.14 18.99
N VAL A 151 0.23 4.40 20.06
CA VAL A 151 -0.51 4.92 21.21
CA VAL A 151 -0.51 4.93 21.22
C VAL A 151 0.37 4.90 22.47
N ALA A 152 0.22 5.93 23.30
CA ALA A 152 1.02 6.06 24.51
C ALA A 152 0.50 5.12 25.57
N ASP A 153 1.38 4.80 26.51
CA ASP A 153 1.01 4.03 27.66
C ASP A 153 0.05 4.83 28.54
N PHE A 154 -1.00 4.15 29.01
CA PHE A 154 -2.01 4.82 29.83
C PHE A 154 -1.45 5.48 31.10
N SER A 155 -0.63 4.75 31.84
CA SER A 155 -0.17 5.25 33.12
C SER A 155 0.78 6.41 32.93
N CYS A 156 1.59 6.40 31.86
CA CYS A 156 2.50 7.52 31.59
C CYS A 156 1.72 8.77 31.22
N THR A 157 0.73 8.61 30.34
CA THR A 157 -0.10 9.72 29.92
C THR A 157 -0.84 10.35 31.12
N ASN A 158 -1.37 9.49 31.99
N ASN A 158 -1.35 9.49 32.00
CA ASN A 158 -2.07 9.94 33.19
CA ASN A 158 -2.00 9.97 33.21
C ASN A 158 -1.13 10.65 34.18
C ASN A 158 -1.10 10.71 34.16
N ALA A 159 0.09 10.16 34.35
CA ALA A 159 1.08 10.81 35.21
C ALA A 159 1.46 12.17 34.68
N LEU A 160 1.59 12.29 33.36
CA LEU A 160 1.95 13.57 32.75
C LEU A 160 0.82 14.57 32.88
N TYR A 161 -0.40 14.15 32.59
CA TYR A 161 -1.56 14.99 32.73
C TYR A 161 -1.76 15.45 34.18
N SER A 162 -1.77 14.48 35.10
CA SER A 162 -1.93 14.75 36.53
C SER A 162 -0.86 15.68 37.07
N ALA A 163 0.39 15.41 36.68
CA ALA A 163 1.50 16.29 37.08
C ALA A 163 1.29 17.72 36.60
N ALA A 164 0.82 17.88 35.37
CA ALA A 164 0.60 19.21 34.82
C ALA A 164 -0.49 19.94 35.61
N VAL A 165 -1.62 19.28 35.79
CA VAL A 165 -2.76 19.84 36.53
C VAL A 165 -2.35 20.24 37.98
N ALA A 166 -1.54 19.41 38.62
CA ALA A 166 -1.04 19.71 39.95
C ALA A 166 -0.09 20.93 39.99
N GLN A 167 0.40 21.37 38.83
CA GLN A 167 1.24 22.56 38.75
C GLN A 167 0.54 23.77 38.17
N GLY A 168 -0.76 23.68 37.97
CA GLY A 168 -1.55 24.82 37.49
C GLY A 168 -1.72 24.86 35.98
N ILE A 169 -1.47 23.72 35.32
CA ILE A 169 -1.49 23.68 33.88
C ILE A 169 -2.53 22.68 33.43
N THR A 170 -3.49 23.12 32.63
CA THR A 170 -4.40 22.18 31.98
C THR A 170 -3.91 21.93 30.55
N PRO A 171 -3.27 20.78 30.32
CA PRO A 171 -2.73 20.50 29.00
C PRO A 171 -3.83 20.15 27.99
N TYR A 172 -3.58 20.36 26.71
CA TYR A 172 -4.43 19.74 25.71
C TYR A 172 -3.96 18.33 25.60
N VAL A 173 -4.89 17.41 25.40
CA VAL A 173 -4.60 16.01 25.34
C VAL A 173 -5.15 15.49 24.02
N GLY A 174 -4.30 14.82 23.25
CA GLY A 174 -4.73 14.33 21.92
C GLY A 174 -3.66 13.82 20.99
N ILE A 175 -3.96 13.93 19.70
CA ILE A 175 -3.19 13.31 18.66
C ILE A 175 -2.17 14.28 18.07
N THR A 176 -0.96 13.76 17.83
CA THR A 176 0.15 14.48 17.23
C THR A 176 0.50 13.82 15.90
N ALA A 177 0.94 14.60 14.92
CA ALA A 177 1.40 14.06 13.64
C ALA A 177 2.92 13.92 13.71
N SER A 178 3.41 12.71 13.51
CA SER A 178 4.83 12.44 13.73
C SER A 178 5.52 12.18 12.40
N SER A 179 6.33 13.14 12.00
CA SER A 179 6.89 13.24 10.66
C SER A 179 8.37 12.92 10.65
N ASP A 180 8.78 12.10 9.68
CA ASP A 180 10.21 11.89 9.41
C ASP A 180 10.95 13.11 8.83
N THR A 181 10.23 14.17 8.45
CA THR A 181 10.90 15.39 8.03
C THR A 181 10.37 16.62 8.77
N PHE A 182 11.24 17.62 8.81
CA PHE A 182 10.92 18.91 9.35
C PHE A 182 10.26 19.77 8.27
N TYR A 183 10.65 19.55 7.01
CA TYR A 183 10.22 20.44 5.91
C TYR A 183 9.02 19.92 5.10
N PRO A 184 9.24 19.08 4.06
CA PRO A 184 8.08 18.69 3.25
C PRO A 184 6.97 17.95 4.01
N GLY A 185 7.34 17.07 4.93
CA GLY A 185 6.36 16.29 5.69
C GLY A 185 5.51 17.12 6.62
N GLN A 186 5.97 18.32 6.96
CA GLN A 186 5.16 19.29 7.69
C GLN A 186 4.59 20.38 6.78
N GLU A 187 4.56 20.07 5.48
CA GLU A 187 4.13 20.98 4.41
C GLU A 187 4.67 22.40 4.53
N ARG A 188 5.98 22.52 4.71
CA ARG A 188 6.64 23.82 4.65
C ARG A 188 7.10 24.13 3.22
N TYR A 189 6.81 25.34 2.77
CA TYR A 189 7.21 25.80 1.45
C TYR A 189 8.39 26.78 1.50
N ASP A 190 8.76 27.19 2.71
CA ASP A 190 9.86 28.15 2.94
C ASP A 190 11.23 27.45 2.84
N THR A 191 11.52 26.89 1.67
CA THR A 191 12.60 25.91 1.52
C THR A 191 13.44 26.17 0.28
N PHE A 192 14.49 25.37 0.09
CA PHE A 192 15.32 25.46 -1.10
C PHE A 192 14.51 25.32 -2.37
N SER A 193 13.69 24.28 -2.46
CA SER A 193 12.93 24.00 -3.67
C SER A 193 11.65 24.81 -3.76
N GLY A 194 11.14 25.23 -2.60
CA GLY A 194 9.82 25.85 -2.51
C GLY A 194 8.66 24.94 -2.91
N LYS A 195 8.89 23.64 -2.97
CA LYS A 195 7.90 22.70 -3.45
C LYS A 195 7.61 21.57 -2.46
N VAL A 196 6.38 21.07 -2.51
CA VAL A 196 6.00 19.85 -1.82
C VAL A 196 5.25 19.03 -2.85
N TYR A 197 5.60 17.75 -3.02
CA TYR A 197 4.93 16.95 -4.06
C TYR A 197 3.49 16.58 -3.67
N PRO A 198 2.65 16.21 -4.66
CA PRO A 198 1.21 16.08 -4.43
C PRO A 198 0.76 15.28 -3.21
N ALA A 199 1.44 14.18 -2.89
CA ALA A 199 1.01 13.36 -1.75
C ALA A 199 0.97 14.15 -0.43
N TYR A 200 1.86 15.13 -0.26
CA TYR A 200 1.88 15.96 0.94
C TYR A 200 1.30 17.37 0.77
N GLN A 201 0.91 17.74 -0.45
CA GLN A 201 0.16 18.99 -0.65
C GLN A 201 -1.23 18.87 -0.01
N GLY A 202 -1.61 19.90 0.74
CA GLY A 202 -2.88 19.90 1.45
C GLY A 202 -2.85 19.04 2.71
N SER A 203 -1.69 18.50 3.10
CA SER A 203 -1.66 17.55 4.19
C SER A 203 -1.80 18.27 5.55
N LEU A 204 -1.31 19.50 5.65
CA LEU A 204 -1.44 20.25 6.90
C LEU A 204 -2.92 20.45 7.21
N LYS A 205 -3.65 20.96 6.24
CA LYS A 205 -5.10 21.15 6.33
C LYS A 205 -5.81 19.83 6.66
N GLN A 206 -5.38 18.75 6.02
CA GLN A 206 -5.94 17.43 6.33
C GLN A 206 -5.86 17.12 7.83
N TRP A 207 -4.69 17.29 8.41
CA TRP A 207 -4.48 16.99 9.82
C TRP A 207 -5.24 17.96 10.73
N GLN A 208 -5.28 19.24 10.34
CA GLN A 208 -6.10 20.21 11.07
C GLN A 208 -7.52 19.78 11.16
N ASP A 209 -8.06 19.33 10.02
CA ASP A 209 -9.45 18.92 9.95
C ASP A 209 -9.72 17.63 10.68
N LEU A 210 -8.69 16.83 10.90
CA LEU A 210 -8.80 15.62 11.69
C LEU A 210 -8.43 15.82 13.15
N ASN A 211 -8.28 17.08 13.57
CA ASN A 211 -8.14 17.43 14.99
C ASN A 211 -6.77 17.10 15.57
N VAL A 212 -5.79 17.01 14.69
CA VAL A 212 -4.40 16.84 15.11
C VAL A 212 -3.93 18.17 15.71
N MSE A 213 -3.26 18.10 16.85
CA MSE A 213 -2.79 19.26 17.59
C MSE A 213 -1.53 19.89 17.05
O MSE A 213 -1.37 21.12 17.09
CB MSE A 213 -2.44 18.84 19.03
CG MSE A 213 -3.66 18.31 19.81
SE MSE A 213 -3.20 17.88 21.69
CE MSE A 213 -1.58 16.80 21.41
N ASN A 214 -0.61 19.06 16.59
CA ASN A 214 0.74 19.51 16.30
C ASN A 214 1.55 18.51 15.51
N TYR A 215 2.69 18.97 14.99
CA TYR A 215 3.70 18.13 14.42
C TYR A 215 4.88 17.95 15.36
N GLU A 216 5.55 16.83 15.19
CA GLU A 216 6.66 16.46 16.00
C GLU A 216 7.38 15.38 15.15
N MSE A 217 8.51 14.85 15.59
CA MSE A 217 9.26 13.97 14.69
C MSE A 217 9.73 12.66 15.30
O MSE A 217 10.56 11.98 14.71
CB MSE A 217 10.44 14.72 14.08
CG MSE A 217 10.07 15.99 13.29
SE MSE A 217 11.69 16.88 12.57
CE MSE A 217 12.49 15.40 11.54
N GLU A 218 9.20 12.28 16.46
CA GLU A 218 9.73 11.11 17.18
C GLU A 218 8.69 10.15 17.80
N SER A 219 7.47 10.62 18.07
CA SER A 219 6.54 9.86 18.89
C SER A 219 5.95 8.65 18.20
N ALA A 220 5.80 8.69 16.87
CA ALA A 220 5.29 7.50 16.18
C ALA A 220 6.23 6.33 16.42
N THR A 221 7.52 6.60 16.27
CA THR A 221 8.51 5.56 16.46
C THR A 221 8.50 5.15 17.92
N LEU A 222 8.59 6.13 18.81
CA LEU A 222 8.61 5.86 20.23
C LEU A 222 7.42 5.01 20.72
N PHE A 223 6.22 5.46 20.42
CA PHE A 223 5.02 4.76 20.90
C PHE A 223 4.87 3.38 20.28
N THR A 224 5.10 3.28 18.96
CA THR A 224 4.92 2.01 18.27
C THR A 224 5.92 0.99 18.79
N MSE A 225 7.17 1.40 18.93
CA MSE A 225 8.20 0.46 19.36
C MSE A 225 7.99 0.03 20.80
O MSE A 225 8.18 -1.14 21.13
CB MSE A 225 9.60 1.00 19.11
CG MSE A 225 10.11 1.92 20.20
SE MSE A 225 11.87 2.64 19.65
CE MSE A 225 12.79 0.93 19.93
N CYS A 226 7.57 0.95 21.67
CA CYS A 226 7.41 0.63 23.08
C CYS A 226 6.25 -0.34 23.27
N ALA A 227 5.15 -0.08 22.57
CA ALA A 227 4.01 -0.99 22.61
C ALA A 227 4.41 -2.38 22.14
N ALA A 228 5.15 -2.42 21.04
CA ALA A 228 5.60 -3.69 20.47
C ALA A 228 6.59 -4.45 21.37
N LEU A 229 7.44 -3.72 22.09
CA LEU A 229 8.45 -4.31 22.96
C LEU A 229 7.96 -4.53 24.41
N GLY A 230 6.78 -4.03 24.75
CA GLY A 230 6.25 -4.13 26.12
C GLY A 230 6.86 -3.11 27.06
N LEU A 231 7.26 -1.96 26.52
CA LEU A 231 7.83 -0.87 27.34
C LEU A 231 6.76 0.20 27.47
N LYS A 232 6.96 1.11 28.41
CA LYS A 232 5.97 2.18 28.65
C LYS A 232 6.53 3.51 28.18
N ALA A 233 5.75 4.24 27.41
CA ALA A 233 6.11 5.56 26.90
C ALA A 233 4.98 6.58 27.04
N GLY A 234 5.36 7.83 27.34
CA GLY A 234 4.49 8.98 27.19
C GLY A 234 5.25 10.19 26.64
N MSE A 235 4.51 11.23 26.28
CA MSE A 235 5.11 12.44 25.76
C MSE A 235 4.40 13.70 26.22
O MSE A 235 3.17 13.79 26.16
CB MSE A 235 5.15 12.43 24.25
CG MSE A 235 5.74 13.75 23.72
SE MSE A 235 6.24 13.57 21.80
CE MSE A 235 4.41 13.42 21.12
N VAL A 236 5.20 14.67 26.66
CA VAL A 236 4.71 16.00 26.97
C VAL A 236 5.57 17.01 26.20
N ALA A 237 4.96 18.10 25.76
CA ALA A 237 5.67 19.15 25.04
C ALA A 237 5.10 20.53 25.31
N GLY A 238 5.98 21.53 25.35
CA GLY A 238 5.55 22.92 25.45
C GLY A 238 5.48 23.56 24.07
N VAL A 239 4.42 24.31 23.83
CA VAL A 239 4.20 24.94 22.53
C VAL A 239 4.97 26.25 22.50
N ILE A 240 5.90 26.37 21.57
CA ILE A 240 6.71 27.58 21.45
C ILE A 240 6.49 28.36 20.15
N VAL A 241 5.62 27.84 19.27
CA VAL A 241 5.25 28.53 18.04
C VAL A 241 3.93 27.97 17.51
N ASN A 242 3.14 28.78 16.82
CA ASN A 242 1.93 28.30 16.18
C ASN A 242 1.89 28.74 14.73
N ARG A 243 1.81 27.78 13.83
CA ARG A 243 1.90 28.06 12.40
C ARG A 243 0.69 28.74 11.79
N THR A 244 -0.45 28.68 12.47
CA THR A 244 -1.61 29.41 12.01
C THR A 244 -1.58 30.87 12.50
N GLN A 245 -0.60 31.26 13.31
CA GLN A 245 -0.61 32.59 13.93
C GLN A 245 0.46 33.49 13.36
N GLN A 246 0.14 34.80 13.32
CA GLN A 246 1.03 35.81 12.73
C GLN A 246 2.10 36.29 13.73
N GLU A 247 1.70 36.50 14.97
CA GLU A 247 2.60 37.01 16.02
C GLU A 247 3.89 36.22 16.15
N ILE A 248 4.97 36.91 16.47
CA ILE A 248 6.24 36.28 16.87
C ILE A 248 6.25 36.20 18.39
N PRO A 249 6.56 35.01 18.94
CA PRO A 249 6.70 34.88 20.40
C PRO A 249 8.09 35.32 20.87
N ASN A 250 8.15 35.79 22.12
CA ASN A 250 9.39 36.33 22.70
C ASN A 250 10.17 35.29 23.50
N GLU A 251 11.48 35.48 23.59
CA GLU A 251 12.35 34.49 24.22
C GLU A 251 11.96 34.12 25.64
N ALA A 252 11.38 35.05 26.38
CA ALA A 252 11.10 34.84 27.79
C ALA A 252 10.02 33.78 27.94
N THR A 253 8.87 34.01 27.31
CA THR A 253 7.79 33.03 27.28
C THR A 253 8.23 31.67 26.71
N ILE A 254 9.18 31.68 25.77
CA ILE A 254 9.69 30.43 25.17
C ILE A 254 10.51 29.64 26.17
N LYS A 255 11.47 30.31 26.81
CA LYS A 255 12.31 29.66 27.81
C LYS A 255 11.49 29.21 29.01
N SER A 256 10.50 30.02 29.38
CA SER A 256 9.62 29.68 30.47
C SER A 256 8.81 28.40 30.14
N THR A 257 8.33 28.32 28.92
CA THR A 257 7.59 27.15 28.45
C THR A 257 8.44 25.89 28.48
N GLU A 258 9.72 25.99 28.10
CA GLU A 258 10.62 24.84 28.17
C GLU A 258 10.77 24.34 29.59
N GLN A 259 10.95 25.27 30.53
CA GLN A 259 11.15 24.90 31.92
C GLN A 259 9.88 24.27 32.50
N LYS A 260 8.75 24.84 32.16
CA LYS A 260 7.41 24.34 32.56
C LYS A 260 7.24 22.85 32.22
N ALA A 261 7.51 22.54 30.96
CA ALA A 261 7.37 21.18 30.47
C ALA A 261 8.32 20.24 31.18
N VAL A 262 9.55 20.70 31.43
CA VAL A 262 10.49 19.87 32.19
C VAL A 262 9.96 19.59 33.60
N ALA A 263 9.41 20.61 34.23
CA ALA A 263 8.88 20.43 35.58
C ALA A 263 7.74 19.40 35.55
N VAL A 264 6.97 19.36 34.48
CA VAL A 264 5.91 18.37 34.36
C VAL A 264 6.47 16.97 34.23
N VAL A 265 7.48 16.80 33.38
CA VAL A 265 8.04 15.48 33.16
C VAL A 265 8.70 14.95 34.43
N ILE A 266 9.34 15.83 35.19
CA ILE A 266 9.98 15.38 36.42
C ILE A 266 8.94 14.94 37.43
N GLU A 267 7.90 15.74 37.65
CA GLU A 267 6.85 15.34 38.58
C GLU A 267 6.14 14.05 38.11
N ALA A 268 6.01 13.86 36.79
CA ALA A 268 5.38 12.62 36.30
C ALA A 268 6.25 11.41 36.67
N ALA A 269 7.55 11.56 36.50
CA ALA A 269 8.48 10.51 36.90
C ALA A 269 8.32 10.18 38.39
N ARG A 270 8.21 11.22 39.20
CA ARG A 270 7.98 11.06 40.64
C ARG A 270 6.77 10.21 40.91
N ARG A 271 5.64 10.54 40.30
CA ARG A 271 4.47 9.75 40.65
CA ARG A 271 4.40 9.78 40.49
C ARG A 271 4.53 8.34 40.02
N LEU A 272 5.23 8.15 38.90
CA LEU A 272 5.40 6.78 38.39
C LEU A 272 6.25 5.96 39.34
N ILE A 273 7.29 6.56 39.89
CA ILE A 273 8.16 5.88 40.85
C ILE A 273 7.40 5.50 42.11
N SER A 274 6.67 6.44 42.68
CA SER A 274 6.02 6.16 43.95
C SER A 274 4.84 5.19 43.78
N ALA A 275 4.19 5.22 42.62
CA ALA A 275 3.12 4.28 42.33
C ALA A 275 3.65 2.83 42.22
N GLY A 276 4.89 2.67 41.74
CA GLY A 276 5.50 1.34 41.63
C GLY A 276 6.17 0.82 42.91
N ARG A 277 5.83 1.39 44.07
CA ARG A 277 6.55 1.12 45.31
C ARG A 277 5.84 0.07 46.16
N MSE B 23 14.01 -30.54 -27.10
CA MSE B 23 15.28 -29.93 -27.61
C MSE B 23 15.69 -28.70 -26.81
O MSE B 23 15.10 -28.40 -25.77
CB MSE B 23 15.14 -29.68 -29.10
CG MSE B 23 14.29 -28.46 -29.44
SE MSE B 23 14.65 -27.94 -31.29
CE MSE B 23 16.60 -28.22 -31.50
N SER B 24 16.71 -27.99 -27.30
CA SER B 24 17.44 -26.98 -26.51
C SER B 24 16.95 -25.53 -26.68
N GLU B 25 15.85 -25.36 -27.41
CA GLU B 25 15.29 -24.05 -27.75
C GLU B 25 14.58 -23.43 -26.53
N VAL B 26 14.79 -22.16 -26.26
CA VAL B 26 13.99 -21.45 -25.25
C VAL B 26 12.53 -21.39 -25.70
N PHE B 27 11.64 -21.07 -24.77
CA PHE B 27 10.22 -21.24 -24.99
C PHE B 27 9.60 -20.25 -25.99
N HIS B 28 10.05 -19.00 -26.01
CA HIS B 28 9.45 -17.96 -26.86
C HIS B 28 10.30 -17.45 -28.01
N LEU B 29 11.61 -17.36 -27.82
CA LEU B 29 12.43 -16.61 -28.78
C LEU B 29 12.84 -17.40 -30.02
N GLY B 30 12.61 -18.72 -30.00
CA GLY B 30 13.03 -19.57 -31.12
C GLY B 30 14.54 -19.67 -31.31
N LEU B 31 15.29 -19.51 -30.22
CA LEU B 31 16.73 -19.51 -30.26
C LEU B 31 17.30 -20.63 -29.41
N THR B 32 18.46 -21.13 -29.83
CA THR B 32 19.24 -22.10 -29.05
C THR B 32 20.58 -21.47 -28.73
N LYS B 33 21.28 -22.06 -27.77
CA LYS B 33 22.57 -21.53 -27.35
C LYS B 33 23.61 -21.62 -28.45
N ALA B 34 23.53 -22.68 -29.26
CA ALA B 34 24.46 -22.83 -30.39
C ALA B 34 24.28 -21.71 -31.44
N MSE B 35 23.03 -21.33 -31.70
CA MSE B 35 22.73 -20.24 -32.64
C MSE B 35 23.36 -18.93 -32.27
O MSE B 35 23.59 -18.09 -33.15
CB MSE B 35 21.22 -20.06 -32.78
CG MSE B 35 20.58 -21.19 -33.57
SE MSE B 35 18.62 -21.11 -33.41
CE MSE B 35 18.32 -19.53 -34.55
N LEU B 36 23.64 -18.69 -30.97
CA LEU B 36 24.29 -17.44 -30.54
C LEU B 36 25.81 -17.44 -30.64
N LYS B 37 26.41 -18.60 -30.87
CA LYS B 37 27.87 -18.70 -31.07
C LYS B 37 28.69 -18.01 -30.01
N GLY B 38 28.25 -18.13 -28.76
CA GLY B 38 28.97 -17.56 -27.63
C GLY B 38 28.62 -16.13 -27.23
N ALA B 39 27.62 -15.53 -27.85
CA ALA B 39 27.27 -14.14 -27.53
C ALA B 39 26.96 -13.95 -26.02
N LYS B 40 27.60 -12.96 -25.42
CA LYS B 40 27.43 -12.60 -24.02
C LYS B 40 26.68 -11.26 -23.81
N ILE B 41 26.40 -10.57 -24.90
CA ILE B 41 25.90 -9.21 -24.85
C ILE B 41 24.84 -9.07 -25.92
N ALA B 42 23.80 -8.31 -25.61
CA ALA B 42 22.67 -8.13 -26.49
C ALA B 42 22.32 -6.66 -26.58
N VAL B 43 21.96 -6.22 -27.78
CA VAL B 43 21.31 -4.92 -27.98
C VAL B 43 19.86 -5.20 -28.17
N ILE B 44 19.00 -4.53 -27.39
CA ILE B 44 17.59 -4.88 -27.38
C ILE B 44 16.67 -3.70 -27.72
N PRO B 45 16.43 -3.47 -29.03
CA PRO B 45 15.40 -2.50 -29.45
C PRO B 45 14.01 -3.03 -29.18
N GLY B 46 13.00 -2.17 -29.30
CA GLY B 46 11.62 -2.58 -29.08
C GLY B 46 10.92 -3.15 -30.31
N ASP B 47 11.20 -2.54 -31.45
CA ASP B 47 10.49 -2.80 -32.71
C ASP B 47 11.21 -3.92 -33.50
N PRO B 48 10.50 -5.04 -33.77
CA PRO B 48 11.06 -6.15 -34.57
C PRO B 48 11.75 -5.71 -35.83
N ALA B 49 11.19 -4.70 -36.50
CA ALA B 49 11.72 -4.25 -37.76
C ALA B 49 13.02 -3.45 -37.61
N ARG B 50 13.45 -3.17 -36.38
CA ARG B 50 14.72 -2.44 -36.19
C ARG B 50 15.90 -3.36 -35.96
N SER B 51 15.65 -4.64 -35.72
CA SER B 51 16.72 -5.56 -35.36
C SER B 51 17.75 -5.65 -36.48
N GLU B 52 17.24 -5.84 -37.70
CA GLU B 52 18.11 -5.97 -38.88
C GLU B 52 18.98 -4.74 -39.07
N ARG B 53 18.36 -3.57 -38.96
CA ARG B 53 19.05 -2.30 -39.19
C ARG B 53 20.22 -2.11 -38.24
N ILE B 54 19.99 -2.45 -36.96
CA ILE B 54 21.05 -2.34 -35.95
C ILE B 54 22.15 -3.37 -36.18
N ALA B 55 21.76 -4.61 -36.45
CA ALA B 55 22.71 -5.67 -36.80
C ALA B 55 23.57 -5.31 -38.02
N GLN B 56 23.01 -4.58 -38.98
CA GLN B 56 23.81 -4.20 -40.15
C GLN B 56 24.90 -3.20 -39.85
N ARG B 57 24.89 -2.65 -38.64
CA ARG B 57 25.98 -1.78 -38.20
CA ARG B 57 25.98 -1.78 -38.20
C ARG B 57 27.16 -2.59 -37.65
N MSE B 58 27.00 -3.92 -37.57
CA MSE B 58 28.07 -4.80 -37.09
CA MSE B 58 28.03 -4.84 -37.06
C MSE B 58 28.66 -5.61 -38.21
O MSE B 58 28.14 -5.61 -39.32
CB MSE B 58 27.44 -5.75 -36.08
CB MSE B 58 27.39 -5.87 -36.12
CG MSE B 58 26.63 -4.98 -35.04
CG MSE B 58 26.63 -5.26 -34.93
SE MSE B 58 26.38 -6.16 -33.51
SE MSE B 58 25.63 -6.62 -33.92
CE MSE B 58 24.81 -7.11 -34.23
CE MSE B 58 24.84 -5.33 -32.65
N ASP B 59 29.76 -6.32 -37.92
CA ASP B 59 30.39 -7.22 -38.92
C ASP B 59 29.58 -8.50 -39.11
N LYS B 60 29.49 -8.97 -40.35
CA LYS B 60 28.91 -10.27 -40.68
C LYS B 60 27.54 -10.54 -40.05
N PRO B 61 26.58 -9.64 -40.25
CA PRO B 61 25.24 -9.82 -39.70
C PRO B 61 24.54 -11.02 -40.30
N GLU B 62 23.77 -11.75 -39.48
CA GLU B 62 22.93 -12.85 -39.97
C GLU B 62 21.61 -12.94 -39.20
N PHE B 63 20.55 -13.22 -39.92
CA PHE B 63 19.24 -13.43 -39.34
C PHE B 63 19.25 -14.70 -38.49
N LEU B 64 18.69 -14.63 -37.28
CA LEU B 64 18.61 -15.81 -36.43
C LEU B 64 17.21 -16.40 -36.43
N ALA B 65 16.24 -15.62 -35.95
CA ALA B 65 14.87 -16.10 -35.86
C ALA B 65 13.87 -14.97 -35.69
N SER B 66 12.62 -15.33 -35.92
CA SER B 66 11.51 -14.43 -35.72
CA SER B 66 11.50 -14.43 -35.72
C SER B 66 10.37 -15.23 -35.12
N SER B 67 9.95 -14.83 -33.92
CA SER B 67 8.87 -15.48 -33.25
C SER B 67 8.09 -14.46 -32.46
N ARG B 68 6.79 -14.39 -32.70
CA ARG B 68 5.95 -13.33 -32.15
C ARG B 68 6.63 -11.97 -32.32
N GLU B 69 6.71 -11.16 -31.27
CA GLU B 69 7.36 -9.86 -31.38
C GLU B 69 8.90 -9.92 -31.30
N PHE B 70 9.48 -11.12 -31.26
CA PHE B 70 10.92 -11.29 -31.00
C PHE B 70 11.67 -11.66 -32.29
N THR B 71 12.31 -10.66 -32.88
CA THR B 71 13.10 -10.85 -34.09
C THR B 71 14.57 -10.63 -33.74
N SER B 72 15.38 -11.64 -34.03
CA SER B 72 16.76 -11.63 -33.58
C SER B 72 17.74 -11.82 -34.72
N TRP B 73 18.87 -11.13 -34.59
CA TRP B 73 19.99 -11.18 -35.50
C TRP B 73 21.25 -11.31 -34.67
N LEU B 74 22.30 -11.83 -35.31
CA LEU B 74 23.64 -11.88 -34.73
C LEU B 74 24.57 -11.08 -35.59
N GLY B 75 25.55 -10.47 -34.96
CA GLY B 75 26.62 -9.77 -35.66
C GLY B 75 27.82 -9.75 -34.76
N TYR B 76 28.93 -9.22 -35.26
CA TYR B 76 30.20 -9.25 -34.55
C TYR B 76 30.73 -7.85 -34.38
N LEU B 77 31.26 -7.58 -33.20
CA LEU B 77 31.96 -6.33 -32.92
C LEU B 77 33.24 -6.69 -32.18
N GLU B 78 34.35 -6.07 -32.57
CA GLU B 78 35.67 -6.39 -32.00
C GLU B 78 35.90 -7.90 -31.97
N ASN B 79 35.46 -8.56 -33.03
CA ASN B 79 35.50 -10.03 -33.18
C ASN B 79 34.63 -10.87 -32.24
N GLU B 80 33.78 -10.23 -31.43
CA GLU B 80 32.91 -10.97 -30.53
C GLU B 80 31.49 -10.96 -31.05
N PRO B 81 30.77 -12.06 -30.87
CA PRO B 81 29.39 -12.13 -31.28
C PRO B 81 28.48 -11.32 -30.35
N VAL B 82 27.47 -10.68 -30.94
CA VAL B 82 26.57 -9.77 -30.26
C VAL B 82 25.20 -10.04 -30.82
N VAL B 83 24.22 -10.24 -29.95
CA VAL B 83 22.87 -10.53 -30.41
C VAL B 83 22.09 -9.21 -30.46
N VAL B 84 21.21 -9.08 -31.43
CA VAL B 84 20.23 -7.99 -31.46
C VAL B 84 18.88 -8.67 -31.44
N CYS B 85 18.07 -8.42 -30.42
CA CYS B 85 16.75 -9.04 -30.34
C CYS B 85 15.72 -7.98 -29.96
N SER B 86 14.62 -7.93 -30.68
CA SER B 86 13.54 -7.00 -30.39
C SER B 86 12.71 -7.50 -29.18
N THR B 87 12.14 -6.57 -28.42
CA THR B 87 11.46 -6.91 -27.17
C THR B 87 9.94 -6.87 -27.25
N GLY B 88 9.41 -6.21 -28.28
CA GLY B 88 8.00 -5.81 -28.24
C GLY B 88 7.83 -4.68 -27.25
N ILE B 89 6.59 -4.26 -27.07
CA ILE B 89 6.27 -3.13 -26.24
C ILE B 89 5.95 -3.62 -24.83
N GLY B 90 6.55 -2.98 -23.83
CA GLY B 90 6.16 -3.18 -22.44
C GLY B 90 6.95 -4.21 -21.66
N GLY B 91 6.99 -4.01 -20.35
CA GLY B 91 7.71 -4.88 -19.44
C GLY B 91 7.45 -6.36 -19.59
N PRO B 92 6.18 -6.76 -19.82
CA PRO B 92 5.94 -8.20 -19.92
C PRO B 92 6.72 -8.89 -21.04
N SER B 93 6.74 -8.32 -22.25
CA SER B 93 7.48 -8.95 -23.34
C SER B 93 9.00 -8.76 -23.14
N VAL B 94 9.41 -7.61 -22.62
CA VAL B 94 10.81 -7.41 -22.27
C VAL B 94 11.27 -8.48 -21.29
N SER B 95 10.41 -8.84 -20.34
CA SER B 95 10.80 -9.76 -19.28
C SER B 95 11.04 -11.16 -19.84
N ILE B 96 10.25 -11.54 -20.83
CA ILE B 96 10.45 -12.79 -21.59
CA ILE B 96 10.46 -12.79 -21.54
C ILE B 96 11.77 -12.77 -22.33
N CYS B 97 11.99 -11.69 -23.07
CA CYS B 97 13.16 -11.56 -23.90
C CYS B 97 14.42 -11.68 -23.10
N VAL B 98 14.53 -10.87 -22.05
CA VAL B 98 15.75 -10.82 -21.26
C VAL B 98 15.99 -12.14 -20.52
N GLU B 99 14.93 -12.70 -19.91
CA GLU B 99 15.06 -13.96 -19.18
C GLU B 99 15.56 -15.05 -20.12
N GLU B 100 15.01 -15.12 -21.33
CA GLU B 100 15.35 -16.20 -22.22
C GLU B 100 16.73 -16.06 -22.85
N LEU B 101 17.14 -14.83 -23.16
CA LEU B 101 18.51 -14.58 -23.57
C LEU B 101 19.50 -14.91 -22.45
N ALA B 102 19.14 -14.64 -21.20
CA ALA B 102 20.03 -15.00 -20.07
C ALA B 102 20.13 -16.52 -19.94
N GLN B 103 19.04 -17.23 -20.19
CA GLN B 103 19.06 -18.71 -20.23
C GLN B 103 20.09 -19.22 -21.26
N LEU B 104 20.34 -18.40 -22.27
CA LEU B 104 21.28 -18.72 -23.35
C LEU B 104 22.65 -18.14 -23.15
N GLY B 105 22.90 -17.54 -21.99
CA GLY B 105 24.23 -17.06 -21.64
C GLY B 105 24.50 -15.59 -21.87
N VAL B 106 23.49 -14.81 -22.25
CA VAL B 106 23.68 -13.37 -22.37
C VAL B 106 23.63 -12.71 -21.00
N GLY B 107 24.67 -11.94 -20.68
CA GLY B 107 24.82 -11.29 -19.39
C GLY B 107 24.67 -9.79 -19.38
N THR B 108 24.67 -9.17 -20.56
CA THR B 108 24.69 -7.69 -20.64
C THR B 108 23.69 -7.24 -21.69
N PHE B 109 22.88 -6.25 -21.34
CA PHE B 109 21.75 -5.83 -22.16
C PHE B 109 21.76 -4.32 -22.37
N LEU B 110 21.86 -3.89 -23.61
CA LEU B 110 21.86 -2.47 -23.93
C LEU B 110 20.58 -2.15 -24.63
N ARG B 111 19.75 -1.35 -23.97
CA ARG B 111 18.50 -0.86 -24.53
C ARG B 111 18.76 0.40 -25.36
N ILE B 112 18.14 0.45 -26.53
CA ILE B 112 18.31 1.55 -27.50
C ILE B 112 16.91 1.87 -27.97
N GLY B 113 16.61 3.16 -28.07
CA GLY B 113 15.32 3.59 -28.59
C GLY B 113 15.28 5.07 -28.90
N THR B 114 14.09 5.53 -29.25
CA THR B 114 13.81 6.94 -29.38
C THR B 114 12.65 7.22 -28.45
N THR B 115 12.54 8.47 -28.01
CA THR B 115 11.63 8.80 -26.93
C THR B 115 11.14 10.25 -27.09
N GLY B 116 10.03 10.56 -26.42
CA GLY B 116 9.64 11.93 -26.21
C GLY B 116 10.34 12.40 -24.95
N ALA B 117 10.31 13.70 -24.70
CA ALA B 117 10.83 14.27 -23.46
C ALA B 117 9.70 15.04 -22.78
N ILE B 118 9.79 15.22 -21.46
CA ILE B 118 8.79 15.99 -20.72
C ILE B 118 9.36 17.26 -20.08
N GLN B 119 10.64 17.54 -20.31
CA GLN B 119 11.24 18.77 -19.80
C GLN B 119 11.43 19.77 -20.94
N PRO B 120 11.06 21.04 -20.72
CA PRO B 120 11.14 22.09 -21.76
C PRO B 120 12.54 22.33 -22.34
N TYR B 121 13.57 22.09 -21.54
CA TYR B 121 14.95 22.39 -21.94
C TYR B 121 15.63 21.25 -22.70
N ILE B 122 14.94 20.11 -22.79
CA ILE B 122 15.44 18.97 -23.56
C ILE B 122 14.88 19.07 -24.97
N ASN B 123 15.77 19.20 -25.94
CA ASN B 123 15.38 19.41 -27.33
C ASN B 123 15.41 18.14 -28.13
N VAL B 124 14.61 18.13 -29.19
CA VAL B 124 14.67 17.08 -30.19
C VAL B 124 16.11 16.99 -30.67
N GLY B 125 16.63 15.78 -30.78
CA GLY B 125 18.02 15.60 -31.14
C GLY B 125 18.97 15.39 -29.98
N ASP B 126 18.52 15.65 -28.76
CA ASP B 126 19.34 15.35 -27.60
C ASP B 126 19.33 13.85 -27.34
N VAL B 127 20.26 13.43 -26.51
CA VAL B 127 20.40 12.04 -26.16
C VAL B 127 20.31 11.90 -24.64
N LEU B 128 19.57 10.87 -24.23
CA LEU B 128 19.31 10.62 -22.83
C LEU B 128 19.90 9.29 -22.46
N VAL B 129 20.73 9.30 -21.42
CA VAL B 129 21.19 8.08 -20.77
C VAL B 129 20.52 7.95 -19.40
N THR B 130 19.86 6.82 -19.18
CA THR B 130 19.03 6.65 -18.00
C THR B 130 19.78 5.93 -16.88
N THR B 131 19.89 6.60 -15.73
CA THR B 131 20.49 5.99 -14.55
C THR B 131 19.47 5.23 -13.72
N GLY B 132 18.24 5.73 -13.70
CA GLY B 132 17.18 5.16 -12.87
C GLY B 132 15.81 5.35 -13.46
N ALA B 133 14.88 4.46 -13.11
CA ALA B 133 13.51 4.49 -13.58
C ALA B 133 12.49 4.61 -12.44
N VAL B 134 11.50 5.47 -12.65
CA VAL B 134 10.29 5.49 -11.85
C VAL B 134 9.49 4.24 -12.26
N ARG B 135 9.13 3.41 -11.29
CA ARG B 135 8.50 2.15 -11.59
C ARG B 135 6.97 2.29 -11.67
N LEU B 136 6.47 2.73 -12.81
CA LEU B 136 5.04 2.78 -13.08
C LEU B 136 4.58 1.58 -13.90
N ASP B 137 5.25 0.44 -13.68
CA ASP B 137 4.99 -0.79 -14.42
C ASP B 137 4.51 -1.87 -13.46
N GLY B 138 4.18 -3.05 -13.97
CA GLY B 138 3.77 -4.14 -13.10
C GLY B 138 4.86 -5.20 -12.97
N ALA B 139 5.58 -5.44 -14.05
CA ALA B 139 6.49 -6.56 -14.08
C ALA B 139 7.65 -6.40 -13.11
N SER B 140 8.13 -5.18 -12.91
CA SER B 140 9.24 -4.98 -11.97
C SER B 140 8.92 -5.56 -10.58
N ARG B 141 7.65 -5.46 -10.18
CA ARG B 141 7.22 -5.91 -8.86
C ARG B 141 7.24 -7.42 -8.70
N HIS B 142 7.35 -8.14 -9.83
CA HIS B 142 7.49 -9.59 -9.79
C HIS B 142 8.94 -10.01 -9.54
N PHE B 143 9.88 -9.05 -9.65
CA PHE B 143 11.29 -9.30 -9.41
C PHE B 143 11.81 -8.72 -8.11
N ALA B 144 11.23 -7.63 -7.65
CA ALA B 144 11.67 -6.98 -6.41
C ALA B 144 10.55 -6.12 -5.85
N PRO B 145 10.52 -5.97 -4.51
CA PRO B 145 9.48 -5.07 -3.98
C PRO B 145 9.68 -3.63 -4.45
N LEU B 146 8.63 -2.83 -4.38
CA LEU B 146 8.61 -1.48 -5.00
C LEU B 146 9.71 -0.55 -4.47
N GLU B 147 10.08 -0.72 -3.22
CA GLU B 147 11.13 0.09 -2.58
C GLU B 147 12.55 -0.13 -3.18
N TYR B 148 12.74 -1.25 -3.86
CA TYR B 148 14.03 -1.57 -4.48
C TYR B 148 14.22 -0.70 -5.72
N PRO B 149 15.45 -0.18 -5.92
CA PRO B 149 15.65 0.80 -6.99
C PRO B 149 15.78 0.19 -8.39
N ALA B 150 15.05 0.76 -9.34
CA ALA B 150 15.24 0.40 -10.75
C ALA B 150 16.42 1.20 -11.27
N VAL B 151 17.63 0.73 -11.02
CA VAL B 151 18.84 1.48 -11.32
C VAL B 151 19.68 0.72 -12.35
N ALA B 152 20.25 1.47 -13.29
CA ALA B 152 21.12 0.89 -14.32
C ALA B 152 22.48 0.47 -13.76
N ASP B 153 23.11 -0.45 -14.46
CA ASP B 153 24.46 -0.89 -14.16
C ASP B 153 25.45 0.24 -14.42
N PHE B 154 26.39 0.37 -13.51
CA PHE B 154 27.39 1.42 -13.56
C PHE B 154 28.22 1.38 -14.84
N SER B 155 28.72 0.20 -15.19
CA SER B 155 29.63 0.06 -16.32
C SER B 155 28.92 0.28 -17.65
N CYS B 156 27.71 -0.25 -17.80
CA CYS B 156 26.91 0.00 -18.99
C CYS B 156 26.63 1.48 -19.19
N THR B 157 26.25 2.15 -18.11
CA THR B 157 25.89 3.56 -18.15
C THR B 157 27.12 4.40 -18.53
N ASN B 158 28.24 4.10 -17.92
CA ASN B 158 29.51 4.69 -18.33
C ASN B 158 29.89 4.46 -19.79
N ALA B 159 29.66 3.27 -20.31
CA ALA B 159 30.02 2.97 -21.67
C ALA B 159 29.14 3.76 -22.62
N LEU B 160 27.85 3.89 -22.29
CA LEU B 160 26.94 4.69 -23.09
C LEU B 160 27.31 6.18 -23.05
N TYR B 161 27.54 6.69 -21.86
CA TYR B 161 27.90 8.10 -21.72
C TYR B 161 29.22 8.40 -22.43
N SER B 162 30.23 7.56 -22.22
CA SER B 162 31.55 7.81 -22.78
CA SER B 162 31.56 7.78 -22.79
C SER B 162 31.53 7.69 -24.30
N ALA B 163 30.76 6.73 -24.82
CA ALA B 163 30.55 6.60 -26.25
C ALA B 163 29.92 7.86 -26.85
N ALA B 164 28.89 8.38 -26.21
CA ALA B 164 28.20 9.57 -26.69
C ALA B 164 29.13 10.80 -26.71
N VAL B 165 29.88 10.99 -25.63
CA VAL B 165 30.87 12.07 -25.55
C VAL B 165 31.94 11.95 -26.65
N ALA B 166 32.41 10.73 -26.93
CA ALA B 166 33.39 10.50 -27.98
C ALA B 166 32.83 10.77 -29.38
N GLN B 167 31.50 10.77 -29.52
CA GLN B 167 30.86 11.13 -30.79
C GLN B 167 30.32 12.57 -30.79
N GLY B 168 30.88 13.39 -29.90
CA GLY B 168 30.54 14.81 -29.82
C GLY B 168 29.16 15.13 -29.23
N ILE B 169 28.50 14.16 -28.61
CA ILE B 169 27.22 14.40 -27.95
C ILE B 169 27.47 14.55 -26.46
N THR B 170 26.82 15.51 -25.81
CA THR B 170 26.80 15.50 -24.34
C THR B 170 25.37 15.15 -23.91
N PRO B 171 25.18 13.91 -23.43
CA PRO B 171 23.84 13.49 -23.11
C PRO B 171 23.36 14.04 -21.79
N TYR B 172 22.05 14.11 -21.63
CA TYR B 172 21.47 14.28 -20.32
C TYR B 172 21.51 12.90 -19.65
N VAL B 173 21.84 12.88 -18.37
CA VAL B 173 21.92 11.65 -17.61
C VAL B 173 20.97 11.80 -16.41
N GLY B 174 20.04 10.86 -16.24
CA GLY B 174 19.02 11.04 -15.25
C GLY B 174 17.96 9.98 -15.21
N ILE B 175 16.80 10.39 -14.70
CA ILE B 175 15.72 9.51 -14.35
C ILE B 175 14.63 9.55 -15.41
N THR B 176 14.10 8.39 -15.72
CA THR B 176 13.07 8.21 -16.73
C THR B 176 11.87 7.60 -16.03
N ALA B 177 10.66 8.00 -16.43
CA ALA B 177 9.43 7.39 -15.89
C ALA B 177 8.97 6.26 -16.79
N SER B 178 8.82 5.08 -16.21
CA SER B 178 8.57 3.87 -16.99
C SER B 178 7.15 3.37 -16.77
N SER B 179 6.30 3.60 -17.77
CA SER B 179 4.85 3.39 -17.71
C SER B 179 4.40 2.14 -18.45
N ASP B 180 3.50 1.39 -17.83
CA ASP B 180 2.87 0.26 -18.47
C ASP B 180 1.86 0.66 -19.54
N THR B 181 1.56 1.95 -19.68
CA THR B 181 0.68 2.38 -20.77
C THR B 181 1.27 3.54 -21.53
N PHE B 182 0.84 3.64 -22.78
CA PHE B 182 1.17 4.74 -23.65
C PHE B 182 0.27 5.94 -23.38
N TYR B 183 -0.98 5.67 -23.03
CA TYR B 183 -2.00 6.73 -22.94
C TYR B 183 -2.24 7.25 -21.51
N PRO B 184 -3.05 6.58 -20.69
CA PRO B 184 -3.32 7.21 -19.39
C PRO B 184 -2.13 7.33 -18.45
N GLY B 185 -1.23 6.37 -18.44
CA GLY B 185 -0.03 6.41 -17.60
C GLY B 185 0.97 7.51 -17.97
N GLN B 186 0.84 8.04 -19.19
CA GLN B 186 1.61 9.21 -19.64
C GLN B 186 0.72 10.47 -19.69
N GLU B 187 -0.40 10.38 -18.97
CA GLU B 187 -1.41 11.42 -18.85
C GLU B 187 -1.79 12.02 -20.22
N ARG B 188 -2.18 11.16 -21.15
CA ARG B 188 -2.64 11.60 -22.46
C ARG B 188 -4.15 11.67 -22.45
N TYR B 189 -4.68 12.81 -22.90
CA TYR B 189 -6.11 13.03 -22.94
C TYR B 189 -6.67 12.93 -24.35
N ASP B 190 -5.80 12.85 -25.35
CA ASP B 190 -6.21 12.74 -26.75
C ASP B 190 -6.53 11.29 -27.09
N THR B 191 -7.65 10.81 -26.54
CA THR B 191 -7.94 9.38 -26.51
C THR B 191 -9.42 9.10 -26.72
N PHE B 192 -9.79 7.83 -26.84
CA PHE B 192 -11.18 7.44 -26.96
C PHE B 192 -12.03 8.00 -25.83
N SER B 193 -11.56 7.88 -24.59
CA SER B 193 -12.36 8.34 -23.44
C SER B 193 -12.23 9.83 -23.18
N GLY B 194 -11.07 10.38 -23.51
CA GLY B 194 -10.72 11.75 -23.13
C GLY B 194 -10.45 11.92 -21.63
N LYS B 195 -10.37 10.83 -20.88
CA LYS B 195 -10.27 10.89 -19.42
C LYS B 195 -9.02 10.20 -18.89
N VAL B 196 -8.54 10.70 -17.77
CA VAL B 196 -7.54 10.04 -16.96
C VAL B 196 -8.08 10.07 -15.54
N TYR B 197 -8.12 8.93 -14.86
CA TYR B 197 -8.71 8.88 -13.53
C TYR B 197 -7.79 9.57 -12.49
N PRO B 198 -8.35 9.98 -11.35
CA PRO B 198 -7.61 10.89 -10.46
C PRO B 198 -6.19 10.48 -10.05
N ALA B 199 -5.90 9.20 -9.84
CA ALA B 199 -4.53 8.81 -9.41
C ALA B 199 -3.48 9.25 -10.44
N TYR B 200 -3.87 9.35 -11.70
CA TYR B 200 -2.95 9.79 -12.76
C TYR B 200 -3.14 11.23 -13.28
N GLN B 201 -4.16 11.93 -12.79
CA GLN B 201 -4.35 13.36 -13.09
C GLN B 201 -3.26 14.17 -12.38
N GLY B 202 -2.63 15.08 -13.12
CA GLY B 202 -1.52 15.84 -12.56
C GLY B 202 -0.19 15.09 -12.50
N SER B 203 -0.18 13.82 -12.94
CA SER B 203 1.05 13.03 -12.80
C SER B 203 2.17 13.52 -13.71
N LEU B 204 1.87 14.06 -14.89
CA LEU B 204 2.94 14.55 -15.75
C LEU B 204 3.69 15.70 -15.06
N LYS B 205 2.93 16.62 -14.51
CA LYS B 205 3.53 17.74 -13.79
C LYS B 205 4.29 17.27 -12.56
N GLN B 206 3.77 16.27 -11.86
CA GLN B 206 4.50 15.71 -10.72
C GLN B 206 5.89 15.23 -11.14
N TRP B 207 5.97 14.50 -12.26
CA TRP B 207 7.26 13.98 -12.70
C TRP B 207 8.18 15.10 -13.19
N GLN B 208 7.64 16.08 -13.91
CA GLN B 208 8.43 17.24 -14.34
C GLN B 208 9.05 17.95 -13.14
N ASP B 209 8.25 18.16 -12.12
CA ASP B 209 8.72 18.84 -10.90
C ASP B 209 9.73 18.01 -10.11
N LEU B 210 9.75 16.69 -10.32
CA LEU B 210 10.80 15.84 -9.75
C LEU B 210 11.95 15.55 -10.68
N ASN B 211 12.08 16.36 -11.74
CA ASN B 211 13.25 16.36 -12.61
C ASN B 211 13.38 15.13 -13.50
N VAL B 212 12.27 14.43 -13.72
CA VAL B 212 12.25 13.28 -14.62
C VAL B 212 12.35 13.77 -16.08
N MSE B 213 13.14 13.08 -16.90
CA MSE B 213 13.48 13.56 -18.25
C MSE B 213 12.43 13.23 -19.26
O MSE B 213 12.16 14.01 -20.16
CB MSE B 213 14.76 12.91 -18.75
CG MSE B 213 15.96 13.23 -17.86
SE MSE B 213 17.62 12.39 -18.52
CE MSE B 213 17.03 10.50 -18.57
N ASN B 214 11.83 12.04 -19.13
CA ASN B 214 11.01 11.51 -20.19
C ASN B 214 10.22 10.32 -19.70
N TYR B 215 9.26 9.91 -20.52
CA TYR B 215 8.54 8.67 -20.33
C TYR B 215 9.05 7.64 -21.30
N GLU B 216 8.99 6.39 -20.87
CA GLU B 216 9.27 5.29 -21.76
C GLU B 216 8.52 4.09 -21.15
N MSE B 217 8.54 2.90 -21.75
CA MSE B 217 7.67 1.82 -21.27
C MSE B 217 8.33 0.53 -20.86
O MSE B 217 7.64 -0.46 -20.65
CB MSE B 217 6.60 1.54 -22.33
CG MSE B 217 5.79 2.80 -22.64
SE MSE B 217 4.33 2.43 -23.93
CE MSE B 217 3.32 1.01 -23.02
N GLU B 218 9.66 0.50 -20.72
CA GLU B 218 10.37 -0.77 -20.53
C GLU B 218 11.48 -0.79 -19.47
N SER B 219 12.00 0.38 -19.10
CA SER B 219 13.24 0.43 -18.37
C SER B 219 13.10 -0.01 -16.93
N ALA B 220 11.95 0.25 -16.29
CA ALA B 220 11.76 -0.17 -14.91
C ALA B 220 11.86 -1.70 -14.82
N THR B 221 11.25 -2.37 -15.79
CA THR B 221 11.25 -3.80 -15.78
C THR B 221 12.67 -4.27 -16.05
N LEU B 222 13.27 -3.73 -17.11
CA LEU B 222 14.63 -4.12 -17.47
C LEU B 222 15.62 -3.92 -16.32
N PHE B 223 15.64 -2.73 -15.72
CA PHE B 223 16.63 -2.43 -14.69
C PHE B 223 16.41 -3.27 -13.43
N THR B 224 15.15 -3.43 -13.04
CA THR B 224 14.84 -4.12 -11.81
C THR B 224 15.17 -5.60 -11.96
N MSE B 225 14.76 -6.20 -13.07
CA MSE B 225 15.00 -7.63 -13.27
C MSE B 225 16.48 -7.89 -13.40
O MSE B 225 16.98 -8.86 -12.86
CB MSE B 225 14.22 -8.17 -14.46
CG MSE B 225 14.86 -7.91 -15.82
SE MSE B 225 13.57 -8.58 -17.15
CE MSE B 225 13.99 -10.48 -16.84
N CYS B 226 17.21 -7.02 -14.11
CA CYS B 226 18.64 -7.23 -14.25
C CYS B 226 19.43 -7.13 -12.93
N ALA B 227 19.06 -6.18 -12.09
CA ALA B 227 19.67 -6.07 -10.77
C ALA B 227 19.38 -7.32 -9.93
N ALA B 228 18.13 -7.76 -9.99
CA ALA B 228 17.66 -8.93 -9.26
C ALA B 228 18.30 -10.23 -9.69
N LEU B 229 18.59 -10.35 -10.99
CA LEU B 229 19.14 -11.57 -11.52
C LEU B 229 20.65 -11.53 -11.71
N GLY B 230 21.28 -10.41 -11.36
CA GLY B 230 22.71 -10.24 -11.54
C GLY B 230 23.15 -9.99 -12.99
N LEU B 231 22.27 -9.47 -13.84
CA LEU B 231 22.64 -9.16 -15.21
C LEU B 231 22.94 -7.67 -15.31
N LYS B 232 23.61 -7.25 -16.38
CA LYS B 232 23.98 -5.84 -16.53
C LYS B 232 23.15 -5.15 -17.59
N ALA B 233 22.58 -4.01 -17.25
CA ALA B 233 21.75 -3.26 -18.20
C ALA B 233 22.06 -1.77 -18.21
N GLY B 234 21.86 -1.17 -19.38
CA GLY B 234 21.93 0.28 -19.57
C GLY B 234 20.92 0.70 -20.63
N MSE B 235 20.64 2.00 -20.72
CA MSE B 235 19.67 2.54 -21.67
C MSE B 235 20.10 3.88 -22.21
O MSE B 235 20.45 4.78 -21.45
CB MSE B 235 18.28 2.69 -21.05
CG MSE B 235 17.30 3.20 -22.11
SE MSE B 235 15.41 2.95 -21.62
CE MSE B 235 15.26 4.24 -20.17
N VAL B 236 20.06 4.00 -23.54
CA VAL B 236 20.20 5.28 -24.22
C VAL B 236 19.00 5.48 -25.15
N ALA B 237 18.58 6.73 -25.32
CA ALA B 237 17.51 7.05 -26.26
C ALA B 237 17.76 8.39 -26.92
N GLY B 238 17.28 8.53 -28.15
CA GLY B 238 17.29 9.83 -28.83
C GLY B 238 15.94 10.51 -28.72
N VAL B 239 15.94 11.79 -28.41
CA VAL B 239 14.69 12.51 -28.28
C VAL B 239 14.18 12.92 -29.67
N ILE B 240 13.00 12.41 -30.04
CA ILE B 240 12.42 12.73 -31.34
C ILE B 240 11.16 13.59 -31.26
N VAL B 241 10.74 13.94 -30.04
CA VAL B 241 9.54 14.79 -29.85
C VAL B 241 9.56 15.33 -28.43
N ASN B 242 8.95 16.49 -28.23
CA ASN B 242 8.83 17.08 -26.91
C ASN B 242 7.46 17.71 -26.78
N ARG B 243 6.58 17.01 -26.07
CA ARG B 243 5.19 17.41 -25.92
C ARG B 243 4.98 18.74 -25.19
N THR B 244 6.04 19.28 -24.57
CA THR B 244 5.99 20.60 -23.92
C THR B 244 6.35 21.74 -24.87
N GLN B 245 6.84 21.42 -26.06
CA GLN B 245 7.25 22.45 -27.02
C GLN B 245 6.24 22.58 -28.15
N GLN B 246 6.17 23.77 -28.74
CA GLN B 246 5.27 24.04 -29.85
C GLN B 246 5.91 23.65 -31.19
N GLU B 247 7.21 23.90 -31.33
CA GLU B 247 7.92 23.59 -32.56
C GLU B 247 7.86 22.08 -32.90
N ILE B 248 7.69 21.78 -34.18
CA ILE B 248 7.60 20.41 -34.67
C ILE B 248 8.89 20.13 -35.44
N PRO B 249 9.58 19.01 -35.12
CA PRO B 249 10.83 18.69 -35.79
C PRO B 249 10.64 18.19 -37.21
N ASN B 250 11.64 18.41 -38.06
CA ASN B 250 11.59 17.89 -39.42
C ASN B 250 12.15 16.46 -39.50
N GLU B 251 11.82 15.74 -40.58
CA GLU B 251 12.14 14.32 -40.70
C GLU B 251 13.65 14.04 -40.70
N ALA B 252 14.46 14.98 -41.17
CA ALA B 252 15.90 14.82 -41.16
C ALA B 252 16.48 14.79 -39.74
N THR B 253 16.01 15.71 -38.91
CA THR B 253 16.41 15.76 -37.53
C THR B 253 16.04 14.45 -36.81
N ILE B 254 14.84 13.94 -37.09
CA ILE B 254 14.39 12.69 -36.52
C ILE B 254 15.31 11.53 -36.91
N LYS B 255 15.56 11.35 -38.21
CA LYS B 255 16.45 10.26 -38.64
C LYS B 255 17.85 10.45 -38.14
N SER B 256 18.34 11.68 -38.11
CA SER B 256 19.66 11.93 -37.57
C SER B 256 19.74 11.52 -36.09
N THR B 257 18.67 11.78 -35.36
CA THR B 257 18.60 11.42 -33.94
C THR B 257 18.56 9.89 -33.78
N GLU B 258 17.74 9.20 -34.56
CA GLU B 258 17.71 7.73 -34.54
C GLU B 258 19.08 7.14 -34.82
N GLN B 259 19.71 7.60 -35.90
CA GLN B 259 21.02 7.11 -36.30
C GLN B 259 22.06 7.38 -35.22
N LYS B 260 21.97 8.55 -34.61
CA LYS B 260 22.88 8.95 -33.53
C LYS B 260 22.77 8.02 -32.30
N ALA B 261 21.54 7.68 -31.93
CA ALA B 261 21.33 6.82 -30.78
C ALA B 261 21.92 5.44 -31.07
N VAL B 262 21.69 4.94 -32.28
CA VAL B 262 22.24 3.65 -32.71
C VAL B 262 23.78 3.69 -32.67
N ALA B 263 24.38 4.75 -33.17
CA ALA B 263 25.85 4.87 -33.15
C ALA B 263 26.40 4.78 -31.72
N VAL B 264 25.71 5.41 -30.77
CA VAL B 264 26.14 5.38 -29.38
C VAL B 264 26.07 3.97 -28.79
N VAL B 265 24.99 3.25 -29.07
CA VAL B 265 24.81 1.94 -28.48
C VAL B 265 25.81 0.94 -29.03
N ILE B 266 26.12 1.05 -30.32
CA ILE B 266 27.13 0.19 -30.95
C ILE B 266 28.51 0.45 -30.36
N GLU B 267 28.88 1.72 -30.28
CA GLU B 267 30.17 2.06 -29.71
C GLU B 267 30.27 1.64 -28.24
N ALA B 268 29.16 1.71 -27.51
CA ALA B 268 29.18 1.34 -26.10
C ALA B 268 29.47 -0.16 -25.99
N ALA B 269 28.77 -0.95 -26.79
CA ALA B 269 29.03 -2.39 -26.87
C ALA B 269 30.50 -2.71 -27.18
N ARG B 270 31.10 -2.01 -28.15
CA ARG B 270 32.55 -2.13 -28.42
C ARG B 270 33.40 -1.89 -27.19
N ARG B 271 33.10 -0.83 -26.47
CA ARG B 271 33.85 -0.49 -25.27
C ARG B 271 33.73 -1.57 -24.20
N LEU B 272 32.52 -2.09 -24.02
CA LEU B 272 32.32 -3.14 -23.01
C LEU B 272 33.05 -4.41 -23.42
N ILE B 273 32.98 -4.75 -24.71
CA ILE B 273 33.65 -5.93 -25.22
C ILE B 273 35.16 -5.79 -25.03
N SER B 274 35.72 -4.64 -25.40
CA SER B 274 37.16 -4.39 -25.28
C SER B 274 37.63 -4.46 -23.85
N ALA B 275 36.87 -3.82 -22.95
CA ALA B 275 37.21 -3.83 -21.53
C ALA B 275 37.22 -5.24 -20.91
N GLY B 276 36.35 -6.14 -21.37
CA GLY B 276 36.28 -7.51 -20.84
C GLY B 276 37.08 -8.54 -21.63
N SER C 24 -38.97 10.52 11.72
CA SER C 24 -37.63 10.74 12.34
C SER C 24 -36.75 11.68 11.54
N GLU C 25 -35.74 12.22 12.22
CA GLU C 25 -34.86 13.22 11.66
C GLU C 25 -33.53 12.61 11.19
N VAL C 26 -33.41 11.28 11.29
CA VAL C 26 -32.23 10.56 10.82
C VAL C 26 -32.65 9.36 9.98
N PHE C 27 -31.73 8.87 9.16
CA PHE C 27 -32.05 7.87 8.14
CA PHE C 27 -32.07 7.87 8.15
C PHE C 27 -32.38 6.47 8.68
N HIS C 28 -31.66 6.01 9.71
CA HIS C 28 -31.77 4.60 10.15
C HIS C 28 -32.34 4.33 11.55
N LEU C 29 -32.07 5.22 12.52
CA LEU C 29 -32.34 4.88 13.95
C LEU C 29 -33.80 5.04 14.37
N GLY C 30 -34.57 5.82 13.64
CA GLY C 30 -35.97 6.08 14.00
C GLY C 30 -36.10 7.03 15.17
N LEU C 31 -35.18 7.98 15.27
CA LEU C 31 -35.14 8.89 16.41
C LEU C 31 -35.19 10.34 16.00
N THR C 32 -35.69 11.17 16.91
CA THR C 32 -35.68 12.63 16.77
C THR C 32 -34.91 13.19 17.94
N LYS C 33 -34.43 14.41 17.80
CA LYS C 33 -33.74 15.09 18.87
C LYS C 33 -34.62 15.15 20.12
N ALA C 34 -35.91 15.41 19.92
CA ALA C 34 -36.84 15.58 21.05
C ALA C 34 -36.96 14.32 21.89
N MSE C 35 -36.88 13.16 21.24
CA MSE C 35 -36.95 11.88 21.93
C MSE C 35 -35.80 11.64 22.88
O MSE C 35 -35.95 10.90 23.84
CB MSE C 35 -37.03 10.77 20.89
CG MSE C 35 -38.41 10.73 20.25
SE MSE C 35 -38.43 9.58 18.66
CE MSE C 35 -38.66 7.80 19.47
N LEU C 36 -34.64 12.26 22.63
CA LEU C 36 -33.48 12.06 23.51
C LEU C 36 -33.51 12.96 24.74
N LYS C 37 -34.40 13.94 24.74
CA LYS C 37 -34.57 14.85 25.90
C LYS C 37 -33.26 15.48 26.41
N GLY C 38 -32.38 15.83 25.47
CA GLY C 38 -31.12 16.51 25.81
C GLY C 38 -29.91 15.61 26.06
N ALA C 39 -30.06 14.32 25.82
CA ALA C 39 -28.98 13.35 26.04
C ALA C 39 -27.70 13.71 25.29
N LYS C 40 -26.58 13.78 26.00
CA LYS C 40 -25.30 14.08 25.40
C LYS C 40 -24.34 12.89 25.41
N ILE C 41 -24.75 11.78 26.05
CA ILE C 41 -23.90 10.62 26.19
C ILE C 41 -24.67 9.35 25.87
N ALA C 42 -23.97 8.40 25.25
CA ALA C 42 -24.57 7.13 24.87
C ALA C 42 -23.70 5.98 25.29
N VAL C 43 -24.36 4.90 25.68
CA VAL C 43 -23.74 3.64 25.93
C VAL C 43 -24.16 2.76 24.75
N ILE C 44 -23.19 2.14 24.08
CA ILE C 44 -23.46 1.47 22.83
C ILE C 44 -23.00 0.01 22.80
N PRO C 45 -23.86 -0.90 23.27
CA PRO C 45 -23.60 -2.34 23.13
C PRO C 45 -23.90 -2.79 21.71
N GLY C 46 -23.53 -4.03 21.40
CA GLY C 46 -23.65 -4.57 20.06
C GLY C 46 -25.00 -5.20 19.79
N ASP C 47 -25.50 -5.93 20.80
CA ASP C 47 -26.70 -6.76 20.67
C ASP C 47 -27.94 -5.96 21.07
N PRO C 48 -28.94 -5.89 20.17
CA PRO C 48 -30.16 -5.13 20.45
C PRO C 48 -30.88 -5.58 21.71
N ALA C 49 -30.77 -6.85 22.08
CA ALA C 49 -31.39 -7.38 23.29
C ALA C 49 -30.73 -6.93 24.60
N ARG C 50 -29.52 -6.38 24.53
CA ARG C 50 -28.78 -5.93 25.72
C ARG C 50 -29.15 -4.51 26.11
N SER C 51 -29.73 -3.76 25.18
CA SER C 51 -30.02 -2.37 25.39
C SER C 51 -30.91 -2.19 26.62
N GLU C 52 -32.01 -2.92 26.64
CA GLU C 52 -32.98 -2.85 27.73
C GLU C 52 -32.32 -3.15 29.08
N ARG C 53 -31.54 -4.23 29.12
CA ARG C 53 -30.91 -4.69 30.36
C ARG C 53 -29.99 -3.64 30.97
N ILE C 54 -29.33 -2.89 30.11
CA ILE C 54 -28.42 -1.87 30.57
C ILE C 54 -29.21 -0.66 31.04
N ALA C 55 -30.21 -0.27 30.25
CA ALA C 55 -31.04 0.88 30.59
C ALA C 55 -31.80 0.63 31.92
N GLN C 56 -32.11 -0.63 32.20
CA GLN C 56 -32.71 -1.03 33.47
C GLN C 56 -31.83 -0.84 34.72
N ARG C 57 -30.53 -0.64 34.55
CA ARG C 57 -29.70 -0.23 35.68
C ARG C 57 -29.75 1.28 35.88
N MSE C 58 -30.45 1.97 34.99
CA MSE C 58 -30.54 3.42 35.10
C MSE C 58 -31.84 3.81 35.74
O MSE C 58 -32.70 2.97 35.99
CB MSE C 58 -30.44 4.04 33.72
CG MSE C 58 -29.20 3.55 33.00
SE MSE C 58 -28.99 4.59 31.35
CE MSE C 58 -27.29 3.73 30.83
N ASP C 59 -32.01 5.10 36.01
CA ASP C 59 -33.26 5.60 36.56
C ASP C 59 -34.31 5.89 35.45
N LYS C 60 -35.56 5.53 35.70
CA LYS C 60 -36.70 5.89 34.83
C LYS C 60 -36.49 5.59 33.35
N PRO C 61 -36.10 4.36 33.01
CA PRO C 61 -35.79 4.12 31.61
C PRO C 61 -37.03 3.94 30.73
N GLU C 62 -36.94 4.36 29.47
CA GLU C 62 -38.04 4.20 28.53
C GLU C 62 -37.52 3.78 27.16
N PHE C 63 -38.31 2.95 26.51
CA PHE C 63 -38.05 2.51 25.17
C PHE C 63 -38.18 3.69 24.22
N LEU C 64 -37.31 3.76 23.23
CA LEU C 64 -37.37 4.84 22.22
C LEU C 64 -37.79 4.28 20.88
N ALA C 65 -37.00 3.37 20.34
CA ALA C 65 -37.25 2.84 19.01
C ALA C 65 -36.47 1.58 18.74
N SER C 66 -36.94 0.86 17.72
CA SER C 66 -36.27 -0.33 17.23
C SER C 66 -36.39 -0.33 15.72
N SER C 67 -35.25 -0.24 15.04
CA SER C 67 -35.22 -0.16 13.59
C SER C 67 -33.97 -0.88 13.14
N ARG C 68 -34.16 -1.89 12.29
CA ARG C 68 -33.07 -2.76 11.89
C ARG C 68 -32.36 -3.27 13.15
N GLU C 69 -31.04 -3.20 13.20
CA GLU C 69 -30.28 -3.70 14.35
C GLU C 69 -30.10 -2.63 15.42
N PHE C 70 -30.84 -1.52 15.33
CA PHE C 70 -30.68 -0.40 16.25
C PHE C 70 -31.88 -0.30 17.20
N THR C 71 -31.68 -0.79 18.42
CA THR C 71 -32.70 -0.70 19.46
C THR C 71 -32.23 0.30 20.49
N SER C 72 -32.97 1.40 20.65
CA SER C 72 -32.58 2.46 21.58
C SER C 72 -33.51 2.59 22.79
N TRP C 73 -32.89 2.89 23.94
CA TRP C 73 -33.57 3.22 25.19
C TRP C 73 -32.98 4.52 25.71
N LEU C 74 -33.75 5.20 26.55
CA LEU C 74 -33.31 6.37 27.25
C LEU C 74 -33.41 6.10 28.74
N GLY C 75 -32.39 6.51 29.50
CA GLY C 75 -32.36 6.31 30.95
C GLY C 75 -31.73 7.52 31.61
N TYR C 76 -31.68 7.53 32.94
CA TYR C 76 -31.10 8.65 33.67
C TYR C 76 -30.03 8.22 34.65
N LEU C 77 -28.91 8.93 34.62
CA LEU C 77 -27.80 8.75 35.55
C LEU C 77 -27.40 10.13 35.99
N GLU C 78 -27.23 10.29 37.31
CA GLU C 78 -26.94 11.58 37.93
C GLU C 78 -27.94 12.66 37.52
N ASN C 79 -29.20 12.24 37.40
CA ASN C 79 -30.30 13.08 36.95
CA ASN C 79 -30.29 13.12 36.98
C ASN C 79 -30.10 13.67 35.56
N GLU C 80 -29.38 12.94 34.70
CA GLU C 80 -29.14 13.38 33.32
C GLU C 80 -29.50 12.27 32.32
N PRO C 81 -30.05 12.65 31.15
CA PRO C 81 -30.44 11.68 30.13
C PRO C 81 -29.25 11.00 29.44
N VAL C 82 -29.37 9.70 29.24
CA VAL C 82 -28.37 8.85 28.63
C VAL C 82 -29.06 7.90 27.65
N VAL C 83 -28.54 7.80 26.44
CA VAL C 83 -29.05 6.86 25.47
C VAL C 83 -28.31 5.54 25.61
N VAL C 84 -29.05 4.45 25.47
CA VAL C 84 -28.47 3.14 25.24
C VAL C 84 -28.97 2.73 23.88
N CYS C 85 -28.04 2.50 22.93
CA CYS C 85 -28.43 2.09 21.58
C CYS C 85 -27.54 0.99 21.07
N SER C 86 -28.15 -0.08 20.60
CA SER C 86 -27.38 -1.18 20.06
C SER C 86 -26.85 -0.82 18.67
N THR C 87 -25.70 -1.37 18.32
CA THR C 87 -24.99 -0.97 17.10
C THR C 87 -25.06 -2.01 15.98
N GLY C 88 -25.42 -3.23 16.33
CA GLY C 88 -25.21 -4.37 15.43
C GLY C 88 -23.72 -4.74 15.43
N ILE C 89 -23.39 -5.75 14.64
CA ILE C 89 -22.02 -6.22 14.53
C ILE C 89 -21.28 -5.48 13.42
N GLY C 90 -20.09 -4.97 13.74
CA GLY C 90 -19.17 -4.43 12.75
C GLY C 90 -19.16 -2.94 12.58
N GLY C 91 -18.02 -2.43 12.14
CA GLY C 91 -17.86 -1.01 11.82
C GLY C 91 -18.94 -0.30 11.01
N PRO C 92 -19.43 -0.93 9.93
CA PRO C 92 -20.43 -0.23 9.10
C PRO C 92 -21.68 0.15 9.88
N SER C 93 -22.23 -0.78 10.65
CA SER C 93 -23.42 -0.45 11.44
C SER C 93 -23.10 0.49 12.60
N VAL C 94 -21.93 0.33 13.22
CA VAL C 94 -21.47 1.26 14.23
C VAL C 94 -21.37 2.67 13.68
N SER C 95 -20.78 2.82 12.49
CA SER C 95 -20.61 4.16 11.88
C SER C 95 -21.93 4.91 11.66
N ILE C 96 -22.98 4.16 11.32
CA ILE C 96 -24.31 4.71 11.15
C ILE C 96 -24.90 5.14 12.50
N CYS C 97 -24.82 4.25 13.46
CA CYS C 97 -25.29 4.50 14.80
C CYS C 97 -24.64 5.76 15.36
N VAL C 98 -23.31 5.81 15.33
CA VAL C 98 -22.60 6.94 15.92
C VAL C 98 -22.87 8.23 15.17
N GLU C 99 -22.81 8.19 13.85
CA GLU C 99 -23.07 9.40 13.05
C GLU C 99 -24.47 9.98 13.35
N GLU C 100 -25.46 9.12 13.37
CA GLU C 100 -26.84 9.58 13.52
C GLU C 100 -27.14 10.04 14.95
N LEU C 101 -26.57 9.39 15.96
CA LEU C 101 -26.64 9.93 17.33
C LEU C 101 -25.93 11.27 17.45
N ALA C 102 -24.79 11.45 16.76
CA ALA C 102 -24.12 12.74 16.81
C ALA C 102 -24.95 13.84 16.19
N GLN C 103 -25.68 13.53 15.12
CA GLN C 103 -26.58 14.51 14.50
C GLN C 103 -27.67 15.00 15.48
N LEU C 104 -28.05 14.12 16.41
CA LEU C 104 -29.06 14.40 17.44
C LEU C 104 -28.50 14.90 18.77
N GLY C 105 -27.21 15.23 18.79
CA GLY C 105 -26.57 15.93 19.90
C GLY C 105 -25.75 15.07 20.86
N VAL C 106 -25.56 13.79 20.55
CA VAL C 106 -24.72 12.94 21.42
C VAL C 106 -23.24 13.16 21.12
N GLY C 107 -22.46 13.47 22.15
CA GLY C 107 -21.04 13.80 22.01
C GLY C 107 -20.04 12.79 22.59
N THR C 108 -20.52 11.88 23.43
CA THR C 108 -19.68 10.88 24.11
C THR C 108 -20.29 9.51 23.94
N PHE C 109 -19.45 8.52 23.64
CA PHE C 109 -19.90 7.17 23.35
C PHE C 109 -19.08 6.14 24.10
N LEU C 110 -19.75 5.33 24.92
CA LEU C 110 -19.07 4.30 25.70
C LEU C 110 -19.49 2.95 25.22
N ARG C 111 -18.53 2.26 24.62
CA ARG C 111 -18.70 0.91 24.14
C ARG C 111 -18.49 -0.09 25.30
N ILE C 112 -19.41 -1.05 25.41
CA ILE C 112 -19.40 -2.08 26.43
C ILE C 112 -19.54 -3.37 25.66
N GLY C 113 -18.72 -4.35 25.98
CA GLY C 113 -18.83 -5.63 25.34
C GLY C 113 -18.28 -6.75 26.16
N THR C 114 -18.26 -7.90 25.51
CA THR C 114 -17.77 -9.11 26.08
C THR C 114 -16.84 -9.61 24.98
N THR C 115 -15.72 -10.23 25.33
CA THR C 115 -14.68 -10.51 24.34
C THR C 115 -13.92 -11.79 24.67
N GLY C 116 -13.11 -12.19 23.70
CA GLY C 116 -12.13 -13.27 23.84
C GLY C 116 -10.71 -12.69 23.89
N ALA C 117 -9.91 -13.15 24.85
CA ALA C 117 -8.52 -12.72 24.95
C ALA C 117 -7.62 -13.63 24.11
N ILE C 118 -6.45 -13.11 23.74
CA ILE C 118 -5.45 -13.89 23.02
C ILE C 118 -4.10 -14.01 23.77
N GLN C 119 -4.01 -13.44 24.97
CA GLN C 119 -2.83 -13.59 25.81
C GLN C 119 -3.07 -14.64 26.88
N PRO C 120 -2.11 -15.54 27.13
CA PRO C 120 -2.38 -16.61 28.10
C PRO C 120 -2.52 -16.12 29.53
N TYR C 121 -2.00 -14.94 29.85
CA TYR C 121 -2.11 -14.41 31.21
C TYR C 121 -3.44 -13.69 31.49
N ILE C 122 -4.27 -13.49 30.48
CA ILE C 122 -5.57 -12.86 30.66
C ILE C 122 -6.60 -13.93 30.86
N ASN C 123 -7.33 -13.88 31.97
CA ASN C 123 -8.27 -14.93 32.31
C ASN C 123 -9.72 -14.54 32.05
N VAL C 124 -10.53 -15.56 31.86
CA VAL C 124 -11.97 -15.38 31.82
C VAL C 124 -12.38 -14.68 33.10
N GLY C 125 -13.23 -13.66 33.00
CA GLY C 125 -13.60 -12.86 34.15
C GLY C 125 -12.81 -11.58 34.28
N ASP C 126 -11.69 -11.45 33.57
CA ASP C 126 -10.93 -10.19 33.58
C ASP C 126 -11.67 -9.10 32.78
N VAL C 127 -11.28 -7.87 33.02
CA VAL C 127 -11.89 -6.71 32.39
C VAL C 127 -10.82 -5.97 31.61
N LEU C 128 -11.12 -5.63 30.36
CA LEU C 128 -10.15 -4.96 29.50
C LEU C 128 -10.64 -3.57 29.16
N VAL C 129 -9.78 -2.59 29.33
CA VAL C 129 -10.05 -1.24 28.84
C VAL C 129 -9.10 -0.96 27.71
N THR C 130 -9.63 -0.51 26.57
CA THR C 130 -8.83 -0.40 25.37
C THR C 130 -8.38 1.02 25.12
N THR C 131 -7.07 1.23 24.94
CA THR C 131 -6.53 2.55 24.63
C THR C 131 -6.41 2.78 23.13
N GLY C 132 -6.17 1.73 22.37
CA GLY C 132 -5.99 1.83 20.93
C GLY C 132 -6.36 0.55 20.22
N ALA C 133 -6.67 0.67 18.94
CA ALA C 133 -7.12 -0.47 18.14
C ALA C 133 -6.22 -0.66 16.92
N VAL C 134 -5.90 -1.91 16.63
CA VAL C 134 -5.30 -2.29 15.37
C VAL C 134 -6.44 -2.24 14.36
N ARG C 135 -6.22 -1.49 13.29
CA ARG C 135 -7.25 -1.19 12.33
C ARG C 135 -7.29 -2.29 11.28
N LEU C 136 -7.91 -3.41 11.60
CA LEU C 136 -8.17 -4.46 10.61
C LEU C 136 -9.60 -4.38 10.06
N ASP C 137 -10.12 -3.17 9.91
CA ASP C 137 -11.48 -2.91 9.46
C ASP C 137 -11.41 -2.03 8.21
N GLY C 138 -12.55 -1.84 7.56
CA GLY C 138 -12.60 -0.98 6.40
C GLY C 138 -13.13 0.40 6.70
N ALA C 139 -14.11 0.49 7.60
CA ALA C 139 -14.80 1.76 7.81
C ALA C 139 -13.90 2.87 8.35
N SER C 140 -12.92 2.51 9.18
CA SER C 140 -12.01 3.53 9.71
C SER C 140 -11.31 4.31 8.61
N ARG C 141 -10.97 3.63 7.53
CA ARG C 141 -10.27 4.25 6.41
C ARG C 141 -11.13 5.25 5.62
N HIS C 142 -12.43 5.28 5.88
CA HIS C 142 -13.31 6.27 5.30
C HIS C 142 -13.35 7.55 6.13
N PHE C 143 -12.79 7.51 7.34
CA PHE C 143 -12.69 8.73 8.17
C PHE C 143 -11.29 9.32 8.26
N ALA C 144 -10.27 8.48 8.09
CA ALA C 144 -8.89 8.94 8.22
C ALA C 144 -7.96 7.93 7.56
N PRO C 145 -6.80 8.38 7.08
CA PRO C 145 -5.88 7.43 6.50
C PRO C 145 -5.34 6.47 7.54
N LEU C 146 -4.88 5.31 7.05
CA LEU C 146 -4.46 4.21 7.91
C LEU C 146 -3.41 4.59 8.95
N GLU C 147 -2.52 5.52 8.61
CA GLU C 147 -1.46 5.97 9.53
C GLU C 147 -1.95 6.74 10.77
N TYR C 148 -3.19 7.20 10.72
CA TYR C 148 -3.80 7.92 11.85
C TYR C 148 -4.20 6.92 12.94
N PRO C 149 -3.95 7.28 14.22
CA PRO C 149 -4.17 6.27 15.26
C PRO C 149 -5.62 6.11 15.62
N ALA C 150 -6.09 4.87 15.72
CA ALA C 150 -7.39 4.58 16.32
C ALA C 150 -7.21 4.55 17.85
N VAL C 151 -7.29 5.72 18.46
CA VAL C 151 -7.00 5.86 19.88
C VAL C 151 -8.25 6.35 20.60
N ALA C 152 -8.45 5.86 21.82
CA ALA C 152 -9.60 6.22 22.63
C ALA C 152 -9.40 7.60 23.20
N ASP C 153 -10.50 8.23 23.58
CA ASP C 153 -10.47 9.51 24.27
C ASP C 153 -9.90 9.33 25.67
N PHE C 154 -9.01 10.23 26.06
CA PHE C 154 -8.35 10.21 27.34
C PHE C 154 -9.33 10.22 28.52
N SER C 155 -10.28 11.15 28.53
CA SER C 155 -11.22 11.28 29.65
C SER C 155 -12.13 10.06 29.78
N CYS C 156 -12.60 9.52 28.65
CA CYS C 156 -13.39 8.27 28.68
C CYS C 156 -12.59 7.09 29.19
N THR C 157 -11.37 6.96 28.70
CA THR C 157 -10.52 5.85 29.09
C THR C 157 -10.22 5.95 30.59
N ASN C 158 -9.93 7.14 31.08
CA ASN C 158 -9.75 7.34 32.52
C ASN C 158 -10.93 7.00 33.39
N ALA C 159 -12.10 7.44 32.94
CA ALA C 159 -13.34 7.17 33.65
C ALA C 159 -13.59 5.68 33.73
N LEU C 160 -13.35 4.96 32.63
CA LEU C 160 -13.53 3.52 32.65
C LEU C 160 -12.53 2.81 33.58
N TYR C 161 -11.26 3.18 33.48
CA TYR C 161 -10.24 2.60 34.35
C TYR C 161 -10.51 2.93 35.83
N SER C 162 -10.74 4.20 36.13
CA SER C 162 -11.03 4.65 37.52
C SER C 162 -12.27 3.97 38.06
N ALA C 163 -13.31 3.84 37.22
CA ALA C 163 -14.50 3.13 37.61
C ALA C 163 -14.21 1.69 37.98
N ALA C 164 -13.35 1.02 37.22
CA ALA C 164 -13.02 -0.36 37.52
C ALA C 164 -12.21 -0.47 38.84
N VAL C 165 -11.13 0.30 38.99
CA VAL C 165 -10.31 0.14 40.20
C VAL C 165 -11.13 0.48 41.46
N ALA C 166 -11.93 1.55 41.40
CA ALA C 166 -12.82 1.91 42.52
C ALA C 166 -13.78 0.77 42.89
N GLN C 167 -14.19 -0.02 41.92
CA GLN C 167 -15.08 -1.14 42.18
C GLN C 167 -14.35 -2.48 42.44
N GLY C 168 -13.06 -2.39 42.77
CA GLY C 168 -12.29 -3.57 43.17
C GLY C 168 -11.76 -4.41 42.01
N ILE C 169 -11.80 -3.86 40.80
CA ILE C 169 -11.35 -4.59 39.62
C ILE C 169 -10.06 -4.00 39.11
N THR C 170 -9.06 -4.83 38.88
CA THR C 170 -7.81 -4.39 38.26
C THR C 170 -7.92 -4.73 36.77
N PRO C 171 -8.23 -3.74 35.93
CA PRO C 171 -8.41 -4.04 34.51
C PRO C 171 -7.06 -4.14 33.83
N TYR C 172 -6.99 -4.91 32.74
CA TYR C 172 -5.91 -4.72 31.76
C TYR C 172 -6.26 -3.57 30.83
N VAL C 173 -5.27 -2.73 30.57
CA VAL C 173 -5.42 -1.53 29.76
C VAL C 173 -4.40 -1.63 28.62
N GLY C 174 -4.86 -1.55 27.38
CA GLY C 174 -3.96 -1.73 26.26
C GLY C 174 -4.64 -1.83 24.91
N ILE C 175 -3.99 -2.53 24.00
CA ILE C 175 -4.37 -2.52 22.60
C ILE C 175 -5.21 -3.75 22.24
N THR C 176 -6.19 -3.50 21.37
CA THR C 176 -7.14 -4.49 20.90
C THR C 176 -7.03 -4.57 19.38
N ALA C 177 -7.20 -5.76 18.82
CA ALA C 177 -7.24 -5.91 17.36
C ALA C 177 -8.68 -5.91 16.92
N SER C 178 -9.01 -5.01 16.00
CA SER C 178 -10.39 -4.76 15.60
C SER C 178 -10.58 -5.20 14.17
N SER C 179 -11.29 -6.31 14.00
CA SER C 179 -11.39 -7.07 12.76
C SER C 179 -12.77 -6.95 12.13
N ASP C 180 -12.83 -6.81 10.81
CA ASP C 180 -14.08 -6.83 10.07
C ASP C 180 -14.69 -8.21 9.97
N THR C 181 -13.98 -9.25 10.39
CA THR C 181 -14.56 -10.57 10.40
C THR C 181 -14.40 -11.28 11.72
N PHE C 182 -15.30 -12.21 11.96
CA PHE C 182 -15.26 -13.04 13.14
C PHE C 182 -14.34 -14.23 12.90
N TYR C 183 -14.30 -14.70 11.66
CA TYR C 183 -13.59 -15.92 11.34
C TYR C 183 -12.16 -15.74 10.78
N PRO C 184 -12.01 -15.48 9.46
CA PRO C 184 -10.62 -15.48 9.00
C PRO C 184 -9.77 -14.36 9.60
N GLY C 185 -10.34 -13.19 9.82
CA GLY C 185 -9.59 -12.09 10.39
C GLY C 185 -9.14 -12.33 11.81
N GLN C 186 -9.77 -13.28 12.48
CA GLN C 186 -9.36 -13.65 13.84
C GLN C 186 -8.65 -15.00 13.77
N GLU C 187 -8.16 -15.31 12.58
CA GLU C 187 -7.48 -16.57 12.24
C GLU C 187 -8.13 -17.82 12.85
N ARG C 188 -9.44 -17.96 12.64
CA ARG C 188 -10.18 -19.18 12.99
C ARG C 188 -10.22 -20.13 11.80
N TYR C 189 -9.85 -21.39 12.06
CA TYR C 189 -9.86 -22.48 11.09
C TYR C 189 -11.06 -23.44 11.25
N ASP C 190 -11.78 -23.36 12.36
CA ASP C 190 -12.96 -24.18 12.61
C ASP C 190 -14.16 -23.69 11.78
N THR C 191 -14.08 -23.86 10.46
CA THR C 191 -14.95 -23.12 9.56
C THR C 191 -15.36 -23.95 8.34
N PHE C 192 -16.29 -23.43 7.56
CA PHE C 192 -16.69 -24.09 6.33
C PHE C 192 -15.50 -24.50 5.43
N SER C 193 -14.57 -23.59 5.18
CA SER C 193 -13.44 -23.90 4.29
C SER C 193 -12.28 -24.52 5.02
N GLY C 194 -12.19 -24.27 6.32
CA GLY C 194 -11.01 -24.63 7.08
C GLY C 194 -9.72 -23.91 6.68
N LYS C 195 -9.84 -22.82 5.93
CA LYS C 195 -8.65 -22.13 5.39
C LYS C 195 -8.59 -20.67 5.80
N VAL C 196 -7.38 -20.15 5.92
CA VAL C 196 -7.14 -18.73 6.00
C VAL C 196 -6.03 -18.44 4.99
N TYR C 197 -6.22 -17.44 4.16
CA TYR C 197 -5.24 -17.13 3.11
C TYR C 197 -4.00 -16.48 3.72
N PRO C 198 -2.87 -16.56 3.00
CA PRO C 198 -1.58 -16.24 3.60
C PRO C 198 -1.42 -14.92 4.34
N ALA C 199 -2.06 -13.84 3.91
CA ALA C 199 -1.92 -12.56 4.60
C ALA C 199 -2.42 -12.62 6.05
N TYR C 200 -3.33 -13.54 6.36
CA TYR C 200 -3.84 -13.69 7.73
C TYR C 200 -3.37 -14.96 8.44
N GLN C 201 -2.64 -15.83 7.74
CA GLN C 201 -1.97 -16.97 8.37
C GLN C 201 -0.89 -16.45 9.29
N GLY C 202 -0.83 -16.99 10.51
CA GLY C 202 0.12 -16.50 11.50
C GLY C 202 -0.22 -15.14 12.11
N SER C 203 -1.35 -14.54 11.76
CA SER C 203 -1.66 -13.19 12.26
C SER C 203 -1.98 -13.19 13.78
N LEU C 204 -2.62 -14.25 14.28
CA LEU C 204 -2.92 -14.35 15.71
C LEU C 204 -1.62 -14.28 16.50
N LYS C 205 -0.65 -15.12 16.16
CA LYS C 205 0.66 -15.07 16.78
C LYS C 205 1.35 -13.71 16.62
N GLN C 206 1.21 -13.11 15.45
CA GLN C 206 1.73 -11.77 15.24
C GLN C 206 1.20 -10.78 16.29
N TRP C 207 -0.11 -10.76 16.48
CA TRP C 207 -0.68 -9.82 17.44
C TRP C 207 -0.31 -10.17 18.88
N GLN C 208 -0.26 -11.46 19.23
CA GLN C 208 0.21 -11.87 20.56
C GLN C 208 1.60 -11.36 20.86
N ASP C 209 2.51 -11.55 19.91
CA ASP C 209 3.86 -11.06 20.05
C ASP C 209 3.94 -9.53 20.08
N LEU C 210 2.94 -8.82 19.58
CA LEU C 210 2.92 -7.36 19.69
C LEU C 210 2.09 -6.86 20.87
N ASN C 211 1.79 -7.78 21.79
CA ASN C 211 1.17 -7.46 23.06
C ASN C 211 -0.29 -7.03 22.95
N VAL C 212 -0.96 -7.47 21.87
CA VAL C 212 -2.36 -7.18 21.68
C VAL C 212 -3.14 -8.09 22.65
N MSE C 213 -4.13 -7.54 23.33
CA MSE C 213 -4.84 -8.25 24.39
C MSE C 213 -5.91 -9.20 23.88
O MSE C 213 -6.14 -10.27 24.45
CB MSE C 213 -5.58 -7.25 25.28
CG MSE C 213 -4.65 -6.40 26.13
SE MSE C 213 -5.66 -5.09 27.22
CE MSE C 213 -6.91 -4.28 25.93
N ASN C 214 -6.57 -8.79 22.79
CA ASN C 214 -7.82 -9.41 22.38
C ASN C 214 -8.27 -8.94 21.02
N TYR C 215 -9.23 -9.68 20.47
CA TYR C 215 -9.91 -9.31 19.25
C TYR C 215 -11.29 -8.82 19.59
N GLU C 216 -11.75 -7.90 18.77
CA GLU C 216 -13.08 -7.41 18.84
C GLU C 216 -13.38 -6.86 17.40
N MSE C 217 -14.57 -6.33 17.12
CA MSE C 217 -14.91 -6.00 15.73
C MSE C 217 -15.43 -4.60 15.50
O MSE C 217 -15.97 -4.32 14.42
CB MSE C 217 -15.95 -7.01 15.23
CG MSE C 217 -15.41 -8.44 15.23
SE MSE C 217 -16.80 -9.73 14.60
CE MSE C 217 -17.09 -9.02 12.78
N GLU C 218 -15.31 -3.70 16.47
CA GLU C 218 -15.95 -2.40 16.34
C GLU C 218 -15.07 -1.19 16.68
N SER C 219 -14.05 -1.40 17.49
CA SER C 219 -13.35 -0.28 18.11
C SER C 219 -12.52 0.55 17.16
N ALA C 220 -11.96 -0.05 16.11
CA ALA C 220 -11.17 0.72 15.15
C ALA C 220 -12.04 1.77 14.48
N THR C 221 -13.23 1.36 14.04
CA THR C 221 -14.17 2.30 13.45
C THR C 221 -14.61 3.33 14.47
N LEU C 222 -15.01 2.88 15.66
CA LEU C 222 -15.48 3.82 16.67
C LEU C 222 -14.42 4.88 17.01
N PHE C 223 -13.21 4.44 17.33
CA PHE C 223 -12.18 5.35 17.80
C PHE C 223 -11.72 6.27 16.67
N THR C 224 -11.57 5.73 15.47
CA THR C 224 -11.07 6.55 14.37
C THR C 224 -12.11 7.63 14.01
N MSE C 225 -13.38 7.24 13.92
CA MSE C 225 -14.42 8.21 13.52
C MSE C 225 -14.63 9.22 14.60
O MSE C 225 -14.83 10.40 14.32
CB MSE C 225 -15.72 7.49 13.13
CG MSE C 225 -16.59 7.08 14.30
SE MSE C 225 -18.14 6.06 13.62
CE MSE C 225 -19.05 7.66 12.95
N CYS C 226 -14.56 8.81 15.86
CA CYS C 226 -14.77 9.79 16.93
C CYS C 226 -13.64 10.84 17.00
N ALA C 227 -12.39 10.41 16.81
CA ALA C 227 -11.27 11.34 16.77
C ALA C 227 -11.42 12.28 15.59
N ALA C 228 -11.81 11.75 14.44
CA ALA C 228 -11.99 12.58 13.26
C ALA C 228 -13.15 13.57 13.39
N LEU C 229 -14.23 13.17 14.06
CA LEU C 229 -15.40 14.03 14.18
C LEU C 229 -15.38 14.92 15.42
N GLY C 230 -14.37 14.78 16.28
CA GLY C 230 -14.34 15.55 17.54
C GLY C 230 -15.29 15.01 18.61
N LEU C 231 -15.65 13.74 18.52
CA LEU C 231 -16.47 13.09 19.52
C LEU C 231 -15.57 12.29 20.46
N LYS C 232 -16.09 11.93 21.63
CA LYS C 232 -15.32 11.23 22.66
CA LYS C 232 -15.32 11.22 22.65
C LYS C 232 -15.78 9.78 22.74
N ALA C 233 -14.84 8.85 22.67
CA ALA C 233 -15.16 7.43 22.75
C ALA C 233 -14.25 6.68 23.72
N GLY C 234 -14.79 5.62 24.32
CA GLY C 234 -14.00 4.71 25.12
C GLY C 234 -14.62 3.35 25.05
N MSE C 235 -13.89 2.32 25.47
CA MSE C 235 -14.38 0.95 25.44
C MSE C 235 -13.90 0.12 26.59
O MSE C 235 -12.72 0.15 26.95
CB MSE C 235 -13.92 0.22 24.18
CG MSE C 235 -14.50 -1.20 24.14
SE MSE C 235 -14.25 -2.08 22.37
CE MSE C 235 -12.30 -1.98 22.36
N VAL C 236 -14.80 -0.69 27.13
CA VAL C 236 -14.48 -1.67 28.14
C VAL C 236 -15.11 -2.99 27.73
N ALA C 237 -14.46 -4.10 28.07
CA ALA C 237 -15.04 -5.41 27.80
C ALA C 237 -14.71 -6.40 28.89
N GLY C 238 -15.61 -7.34 29.08
CA GLY C 238 -15.39 -8.50 29.94
C GLY C 238 -14.92 -9.68 29.14
N VAL C 239 -13.89 -10.37 29.64
CA VAL C 239 -13.38 -11.55 28.98
C VAL C 239 -14.18 -12.79 29.35
N ILE C 240 -14.73 -13.44 28.34
CA ILE C 240 -15.51 -14.65 28.54
C ILE C 240 -14.90 -15.89 27.89
N VAL C 241 -13.87 -15.72 27.08
CA VAL C 241 -13.16 -16.87 26.51
C VAL C 241 -11.70 -16.51 26.25
N ASN C 242 -10.80 -17.48 26.35
CA ASN C 242 -9.42 -17.25 25.98
C ASN C 242 -9.03 -18.22 24.88
N ARG C 243 -8.67 -17.67 23.73
CA ARG C 243 -8.28 -18.44 22.55
C ARG C 243 -7.14 -19.44 22.81
N THR C 244 -6.25 -19.13 23.76
CA THR C 244 -5.09 -19.96 24.05
C THR C 244 -5.41 -21.08 25.06
N GLN C 245 -6.53 -20.98 25.75
CA GLN C 245 -6.80 -21.85 26.89
C GLN C 245 -7.73 -22.99 26.52
N GLN C 246 -7.64 -24.04 27.32
CA GLN C 246 -8.26 -25.32 27.01
C GLN C 246 -9.76 -25.28 27.29
N GLU C 247 -10.11 -24.99 28.55
CA GLU C 247 -11.44 -25.25 29.07
C GLU C 247 -12.40 -24.09 28.95
N ILE C 248 -13.59 -24.37 28.40
CA ILE C 248 -14.70 -23.42 28.36
C ILE C 248 -15.23 -23.23 29.79
N PRO C 249 -15.50 -21.97 30.18
CA PRO C 249 -16.08 -21.69 31.50
C PRO C 249 -17.61 -21.83 31.52
N ASN C 250 -18.16 -22.06 32.72
CA ASN C 250 -19.61 -22.19 32.90
C ASN C 250 -20.34 -20.87 32.69
N GLU C 251 -21.62 -20.95 32.32
CA GLU C 251 -22.38 -19.76 31.98
C GLU C 251 -22.93 -19.02 33.21
N ALA C 252 -22.28 -19.18 34.36
CA ALA C 252 -22.49 -18.30 35.50
C ALA C 252 -21.33 -17.30 35.59
N THR C 253 -20.10 -17.79 35.42
CA THR C 253 -18.94 -16.91 35.28
C THR C 253 -19.07 -16.02 34.03
N ILE C 254 -19.75 -16.51 32.98
CA ILE C 254 -20.04 -15.69 31.81
C ILE C 254 -20.93 -14.49 32.20
N LYS C 255 -21.95 -14.75 33.02
CA LYS C 255 -22.94 -13.74 33.35
C LYS C 255 -22.38 -12.76 34.37
N SER C 256 -21.64 -13.25 35.36
CA SER C 256 -20.97 -12.35 36.31
C SER C 256 -19.89 -11.48 35.64
N THR C 257 -19.28 -11.99 34.57
CA THR C 257 -18.33 -11.20 33.78
C THR C 257 -19.05 -10.05 33.06
N GLU C 258 -20.18 -10.37 32.45
CA GLU C 258 -20.98 -9.37 31.77
C GLU C 258 -21.43 -8.27 32.75
N GLN C 259 -21.80 -8.68 33.97
CA GLN C 259 -22.23 -7.75 35.03
C GLN C 259 -21.12 -6.79 35.41
N LYS C 260 -19.94 -7.36 35.59
CA LYS C 260 -18.72 -6.60 35.91
C LYS C 260 -18.50 -5.47 34.91
N ALA C 261 -18.63 -5.81 33.64
CA ALA C 261 -18.42 -4.86 32.55
C ALA C 261 -19.46 -3.74 32.57
N VAL C 262 -20.73 -4.08 32.79
CA VAL C 262 -21.81 -3.09 32.85
C VAL C 262 -21.60 -2.14 34.03
N ALA C 263 -21.21 -2.70 35.17
CA ALA C 263 -20.96 -1.91 36.37
C ALA C 263 -19.88 -0.89 36.10
N VAL C 264 -18.88 -1.29 35.32
CA VAL C 264 -17.82 -0.39 34.96
C VAL C 264 -18.33 0.73 34.06
N VAL C 265 -19.15 0.37 33.06
CA VAL C 265 -19.55 1.39 32.11
C VAL C 265 -20.55 2.36 32.71
N ILE C 266 -21.43 1.85 33.56
CA ILE C 266 -22.42 2.69 34.24
C ILE C 266 -21.75 3.72 35.14
N GLU C 267 -20.82 3.25 35.95
CA GLU C 267 -20.08 4.11 36.86
C GLU C 267 -19.21 5.13 36.09
N ALA C 268 -18.58 4.69 35.00
CA ALA C 268 -17.83 5.59 34.14
C ALA C 268 -18.73 6.69 33.58
N ALA C 269 -19.92 6.32 33.12
CA ALA C 269 -20.87 7.30 32.64
C ALA C 269 -21.22 8.33 33.72
N ARG C 270 -21.40 7.88 34.96
CA ARG C 270 -21.73 8.80 36.05
CA ARG C 270 -21.72 8.77 36.09
C ARG C 270 -20.60 9.77 36.32
N ARG C 271 -19.35 9.27 36.27
CA ARG C 271 -18.20 10.14 36.49
C ARG C 271 -18.10 11.18 35.40
N LEU C 272 -18.34 10.79 34.16
CA LEU C 272 -18.25 11.72 33.06
C LEU C 272 -19.31 12.78 33.19
N ILE C 273 -20.50 12.37 33.62
CA ILE C 273 -21.60 13.30 33.81
C ILE C 273 -21.30 14.27 34.96
N SER C 274 -20.88 13.76 36.10
CA SER C 274 -20.57 14.62 37.25
CA SER C 274 -20.59 14.62 37.24
C SER C 274 -19.44 15.59 36.93
N ALA C 275 -18.45 15.14 36.16
CA ALA C 275 -17.33 15.99 35.78
C ALA C 275 -17.73 17.14 34.85
N GLY C 276 -18.72 16.93 33.99
CA GLY C 276 -19.11 17.93 33.00
C GLY C 276 -20.01 19.04 33.51
N GLU D 25 20.76 32.18 10.33
CA GLU D 25 20.23 32.08 8.92
C GLU D 25 19.47 30.78 8.56
N VAL D 26 19.76 29.68 9.25
CA VAL D 26 18.99 28.44 9.09
C VAL D 26 18.54 27.95 10.46
N PHE D 27 17.44 27.19 10.49
CA PHE D 27 16.81 26.74 11.74
C PHE D 27 17.70 25.90 12.65
N HIS D 28 18.48 24.98 12.10
CA HIS D 28 19.17 23.97 12.93
C HIS D 28 20.69 24.02 12.96
N LEU D 29 21.34 24.33 11.84
CA LEU D 29 22.78 24.09 11.72
C LEU D 29 23.66 25.15 12.39
N GLY D 30 23.06 26.30 12.72
CA GLY D 30 23.81 27.42 13.33
C GLY D 30 24.79 28.05 12.35
N LEU D 31 24.42 28.07 11.06
CA LEU D 31 25.31 28.56 10.01
C LEU D 31 24.71 29.72 9.23
N THR D 32 25.60 30.48 8.58
CA THR D 32 25.19 31.54 7.67
C THR D 32 25.92 31.31 6.36
N LYS D 33 25.39 31.92 5.30
CA LYS D 33 25.98 31.83 3.98
C LYS D 33 27.43 32.34 4.02
N ALA D 34 27.62 33.48 4.69
CA ALA D 34 28.95 34.08 4.84
C ALA D 34 29.99 33.15 5.44
N MSE D 35 29.61 32.40 6.48
CA MSE D 35 30.56 31.50 7.14
C MSE D 35 31.07 30.40 6.26
O MSE D 35 32.12 29.82 6.54
CB MSE D 35 29.91 30.83 8.34
CG MSE D 35 29.68 31.81 9.49
SE MSE D 35 28.50 31.00 10.84
CE MSE D 35 28.02 32.68 11.79
N LEU D 36 30.33 30.05 5.19
CA LEU D 36 30.75 29.02 4.24
C LEU D 36 31.73 29.52 3.20
N LYS D 37 31.85 30.84 3.08
CA LYS D 37 32.83 31.48 2.20
C LYS D 37 32.76 30.93 0.79
N GLY D 38 31.55 30.67 0.31
CA GLY D 38 31.32 30.26 -1.08
C GLY D 38 31.27 28.78 -1.38
N ALA D 39 31.39 27.94 -0.36
CA ALA D 39 31.38 26.47 -0.54
C ALA D 39 30.18 25.95 -1.35
N LYS D 40 30.45 25.12 -2.35
CA LYS D 40 29.41 24.54 -3.21
C LYS D 40 29.29 23.02 -3.06
N ILE D 41 30.13 22.45 -2.22
CA ILE D 41 30.20 21.02 -2.05
C ILE D 41 30.36 20.74 -0.55
N ALA D 42 29.77 19.64 -0.09
CA ALA D 42 29.89 19.24 1.31
C ALA D 42 30.18 17.77 1.40
N VAL D 43 31.03 17.42 2.36
CA VAL D 43 31.19 16.04 2.79
C VAL D 43 30.40 15.88 4.08
N ILE D 44 29.59 14.82 4.13
CA ILE D 44 28.62 14.64 5.19
C ILE D 44 28.74 13.27 5.89
N PRO D 45 29.59 13.17 6.92
CA PRO D 45 29.63 11.94 7.71
C PRO D 45 28.51 11.93 8.75
N GLY D 46 28.30 10.79 9.39
CA GLY D 46 27.25 10.68 10.40
C GLY D 46 27.57 11.21 11.78
N ASP D 47 28.77 10.89 12.24
CA ASP D 47 29.23 11.14 13.61
C ASP D 47 29.85 12.54 13.71
N PRO D 48 29.34 13.41 14.62
CA PRO D 48 29.96 14.75 14.78
C PRO D 48 31.45 14.72 15.08
N ALA D 49 31.92 13.67 15.75
CA ALA D 49 33.33 13.55 16.07
C ALA D 49 34.20 13.44 14.81
N ARG D 50 33.63 12.95 13.72
CA ARG D 50 34.38 12.79 12.48
C ARG D 50 34.53 14.06 11.63
N SER D 51 33.78 15.13 11.94
CA SER D 51 33.83 16.31 11.10
C SER D 51 35.23 16.92 11.09
N GLU D 52 35.81 17.07 12.27
CA GLU D 52 37.15 17.62 12.41
C GLU D 52 38.17 16.69 11.74
N ARG D 53 38.11 15.40 12.04
CA ARG D 53 39.05 14.44 11.44
C ARG D 53 39.11 14.53 9.92
N ILE D 54 37.96 14.71 9.29
CA ILE D 54 37.89 14.79 7.84
C ILE D 54 38.36 16.15 7.36
N ALA D 55 37.96 17.19 8.07
CA ALA D 55 38.42 18.54 7.80
C ALA D 55 39.96 18.66 7.85
N GLN D 56 40.61 17.90 8.72
CA GLN D 56 42.07 17.98 8.89
C GLN D 56 42.85 17.41 7.72
N ARG D 57 42.18 16.76 6.79
CA ARG D 57 42.85 16.23 5.61
C ARG D 57 42.74 17.21 4.45
N MSE D 58 42.12 18.36 4.70
CA MSE D 58 42.04 19.44 3.73
CA MSE D 58 42.02 19.46 3.74
C MSE D 58 42.95 20.55 4.19
O MSE D 58 43.58 20.46 5.25
CB MSE D 58 40.60 19.92 3.63
CB MSE D 58 40.60 20.03 3.71
CG MSE D 58 39.64 18.75 3.37
CG MSE D 58 39.50 18.98 3.53
SE MSE D 58 37.84 19.42 2.95
SE MSE D 58 37.73 19.84 3.71
CE MSE D 58 37.29 19.91 4.77
CE MSE D 58 36.70 18.22 3.25
N ASP D 59 43.03 21.62 3.38
CA ASP D 59 43.84 22.79 3.69
C ASP D 59 43.07 23.83 4.50
N LYS D 60 43.77 24.50 5.40
CA LYS D 60 43.23 25.59 6.21
C LYS D 60 41.92 25.23 6.94
N PRO D 61 41.89 24.07 7.60
CA PRO D 61 40.68 23.67 8.30
C PRO D 61 40.31 24.63 9.42
N GLU D 62 39.03 24.95 9.55
CA GLU D 62 38.55 25.76 10.66
C GLU D 62 37.16 25.36 11.08
N PHE D 63 36.92 25.47 12.38
CA PHE D 63 35.65 25.17 13.00
C PHE D 63 34.61 26.20 12.57
N LEU D 64 33.40 25.74 12.24
CA LEU D 64 32.29 26.65 11.96
C LEU D 64 31.27 26.68 13.10
N ALA D 65 30.69 25.53 13.42
CA ALA D 65 29.62 25.50 14.42
C ALA D 65 29.33 24.10 14.91
N SER D 66 28.61 24.03 16.02
CA SER D 66 28.14 22.78 16.56
C SER D 66 26.80 23.02 17.22
N SER D 67 25.76 22.33 16.74
CA SER D 67 24.42 22.49 17.27
C SER D 67 23.70 21.16 17.11
N ARG D 68 23.15 20.65 18.21
CA ARG D 68 22.58 19.30 18.25
C ARG D 68 23.59 18.33 17.62
N GLU D 69 23.15 17.43 16.74
CA GLU D 69 24.06 16.47 16.12
C GLU D 69 24.84 17.02 14.93
N PHE D 70 24.68 18.31 14.61
CA PHE D 70 25.33 18.91 13.45
C PHE D 70 26.58 19.71 13.83
N THR D 71 27.74 19.14 13.55
CA THR D 71 29.03 19.79 13.78
C THR D 71 29.70 20.02 12.44
N SER D 72 30.00 21.29 12.15
CA SER D 72 30.46 21.70 10.84
C SER D 72 31.85 22.33 10.88
N TRP D 73 32.67 21.95 9.91
CA TRP D 73 34.01 22.50 9.71
C TRP D 73 34.12 22.93 8.25
N LEU D 74 35.03 23.85 7.97
CA LEU D 74 35.32 24.26 6.61
C LEU D 74 36.77 23.95 6.31
N GLY D 75 37.05 23.57 5.07
CA GLY D 75 38.42 23.32 4.62
C GLY D 75 38.56 23.67 3.15
N TYR D 76 39.76 23.50 2.60
CA TYR D 76 40.01 23.84 1.19
C TYR D 76 40.70 22.73 0.45
N LEU D 77 40.26 22.52 -0.78
CA LEU D 77 40.80 21.51 -1.67
C LEU D 77 40.83 22.16 -3.05
N GLU D 78 42.00 22.10 -3.70
CA GLU D 78 42.21 22.78 -4.98
C GLU D 78 41.87 24.26 -4.90
N ASN D 79 42.21 24.88 -3.78
CA ASN D 79 41.86 26.28 -3.50
C ASN D 79 40.36 26.62 -3.52
N GLU D 80 39.50 25.64 -3.23
CA GLU D 80 38.04 25.89 -3.16
C GLU D 80 37.52 25.44 -1.80
N PRO D 81 36.64 26.23 -1.19
CA PRO D 81 36.08 25.87 0.11
C PRO D 81 35.13 24.68 0.05
N VAL D 82 35.27 23.78 1.03
CA VAL D 82 34.45 22.60 1.16
C VAL D 82 33.97 22.47 2.60
N VAL D 83 32.66 22.29 2.78
CA VAL D 83 32.10 22.09 4.13
C VAL D 83 32.15 20.61 4.47
N VAL D 84 32.43 20.33 5.74
CA VAL D 84 32.22 19.02 6.34
C VAL D 84 31.17 19.25 7.42
N CYS D 85 30.03 18.55 7.32
CA CYS D 85 28.97 18.67 8.31
C CYS D 85 28.45 17.30 8.68
N SER D 86 28.37 17.01 9.98
CA SER D 86 27.81 15.73 10.47
C SER D 86 26.29 15.77 10.39
N THR D 87 25.68 14.62 10.16
CA THR D 87 24.24 14.54 9.89
C THR D 87 23.46 13.95 11.05
N GLY D 88 24.16 13.27 11.95
CA GLY D 88 23.53 12.40 12.93
C GLY D 88 23.09 11.12 12.27
N ILE D 89 22.37 10.30 13.01
CA ILE D 89 21.93 9.00 12.49
C ILE D 89 20.54 9.13 11.91
N GLY D 90 20.38 8.71 10.66
CA GLY D 90 19.07 8.54 10.06
C GLY D 90 18.60 9.60 9.09
N GLY D 91 17.65 9.22 8.25
CA GLY D 91 17.09 10.12 7.26
C GLY D 91 16.59 11.47 7.77
N PRO D 92 15.86 11.49 8.90
CA PRO D 92 15.30 12.75 9.39
C PRO D 92 16.35 13.81 9.65
N SER D 93 17.44 13.47 10.32
CA SER D 93 18.46 14.47 10.60
C SER D 93 19.28 14.77 9.33
N VAL D 94 19.49 13.78 8.49
CA VAL D 94 20.12 13.99 7.19
C VAL D 94 19.31 14.98 6.34
N SER D 95 17.99 14.85 6.33
CA SER D 95 17.14 15.74 5.52
C SER D 95 17.23 17.20 5.99
N ILE D 96 17.45 17.41 7.28
CA ILE D 96 17.59 18.76 7.82
C ILE D 96 18.94 19.37 7.36
N CYS D 97 20.00 18.60 7.53
CA CYS D 97 21.34 19.00 7.12
C CYS D 97 21.41 19.38 5.65
N VAL D 98 20.98 18.47 4.79
CA VAL D 98 21.06 18.69 3.34
C VAL D 98 20.22 19.89 2.90
N GLU D 99 18.98 19.95 3.38
CA GLU D 99 18.11 21.07 3.08
C GLU D 99 18.70 22.42 3.49
N GLU D 100 19.27 22.48 4.67
CA GLU D 100 19.77 23.74 5.20
C GLU D 100 21.07 24.11 4.53
N LEU D 101 21.97 23.15 4.30
CA LEU D 101 23.15 23.44 3.47
C LEU D 101 22.77 23.91 2.06
N ALA D 102 21.69 23.36 1.48
CA ALA D 102 21.27 23.78 0.14
C ALA D 102 20.73 25.21 0.12
N GLN D 103 20.04 25.61 1.20
CA GLN D 103 19.64 27.00 1.35
C GLN D 103 20.84 27.95 1.39
N LEU D 104 21.99 27.43 1.83
CA LEU D 104 23.21 28.23 1.97
C LEU D 104 24.15 28.05 0.78
N GLY D 105 23.66 27.41 -0.28
CA GLY D 105 24.35 27.38 -1.55
C GLY D 105 25.14 26.11 -1.89
N VAL D 106 25.10 25.11 -1.02
CA VAL D 106 25.78 23.85 -1.33
C VAL D 106 24.95 23.01 -2.31
N GLY D 107 25.60 22.53 -3.35
CA GLY D 107 24.90 21.84 -4.45
C GLY D 107 25.25 20.38 -4.60
N THR D 108 26.32 19.95 -3.93
CA THR D 108 26.87 18.61 -4.10
C THR D 108 27.20 18.05 -2.73
N PHE D 109 26.80 16.79 -2.52
CA PHE D 109 26.90 16.14 -1.22
C PHE D 109 27.53 14.79 -1.38
N LEU D 110 28.63 14.57 -0.66
CA LEU D 110 29.33 13.29 -0.69
C LEU D 110 29.26 12.63 0.68
N ARG D 111 28.53 11.53 0.74
CA ARG D 111 28.35 10.77 1.97
C ARG D 111 29.51 9.80 2.14
N ILE D 112 30.09 9.80 3.32
CA ILE D 112 31.09 8.80 3.64
C ILE D 112 30.68 8.11 4.91
N GLY D 113 30.81 6.78 4.92
CA GLY D 113 30.43 6.00 6.10
C GLY D 113 31.25 4.74 6.27
N THR D 114 30.98 4.02 7.34
CA THR D 114 31.48 2.64 7.50
C THR D 114 30.22 1.80 7.64
N THR D 115 30.28 0.55 7.25
CA THR D 115 29.07 -0.21 7.03
C THR D 115 29.33 -1.70 7.27
N GLY D 116 28.24 -2.43 7.45
CA GLY D 116 28.27 -3.88 7.45
C GLY D 116 27.74 -4.44 6.14
N ALA D 117 28.48 -5.38 5.55
CA ALA D 117 28.07 -6.02 4.31
C ALA D 117 27.22 -7.23 4.60
N ILE D 118 26.36 -7.59 3.65
CA ILE D 118 25.52 -8.77 3.79
C ILE D 118 25.82 -9.87 2.77
N GLN D 119 26.78 -9.64 1.87
CA GLN D 119 27.21 -10.64 0.90
C GLN D 119 28.51 -11.30 1.36
N PRO D 120 28.63 -12.65 1.26
CA PRO D 120 29.85 -13.33 1.78
C PRO D 120 31.14 -12.91 1.10
N TYR D 121 31.07 -12.54 -0.17
CA TYR D 121 32.28 -12.24 -0.94
C TYR D 121 32.88 -10.87 -0.59
N ILE D 122 32.14 -10.04 0.14
CA ILE D 122 32.62 -8.72 0.51
C ILE D 122 33.37 -8.82 1.82
N ASN D 123 34.60 -8.34 1.83
CA ASN D 123 35.47 -8.50 2.98
C ASN D 123 35.61 -7.26 3.79
N VAL D 124 35.92 -7.45 5.05
CA VAL D 124 36.26 -6.33 5.90
C VAL D 124 37.44 -5.62 5.25
N GLY D 125 37.37 -4.29 5.21
CA GLY D 125 38.34 -3.47 4.52
C GLY D 125 37.93 -3.05 3.11
N ASP D 126 36.98 -3.75 2.50
CA ASP D 126 36.51 -3.37 1.17
C ASP D 126 35.79 -2.04 1.17
N VAL D 127 35.76 -1.43 0.00
CA VAL D 127 35.13 -0.14 -0.20
C VAL D 127 33.92 -0.30 -1.11
N LEU D 128 32.80 0.29 -0.74
CA LEU D 128 31.58 0.17 -1.56
C LEU D 128 31.17 1.52 -2.10
N VAL D 129 30.84 1.57 -3.38
CA VAL D 129 30.24 2.77 -3.97
C VAL D 129 28.80 2.43 -4.35
N THR D 130 27.87 3.24 -3.88
CA THR D 130 26.45 2.91 -3.96
C THR D 130 25.77 3.64 -5.12
N THR D 131 25.15 2.89 -6.02
CA THR D 131 24.48 3.48 -7.17
C THR D 131 23.04 3.82 -6.85
N GLY D 132 22.42 3.01 -6.01
CA GLY D 132 21.01 3.18 -5.64
C GLY D 132 20.69 2.50 -4.32
N ALA D 133 19.60 2.95 -3.71
CA ALA D 133 19.22 2.47 -2.40
C ALA D 133 17.81 1.85 -2.38
N VAL D 134 17.68 0.75 -1.63
CA VAL D 134 16.38 0.23 -1.26
C VAL D 134 15.80 1.20 -0.23
N ARG D 135 14.62 1.71 -0.50
CA ARG D 135 13.97 2.69 0.36
C ARG D 135 13.24 2.03 1.53
N LEU D 136 13.98 1.67 2.57
CA LEU D 136 13.36 1.15 3.81
C LEU D 136 13.32 2.22 4.89
N ASP D 137 13.13 3.47 4.45
CA ASP D 137 13.17 4.64 5.30
C ASP D 137 11.83 5.35 5.16
N GLY D 138 11.59 6.36 5.98
CA GLY D 138 10.35 7.12 5.86
C GLY D 138 10.53 8.45 5.13
N ALA D 139 11.67 9.10 5.37
CA ALA D 139 11.87 10.46 4.89
C ALA D 139 11.85 10.60 3.35
N SER D 140 12.31 9.59 2.62
CA SER D 140 12.34 9.66 1.18
C SER D 140 10.93 9.86 0.62
N ARG D 141 9.95 9.23 1.26
CA ARG D 141 8.55 9.31 0.84
C ARG D 141 7.96 10.70 0.97
N HIS D 142 8.63 11.58 1.70
CA HIS D 142 8.21 12.95 1.80
C HIS D 142 8.71 13.79 0.63
N PHE D 143 9.65 13.25 -0.15
CA PHE D 143 10.21 13.94 -1.31
C PHE D 143 9.71 13.37 -2.63
N ALA D 144 9.38 12.08 -2.67
CA ALA D 144 8.88 11.46 -3.90
C ALA D 144 8.16 10.16 -3.56
N PRO D 145 7.19 9.75 -4.40
CA PRO D 145 6.50 8.49 -4.11
C PRO D 145 7.45 7.31 -4.19
N LEU D 146 7.04 6.20 -3.57
CA LEU D 146 7.93 5.07 -3.42
C LEU D 146 8.53 4.55 -4.75
N GLU D 147 7.74 4.61 -5.81
CA GLU D 147 8.15 4.06 -7.11
C GLU D 147 9.31 4.81 -7.77
N TYR D 148 9.60 6.02 -7.28
CA TYR D 148 10.73 6.84 -7.77
C TYR D 148 12.05 6.29 -7.24
N PRO D 149 13.06 6.22 -8.11
CA PRO D 149 14.26 5.54 -7.69
C PRO D 149 15.17 6.41 -6.81
N ALA D 150 15.69 5.82 -5.75
CA ALA D 150 16.71 6.47 -4.91
C ALA D 150 18.08 6.16 -5.53
N VAL D 151 18.46 7.00 -6.49
CA VAL D 151 19.63 6.77 -7.34
CA VAL D 151 19.65 6.74 -7.30
C VAL D 151 20.64 7.90 -7.15
N ALA D 152 21.93 7.55 -7.12
CA ALA D 152 22.99 8.54 -6.96
C ALA D 152 23.23 9.31 -8.25
N ASP D 153 23.79 10.50 -8.09
CA ASP D 153 24.25 11.28 -9.21
C ASP D 153 25.39 10.56 -9.96
N PHE D 154 25.31 10.59 -11.27
CA PHE D 154 26.29 9.95 -12.15
C PHE D 154 27.71 10.47 -11.92
N SER D 155 27.87 11.79 -11.91
CA SER D 155 29.21 12.36 -11.83
C SER D 155 29.83 12.09 -10.45
N CYS D 156 29.05 12.19 -9.38
CA CYS D 156 29.56 11.88 -8.03
C CYS D 156 30.00 10.42 -7.90
N THR D 157 29.18 9.52 -8.43
CA THR D 157 29.46 8.10 -8.36
C THR D 157 30.76 7.76 -9.11
N ASN D 158 30.89 8.32 -10.31
CA ASN D 158 32.12 8.20 -11.09
C ASN D 158 33.35 8.78 -10.42
N ALA D 159 33.22 9.93 -9.81
CA ALA D 159 34.35 10.52 -9.11
C ALA D 159 34.82 9.63 -7.96
N LEU D 160 33.87 9.05 -7.24
CA LEU D 160 34.19 8.18 -6.11
C LEU D 160 34.83 6.91 -6.59
N TYR D 161 34.27 6.34 -7.63
CA TYR D 161 34.86 5.14 -8.21
C TYR D 161 36.28 5.41 -8.74
N SER D 162 36.45 6.50 -9.46
CA SER D 162 37.75 6.82 -10.06
C SER D 162 38.81 7.05 -9.00
N ALA D 163 38.42 7.77 -7.96
CA ALA D 163 39.31 8.11 -6.87
C ALA D 163 39.83 6.83 -6.23
N ALA D 164 38.92 5.88 -5.99
CA ALA D 164 39.30 4.61 -5.40
C ALA D 164 40.27 3.86 -6.30
N VAL D 165 39.92 3.70 -7.58
CA VAL D 165 40.78 2.96 -8.52
C VAL D 165 42.17 3.62 -8.58
N ALA D 166 42.22 4.95 -8.60
CA ALA D 166 43.49 5.68 -8.61
C ALA D 166 44.30 5.54 -7.33
N GLN D 167 43.68 5.07 -6.24
CA GLN D 167 44.41 4.80 -4.99
C GLN D 167 44.69 3.32 -4.80
N GLY D 168 44.50 2.53 -5.84
CA GLY D 168 44.82 1.10 -5.81
C GLY D 168 43.69 0.21 -5.34
N ILE D 169 42.50 0.78 -5.15
CA ILE D 169 41.35 0.05 -4.60
C ILE D 169 40.36 -0.29 -5.71
N THR D 170 39.93 -1.54 -5.78
CA THR D 170 38.83 -1.98 -6.63
C THR D 170 37.51 -2.05 -5.83
N PRO D 171 36.68 -0.99 -5.89
CA PRO D 171 35.46 -1.00 -5.08
C PRO D 171 34.34 -1.84 -5.69
N TYR D 172 33.43 -2.33 -4.84
CA TYR D 172 32.18 -2.90 -5.31
C TYR D 172 31.23 -1.74 -5.58
N VAL D 173 30.46 -1.86 -6.66
CA VAL D 173 29.54 -0.82 -7.05
C VAL D 173 28.18 -1.48 -7.17
N GLY D 174 27.17 -0.91 -6.50
CA GLY D 174 25.86 -1.52 -6.51
C GLY D 174 24.87 -0.94 -5.51
N ILE D 175 23.93 -1.78 -5.11
CA ILE D 175 22.77 -1.38 -4.36
C ILE D 175 22.97 -1.60 -2.86
N THR D 176 22.49 -0.63 -2.09
CA THR D 176 22.52 -0.64 -0.64
C THR D 176 21.07 -0.62 -0.10
N ALA D 177 20.81 -1.35 0.98
CA ALA D 177 19.51 -1.29 1.65
C ALA D 177 19.56 -0.24 2.75
N SER D 178 18.68 0.75 2.67
CA SER D 178 18.74 1.91 3.55
C SER D 178 17.57 1.87 4.51
N SER D 179 17.89 1.58 5.77
CA SER D 179 16.92 1.24 6.80
C SER D 179 16.78 2.35 7.83
N ASP D 180 15.54 2.67 8.18
CA ASP D 180 15.26 3.60 9.27
C ASP D 180 15.59 3.05 10.65
N THR D 181 15.88 1.75 10.77
CA THR D 181 16.35 1.23 12.04
C THR D 181 17.66 0.50 11.93
N PHE D 182 18.37 0.46 13.05
CA PHE D 182 19.60 -0.30 13.16
C PHE D 182 19.28 -1.76 13.47
N TYR D 183 18.21 -2.00 14.23
CA TYR D 183 17.90 -3.34 14.70
C TYR D 183 16.88 -4.15 13.84
N PRO D 184 15.55 -3.96 14.05
CA PRO D 184 14.68 -4.89 13.32
C PRO D 184 14.72 -4.73 11.80
N GLY D 185 14.86 -3.50 11.30
CA GLY D 185 14.93 -3.27 9.86
C GLY D 185 16.16 -3.86 9.19
N GLN D 186 17.18 -4.17 9.99
CA GLN D 186 18.34 -4.94 9.52
C GLN D 186 18.30 -6.39 9.97
N GLU D 187 17.11 -6.84 10.33
CA GLU D 187 16.83 -8.17 10.84
C GLU D 187 17.85 -8.66 11.87
N ARG D 188 18.09 -7.84 12.88
CA ARG D 188 18.89 -8.22 14.05
CA ARG D 188 18.89 -8.23 14.04
C ARG D 188 17.99 -8.87 15.11
N TYR D 189 18.45 -10.00 15.66
CA TYR D 189 17.76 -10.70 16.73
C TYR D 189 18.52 -10.59 18.08
N ASP D 190 19.70 -9.98 18.07
CA ASP D 190 20.51 -9.79 19.29
C ASP D 190 20.03 -8.58 20.07
N THR D 191 18.80 -8.63 20.57
CA THR D 191 18.07 -7.42 21.00
C THR D 191 17.27 -7.68 22.26
N PHE D 192 16.74 -6.61 22.84
CA PHE D 192 15.88 -6.73 24.01
C PHE D 192 14.73 -7.72 23.83
N SER D 193 14.01 -7.63 22.72
CA SER D 193 12.90 -8.54 22.50
C SER D 193 13.37 -9.85 21.90
N GLY D 194 14.47 -9.84 21.15
CA GLY D 194 14.88 -11.03 20.40
C GLY D 194 13.94 -11.36 19.26
N LYS D 195 13.05 -10.45 18.88
CA LYS D 195 12.02 -10.74 17.90
C LYS D 195 12.06 -9.73 16.76
N VAL D 196 11.64 -10.20 15.59
CA VAL D 196 11.36 -9.33 14.46
C VAL D 196 10.01 -9.76 13.93
N TYR D 197 9.11 -8.80 13.67
CA TYR D 197 7.77 -9.15 13.24
C TYR D 197 7.77 -9.60 11.78
N PRO D 198 6.76 -10.38 11.38
CA PRO D 198 6.78 -11.15 10.13
C PRO D 198 7.17 -10.42 8.86
N ALA D 199 6.77 -9.15 8.70
CA ALA D 199 7.10 -8.40 7.49
C ALA D 199 8.61 -8.19 7.30
N TYR D 200 9.40 -8.22 8.38
CA TYR D 200 10.85 -8.12 8.27
C TYR D 200 11.58 -9.45 8.52
N GLN D 201 10.84 -10.50 8.90
CA GLN D 201 11.46 -11.84 9.00
C GLN D 201 11.79 -12.35 7.60
N GLY D 202 13.03 -12.80 7.42
CA GLY D 202 13.51 -13.26 6.13
C GLY D 202 13.98 -12.14 5.23
N SER D 203 13.95 -10.90 5.73
CA SER D 203 14.25 -9.75 4.88
C SER D 203 15.73 -9.67 4.52
N LEU D 204 16.62 -10.06 5.44
CA LEU D 204 18.05 -9.99 5.13
C LEU D 204 18.38 -10.95 3.95
N LYS D 205 17.89 -12.17 4.07
CA LYS D 205 18.01 -13.17 3.01
C LYS D 205 17.39 -12.68 1.69
N GLN D 206 16.25 -12.02 1.78
CA GLN D 206 15.62 -11.44 0.59
C GLN D 206 16.57 -10.48 -0.12
N TRP D 207 17.18 -9.58 0.62
CA TRP D 207 18.07 -8.60 0.02
C TRP D 207 19.35 -9.25 -0.53
N GLN D 208 19.91 -10.23 0.19
CA GLN D 208 21.07 -10.98 -0.29
C GLN D 208 20.80 -11.60 -1.66
N ASP D 209 19.65 -12.23 -1.77
CA ASP D 209 19.21 -12.85 -3.00
C ASP D 209 18.92 -11.85 -4.12
N LEU D 210 18.65 -10.61 -3.78
CA LEU D 210 18.50 -9.54 -4.75
C LEU D 210 19.79 -8.74 -4.98
N ASN D 211 20.92 -9.28 -4.53
CA ASN D 211 22.24 -8.73 -4.77
C ASN D 211 22.55 -7.40 -4.09
N VAL D 212 21.87 -7.13 -2.99
CA VAL D 212 22.15 -5.94 -2.21
C VAL D 212 23.49 -6.17 -1.47
N MSE D 213 24.35 -5.16 -1.42
CA MSE D 213 25.69 -5.32 -0.85
C MSE D 213 25.69 -5.22 0.64
O MSE D 213 26.44 -5.93 1.32
CB MSE D 213 26.62 -4.21 -1.37
CG MSE D 213 26.82 -4.27 -2.88
SE MSE D 213 28.00 -2.80 -3.48
CE MSE D 213 27.13 -1.21 -2.76
N ASN D 214 24.89 -4.31 1.18
CA ASN D 214 25.02 -3.89 2.57
C ASN D 214 23.80 -3.14 3.06
N TYR D 215 23.76 -2.94 4.38
CA TYR D 215 22.80 -2.04 4.99
C TYR D 215 23.46 -0.75 5.41
N GLU D 216 22.66 0.30 5.37
CA GLU D 216 23.08 1.57 5.90
C GLU D 216 21.76 2.30 6.31
N MSE D 217 21.83 3.52 6.85
CA MSE D 217 20.60 4.16 7.37
C MSE D 217 20.29 5.54 6.84
O MSE D 217 19.43 6.23 7.40
CB MSE D 217 20.68 4.21 8.89
CG MSE D 217 20.86 2.82 9.51
SE MSE D 217 20.89 2.87 11.48
CE MSE D 217 19.15 3.74 11.82
N GLU D 218 20.93 5.98 5.77
CA GLU D 218 20.81 7.37 5.33
C GLU D 218 20.65 7.62 3.82
N SER D 219 21.08 6.69 2.98
CA SER D 219 21.24 6.98 1.55
C SER D 219 19.94 7.06 0.76
N ALA D 220 18.91 6.35 1.20
CA ALA D 220 17.62 6.45 0.54
C ALA D 220 17.10 7.86 0.64
N THR D 221 17.21 8.45 1.83
CA THR D 221 16.76 9.81 2.03
C THR D 221 17.63 10.77 1.20
N LEU D 222 18.94 10.62 1.34
CA LEU D 222 19.88 11.46 0.62
C LEU D 222 19.66 11.43 -0.89
N PHE D 223 19.64 10.24 -1.47
CA PHE D 223 19.52 10.13 -2.93
C PHE D 223 18.18 10.63 -3.43
N THR D 224 17.11 10.27 -2.72
CA THR D 224 15.78 10.62 -3.18
C THR D 224 15.61 12.14 -3.10
N MSE D 225 15.99 12.73 -1.98
CA MSE D 225 15.81 14.15 -1.81
C MSE D 225 16.69 14.94 -2.77
O MSE D 225 16.26 15.96 -3.30
CB MSE D 225 16.02 14.56 -0.35
CG MSE D 225 17.48 14.80 0.02
SE MSE D 225 17.58 15.23 1.95
CE MSE D 225 16.83 17.05 1.91
N CYS D 226 17.90 14.49 -3.02
CA CYS D 226 18.78 15.22 -3.92
C CYS D 226 18.28 15.18 -5.36
N ALA D 227 17.74 14.04 -5.79
CA ALA D 227 17.16 13.92 -7.12
C ALA D 227 15.93 14.85 -7.25
N ALA D 228 15.09 14.83 -6.23
CA ALA D 228 13.90 15.69 -6.19
C ALA D 228 14.21 17.19 -6.21
N LEU D 229 15.28 17.60 -5.52
CA LEU D 229 15.64 19.01 -5.40
C LEU D 229 16.63 19.48 -6.45
N GLY D 230 17.17 18.57 -7.26
CA GLY D 230 18.17 18.94 -8.26
C GLY D 230 19.57 19.11 -7.71
N LEU D 231 19.86 18.43 -6.59
CA LEU D 231 21.18 18.44 -5.99
C LEU D 231 21.94 17.18 -6.35
N LYS D 232 23.24 17.20 -6.17
CA LYS D 232 24.06 16.06 -6.55
C LYS D 232 24.61 15.33 -5.33
N ALA D 233 24.41 14.00 -5.31
CA ALA D 233 24.82 13.13 -4.20
C ALA D 233 25.50 11.84 -4.65
N GLY D 234 26.45 11.39 -3.85
CA GLY D 234 27.05 10.06 -4.00
C GLY D 234 27.45 9.54 -2.64
N MSE D 235 27.77 8.25 -2.56
CA MSE D 235 28.11 7.65 -1.28
C MSE D 235 29.18 6.63 -1.48
O MSE D 235 29.12 5.84 -2.42
CB MSE D 235 26.91 6.94 -0.64
CG MSE D 235 27.36 6.26 0.67
SE MSE D 235 25.80 5.77 1.76
CE MSE D 235 25.04 4.39 0.60
N VAL D 236 30.16 6.66 -0.58
CA VAL D 236 31.20 5.64 -0.47
C VAL D 236 31.26 5.20 1.00
N ALA D 237 31.58 3.93 1.22
CA ALA D 237 31.62 3.37 2.59
C ALA D 237 32.72 2.35 2.66
N GLY D 238 33.32 2.26 3.85
CA GLY D 238 34.26 1.19 4.16
C GLY D 238 33.57 0.08 4.93
N VAL D 239 33.87 -1.16 4.60
CA VAL D 239 33.23 -2.29 5.27
C VAL D 239 33.99 -2.68 6.53
N ILE D 240 33.35 -2.58 7.69
CA ILE D 240 33.98 -2.94 8.95
C ILE D 240 33.47 -4.26 9.51
N VAL D 241 32.40 -4.81 8.93
CA VAL D 241 31.81 -6.02 9.48
C VAL D 241 31.03 -6.70 8.39
N ASN D 242 31.01 -8.02 8.44
CA ASN D 242 30.18 -8.81 7.53
C ASN D 242 29.15 -9.60 8.32
N ARG D 243 27.87 -9.36 8.04
CA ARG D 243 26.78 -10.01 8.74
C ARG D 243 26.78 -11.52 8.56
N THR D 244 27.44 -12.04 7.53
CA THR D 244 27.50 -13.50 7.33
C THR D 244 28.66 -14.19 8.04
N GLN D 245 29.55 -13.40 8.65
CA GLN D 245 30.71 -13.94 9.39
C GLN D 245 30.48 -13.78 10.88
N GLN D 246 31.31 -14.44 11.68
CA GLN D 246 31.23 -14.31 13.14
C GLN D 246 32.07 -13.15 13.71
N GLU D 247 33.14 -12.77 13.02
CA GLU D 247 34.02 -11.68 13.49
C GLU D 247 33.34 -10.32 13.68
N ILE D 248 33.81 -9.62 14.71
CA ILE D 248 33.36 -8.28 15.08
C ILE D 248 34.60 -7.39 14.95
N PRO D 249 34.43 -6.13 14.50
CA PRO D 249 35.61 -5.28 14.31
C PRO D 249 36.13 -4.63 15.59
N ASN D 250 37.44 -4.64 15.76
CA ASN D 250 38.06 -3.82 16.80
C ASN D 250 38.25 -2.40 16.27
N GLU D 251 38.64 -1.48 17.15
CA GLU D 251 38.70 -0.08 16.77
C GLU D 251 39.82 0.21 15.79
N ALA D 252 40.89 -0.61 15.79
CA ALA D 252 42.00 -0.41 14.85
C ALA D 252 41.53 -0.68 13.42
N THR D 253 40.81 -1.79 13.24
CA THR D 253 40.15 -2.12 11.97
C THR D 253 39.19 -1.02 11.52
N ILE D 254 38.36 -0.53 12.44
CA ILE D 254 37.45 0.54 12.12
C ILE D 254 38.23 1.75 11.65
N LYS D 255 39.28 2.09 12.41
CA LYS D 255 40.11 3.25 12.14
C LYS D 255 40.77 3.16 10.76
N SER D 256 41.40 2.04 10.44
CA SER D 256 42.07 1.90 9.15
C SER D 256 41.07 1.91 7.98
N THR D 257 39.93 1.26 8.16
CA THR D 257 38.90 1.24 7.13
C THR D 257 38.33 2.64 6.88
N GLU D 258 38.02 3.35 7.96
CA GLU D 258 37.59 4.72 7.89
C GLU D 258 38.59 5.57 7.12
N GLN D 259 39.88 5.43 7.45
CA GLN D 259 40.92 6.21 6.77
C GLN D 259 40.96 5.94 5.28
N LYS D 260 40.86 4.66 4.93
CA LYS D 260 40.76 4.24 3.54
C LYS D 260 39.62 4.98 2.80
N ALA D 261 38.44 4.99 3.40
CA ALA D 261 37.25 5.56 2.79
C ALA D 261 37.32 7.08 2.74
N VAL D 262 37.86 7.69 3.79
CA VAL D 262 38.08 9.14 3.79
C VAL D 262 39.01 9.55 2.65
N ALA D 263 40.06 8.79 2.40
CA ALA D 263 40.99 9.11 1.34
C ALA D 263 40.23 9.14 0.00
N VAL D 264 39.38 8.13 -0.22
CA VAL D 264 38.56 8.12 -1.43
C VAL D 264 37.70 9.37 -1.59
N VAL D 265 36.96 9.72 -0.56
CA VAL D 265 36.01 10.83 -0.67
C VAL D 265 36.69 12.20 -0.84
N ILE D 266 37.84 12.39 -0.18
CA ILE D 266 38.60 13.63 -0.34
C ILE D 266 39.06 13.75 -1.80
N GLU D 267 39.59 12.68 -2.37
CA GLU D 267 40.05 12.71 -3.75
C GLU D 267 38.88 12.93 -4.72
N ALA D 268 37.76 12.26 -4.46
CA ALA D 268 36.59 12.45 -5.31
C ALA D 268 36.18 13.91 -5.31
N ALA D 269 36.23 14.55 -4.15
CA ALA D 269 35.94 15.97 -4.07
C ALA D 269 36.91 16.82 -4.93
N ARG D 270 38.21 16.50 -4.87
CA ARG D 270 39.20 17.18 -5.74
C ARG D 270 38.80 17.03 -7.19
N ARG D 271 38.43 15.82 -7.59
CA ARG D 271 38.08 15.55 -8.98
C ARG D 271 36.85 16.31 -9.43
N LEU D 272 35.86 16.44 -8.54
CA LEU D 272 34.66 17.18 -8.90
C LEU D 272 34.96 18.67 -8.98
N ILE D 273 35.76 19.16 -8.04
CA ILE D 273 36.18 20.56 -8.05
C ILE D 273 36.98 20.91 -9.32
N SER D 274 37.97 20.09 -9.64
CA SER D 274 38.78 20.29 -10.85
C SER D 274 37.95 20.28 -12.10
N ALA D 275 37.06 19.30 -12.22
CA ALA D 275 36.21 19.17 -13.41
C ALA D 275 35.19 20.31 -13.54
N GLY D 276 34.72 20.85 -12.42
CA GLY D 276 33.64 21.85 -12.43
C GLY D 276 34.00 23.18 -13.07
N GLU E 25 -25.39 -26.86 16.04
CA GLU E 25 -25.76 -25.41 16.11
C GLU E 25 -24.58 -24.46 15.87
N VAL E 26 -24.87 -23.32 15.23
CA VAL E 26 -23.85 -22.33 14.92
C VAL E 26 -23.78 -21.21 15.96
N PHE E 27 -22.70 -20.45 15.92
CA PHE E 27 -22.40 -19.47 16.96
C PHE E 27 -23.36 -18.27 17.02
N HIS E 28 -23.81 -17.75 15.88
CA HIS E 28 -24.61 -16.51 15.89
C HIS E 28 -26.07 -16.67 15.45
N LEU E 29 -26.36 -17.55 14.51
CA LEU E 29 -27.65 -17.50 13.82
C LEU E 29 -28.81 -18.12 14.60
N GLY E 30 -28.49 -18.98 15.58
CA GLY E 30 -29.49 -19.70 16.35
C GLY E 30 -30.10 -20.83 15.53
N LEU E 31 -29.32 -21.40 14.62
CA LEU E 31 -29.84 -22.41 13.70
C LEU E 31 -29.07 -23.71 13.82
N THR E 32 -29.75 -24.80 13.45
CA THR E 32 -29.14 -26.13 13.37
C THR E 32 -29.35 -26.58 11.95
N LYS E 33 -28.64 -27.65 11.56
CA LYS E 33 -28.83 -28.17 10.22
C LYS E 33 -30.25 -28.69 10.01
N ALA E 34 -30.79 -29.35 11.04
CA ALA E 34 -32.12 -29.93 10.98
C ALA E 34 -33.21 -28.89 10.73
N MSE E 35 -33.04 -27.69 11.29
CA MSE E 35 -34.05 -26.63 11.12
C MSE E 35 -34.18 -26.16 9.68
O MSE E 35 -35.25 -25.67 9.29
CB MSE E 35 -33.69 -25.45 12.01
CG MSE E 35 -33.97 -25.76 13.49
SE MSE E 35 -33.19 -24.35 14.64
CE MSE E 35 -34.54 -22.95 14.33
N LEU E 36 -33.12 -26.30 8.89
CA LEU E 36 -33.15 -25.89 7.48
C LEU E 36 -33.81 -26.91 6.57
N LYS E 37 -33.97 -28.15 7.05
CA LYS E 37 -34.68 -29.20 6.29
C LYS E 37 -34.10 -29.41 4.90
N GLY E 38 -32.76 -29.42 4.81
CA GLY E 38 -32.04 -29.65 3.55
C GLY E 38 -31.87 -28.46 2.60
N ALA E 39 -32.16 -27.25 3.07
CA ALA E 39 -32.09 -26.05 2.21
C ALA E 39 -30.66 -25.83 1.71
N LYS E 40 -30.55 -25.65 0.39
CA LYS E 40 -29.25 -25.46 -0.27
C LYS E 40 -29.08 -24.04 -0.77
N ILE E 41 -30.11 -23.22 -0.61
CA ILE E 41 -30.11 -21.89 -1.19
C ILE E 41 -30.76 -20.93 -0.20
N ALA E 42 -30.23 -19.71 -0.16
CA ALA E 42 -30.73 -18.68 0.73
C ALA E 42 -30.95 -17.36 -0.01
N VAL E 43 -32.03 -16.67 0.33
CA VAL E 43 -32.21 -15.28 -0.06
C VAL E 43 -31.85 -14.45 1.17
N ILE E 44 -30.98 -13.45 1.00
CA ILE E 44 -30.38 -12.76 2.14
C ILE E 44 -30.59 -11.25 2.06
N PRO E 45 -31.70 -10.74 2.62
CA PRO E 45 -31.88 -9.30 2.72
C PRO E 45 -31.11 -8.74 3.90
N GLY E 46 -30.99 -7.42 3.97
CA GLY E 46 -30.31 -6.78 5.10
C GLY E 46 -31.14 -6.60 6.37
N ASP E 47 -32.41 -6.24 6.18
CA ASP E 47 -33.29 -5.81 7.27
C ASP E 47 -34.01 -7.00 7.91
N PRO E 48 -33.84 -7.18 9.24
CA PRO E 48 -34.54 -8.26 9.96
C PRO E 48 -36.04 -8.30 9.69
N ALA E 49 -36.68 -7.13 9.59
CA ALA E 49 -38.12 -7.02 9.37
C ALA E 49 -38.55 -7.48 7.97
N ARG E 50 -37.59 -7.68 7.08
CA ARG E 50 -37.88 -8.00 5.67
C ARG E 50 -37.91 -9.51 5.42
N SER E 51 -37.36 -10.30 6.34
CA SER E 51 -37.26 -11.73 6.11
C SER E 51 -38.64 -12.38 5.95
N GLU E 52 -39.58 -11.98 6.80
CA GLU E 52 -40.95 -12.49 6.75
C GLU E 52 -41.65 -12.05 5.47
N ARG E 53 -41.58 -10.77 5.15
CA ARG E 53 -42.19 -10.26 3.90
C ARG E 53 -41.78 -11.11 2.70
N ILE E 54 -40.50 -11.44 2.62
CA ILE E 54 -39.99 -12.23 1.50
C ILE E 54 -40.40 -13.71 1.60
N ALA E 55 -40.43 -14.26 2.80
CA ALA E 55 -40.85 -15.65 2.99
C ALA E 55 -42.35 -15.83 2.71
N GLN E 56 -43.14 -14.77 2.91
CA GLN E 56 -44.57 -14.81 2.57
C GLN E 56 -44.82 -15.12 1.10
N ARG E 57 -43.86 -14.80 0.22
CA ARG E 57 -44.03 -15.11 -1.21
C ARG E 57 -43.65 -16.53 -1.62
N MSE E 58 -43.35 -17.39 -0.65
CA MSE E 58 -43.07 -18.78 -0.94
C MSE E 58 -44.14 -19.62 -0.31
O MSE E 58 -45.03 -19.10 0.35
CB MSE E 58 -41.73 -19.17 -0.34
CG MSE E 58 -40.68 -18.09 -0.57
SE MSE E 58 -39.07 -18.65 0.40
CE MSE E 58 -37.82 -17.30 -0.32
N ASP E 59 -44.05 -20.93 -0.49
CA ASP E 59 -45.03 -21.88 0.05
C ASP E 59 -44.64 -22.32 1.45
N LYS E 60 -45.65 -22.50 2.30
CA LYS E 60 -45.45 -23.01 3.65
C LYS E 60 -44.38 -22.23 4.43
N PRO E 61 -44.53 -20.90 4.50
CA PRO E 61 -43.56 -20.11 5.25
C PRO E 61 -43.57 -20.44 6.74
N GLU E 62 -42.41 -20.46 7.36
CA GLU E 62 -42.33 -20.60 8.81
C GLU E 62 -41.13 -19.88 9.42
N PHE E 63 -41.37 -19.19 10.54
CA PHE E 63 -40.31 -18.57 11.33
C PHE E 63 -39.36 -19.65 11.81
N LEU E 64 -38.06 -19.33 11.82
CA LEU E 64 -37.04 -20.26 12.33
C LEU E 64 -36.40 -19.70 13.58
N ALA E 65 -35.77 -18.53 13.46
CA ALA E 65 -35.04 -17.97 14.58
C ALA E 65 -34.80 -16.47 14.42
N SER E 66 -34.54 -15.81 15.53
CA SER E 66 -34.20 -14.40 15.53
C SER E 66 -33.14 -14.21 16.59
N SER E 67 -31.95 -13.87 16.14
CA SER E 67 -30.82 -13.68 17.03
C SER E 67 -30.02 -12.49 16.51
N ARG E 68 -29.86 -11.49 17.36
CA ARG E 68 -29.21 -10.25 16.97
C ARG E 68 -29.86 -9.70 15.70
N GLU E 69 -29.06 -9.31 14.71
CA GLU E 69 -29.62 -8.80 13.45
C GLU E 69 -30.04 -9.90 12.48
N PHE E 70 -30.00 -11.16 12.91
CA PHE E 70 -30.25 -12.27 12.02
C PHE E 70 -31.61 -12.90 12.31
N THR E 71 -32.60 -12.53 11.50
CA THR E 71 -33.92 -13.13 11.53
C THR E 71 -34.13 -14.01 10.32
N SER E 72 -34.30 -15.31 10.58
CA SER E 72 -34.42 -16.32 9.55
C SER E 72 -35.83 -16.93 9.45
N TRP E 73 -36.27 -17.12 8.20
CA TRP E 73 -37.50 -17.84 7.89
C TRP E 73 -37.18 -18.93 6.89
N LEU E 74 -38.07 -19.92 6.80
CA LEU E 74 -37.96 -20.99 5.82
C LEU E 74 -39.23 -20.99 4.98
N GLY E 75 -39.08 -21.35 3.70
CA GLY E 75 -40.19 -21.40 2.76
C GLY E 75 -39.85 -22.38 1.65
N TYR E 76 -40.82 -22.65 0.77
CA TYR E 76 -40.63 -23.66 -0.29
C TYR E 76 -40.91 -23.07 -1.66
N LEU E 77 -40.06 -23.43 -2.61
CA LEU E 77 -40.20 -23.02 -4.00
C LEU E 77 -39.90 -24.24 -4.83
N GLU E 78 -40.70 -24.43 -5.89
CA GLU E 78 -40.70 -25.66 -6.71
C GLU E 78 -40.54 -26.90 -5.82
N ASN E 79 -41.30 -26.92 -4.72
CA ASN E 79 -41.25 -28.00 -3.75
C ASN E 79 -39.84 -28.24 -3.15
N GLU E 80 -39.14 -27.16 -2.85
CA GLU E 80 -37.77 -27.23 -2.35
C GLU E 80 -37.56 -26.16 -1.28
N PRO E 81 -36.88 -26.53 -0.17
CA PRO E 81 -36.69 -25.59 0.92
C PRO E 81 -35.69 -24.49 0.60
N VAL E 82 -36.02 -23.27 1.02
CA VAL E 82 -35.22 -22.08 0.78
C VAL E 82 -35.17 -21.26 2.06
N VAL E 83 -33.96 -20.89 2.51
CA VAL E 83 -33.82 -20.03 3.69
C VAL E 83 -33.93 -18.57 3.28
N VAL E 84 -34.56 -17.76 4.12
CA VAL E 84 -34.48 -16.32 4.01
C VAL E 84 -33.88 -15.87 5.33
N CYS E 85 -32.71 -15.23 5.28
CA CYS E 85 -32.04 -14.77 6.51
C CYS E 85 -31.48 -13.37 6.32
N SER E 86 -31.85 -12.49 7.25
CA SER E 86 -31.36 -11.13 7.24
C SER E 86 -29.88 -11.11 7.63
N THR E 87 -29.15 -10.11 7.13
CA THR E 87 -27.70 -10.04 7.32
C THR E 87 -27.26 -8.90 8.22
N GLY E 88 -28.14 -7.94 8.44
CA GLY E 88 -27.75 -6.67 9.03
C GLY E 88 -27.04 -5.83 8.00
N ILE E 89 -26.50 -4.70 8.45
CA ILE E 89 -25.80 -3.79 7.58
C ILE E 89 -24.30 -4.07 7.61
N GLY E 90 -23.73 -4.29 6.43
CA GLY E 90 -22.28 -4.30 6.27
C GLY E 90 -21.65 -5.67 6.10
N GLY E 91 -20.47 -5.66 5.48
CA GLY E 91 -19.69 -6.86 5.31
C GLY E 91 -19.50 -7.73 6.54
N PRO E 92 -19.16 -7.12 7.69
CA PRO E 92 -18.92 -7.95 8.88
C PRO E 92 -20.07 -8.87 9.24
N SER E 93 -21.29 -8.34 9.28
CA SER E 93 -22.43 -9.16 9.68
C SER E 93 -22.81 -10.11 8.56
N VAL E 94 -22.72 -9.64 7.32
CA VAL E 94 -22.90 -10.51 6.15
C VAL E 94 -21.97 -11.72 6.23
N SER E 95 -20.71 -11.52 6.59
CA SER E 95 -19.73 -12.59 6.56
C SER E 95 -20.03 -13.66 7.59
N ILE E 96 -20.61 -13.26 8.70
CA ILE E 96 -21.06 -14.21 9.70
C ILE E 96 -22.24 -15.00 9.17
N CYS E 97 -23.26 -14.30 8.67
CA CYS E 97 -24.45 -14.95 8.11
C CYS E 97 -24.07 -16.02 7.08
N VAL E 98 -23.33 -15.61 6.05
CA VAL E 98 -22.96 -16.52 4.97
C VAL E 98 -22.11 -17.68 5.46
N GLU E 99 -21.11 -17.40 6.28
CA GLU E 99 -20.25 -18.47 6.80
C GLU E 99 -21.06 -19.55 7.56
N GLU E 100 -21.96 -19.12 8.43
CA GLU E 100 -22.65 -20.05 9.29
C GLU E 100 -23.73 -20.80 8.51
N LEU E 101 -24.36 -20.15 7.54
CA LEU E 101 -25.27 -20.83 6.64
C LEU E 101 -24.56 -21.86 5.77
N ALA E 102 -23.33 -21.56 5.35
CA ALA E 102 -22.54 -22.52 4.58
C ALA E 102 -22.17 -23.72 5.43
N GLN E 103 -21.84 -23.49 6.70
CA GLN E 103 -21.58 -24.60 7.63
C GLN E 103 -22.80 -25.54 7.72
N LEU E 104 -24.00 -24.99 7.56
CA LEU E 104 -25.24 -25.74 7.63
C LEU E 104 -25.72 -26.27 6.27
N GLY E 105 -24.90 -26.11 5.23
CA GLY E 105 -25.14 -26.72 3.93
C GLY E 105 -25.70 -25.81 2.85
N VAL E 106 -25.86 -24.52 3.13
CA VAL E 106 -26.32 -23.59 2.09
C VAL E 106 -25.16 -23.29 1.13
N GLY E 107 -25.40 -23.50 -0.16
CA GLY E 107 -24.38 -23.33 -1.19
C GLY E 107 -24.57 -22.14 -2.12
N THR E 108 -25.75 -21.55 -2.10
CA THR E 108 -26.09 -20.45 -2.99
C THR E 108 -26.75 -19.33 -2.21
N PHE E 109 -26.36 -18.10 -2.57
CA PHE E 109 -26.78 -16.91 -1.85
C PHE E 109 -27.21 -15.82 -2.81
N LEU E 110 -28.48 -15.43 -2.69
CA LEU E 110 -29.03 -14.38 -3.52
C LEU E 110 -29.36 -13.17 -2.68
N ARG E 111 -28.68 -12.09 -3.00
CA ARG E 111 -28.81 -10.85 -2.28
C ARG E 111 -29.90 -10.05 -2.95
N ILE E 112 -30.81 -9.51 -2.14
CA ILE E 112 -31.88 -8.63 -2.61
C ILE E 112 -31.80 -7.38 -1.76
N GLY E 113 -31.92 -6.24 -2.42
CA GLY E 113 -31.87 -5.00 -1.72
C GLY E 113 -32.51 -3.90 -2.54
N THR E 114 -32.33 -2.72 -1.98
CA THR E 114 -32.90 -1.51 -2.49
C THR E 114 -31.67 -0.60 -2.49
N THR E 115 -31.53 0.25 -3.50
CA THR E 115 -30.27 0.98 -3.65
C THR E 115 -30.46 2.39 -4.22
N GLY E 116 -29.38 3.17 -4.13
CA GLY E 116 -29.28 4.47 -4.76
C GLY E 116 -28.24 4.52 -5.89
N ALA E 117 -28.71 4.93 -7.06
CA ALA E 117 -27.88 4.98 -8.25
C ALA E 117 -27.07 6.26 -8.28
N ILE E 118 -25.94 6.20 -9.00
CA ILE E 118 -25.10 7.37 -9.20
C ILE E 118 -24.96 7.79 -10.69
N GLN E 119 -25.66 7.12 -11.58
CA GLN E 119 -25.65 7.50 -12.99
C GLN E 119 -26.94 8.27 -13.34
N PRO E 120 -26.82 9.39 -14.08
CA PRO E 120 -28.02 10.19 -14.43
C PRO E 120 -29.09 9.43 -15.22
N TYR E 121 -28.71 8.43 -16.01
CA TYR E 121 -29.67 7.69 -16.84
C TYR E 121 -30.37 6.56 -16.12
N ILE E 122 -29.96 6.23 -14.91
CA ILE E 122 -30.65 5.21 -14.13
C ILE E 122 -31.79 5.89 -13.37
N ASN E 123 -33.00 5.35 -13.54
CA ASN E 123 -34.20 5.91 -12.93
C ASN E 123 -34.67 5.17 -11.71
N VAL E 124 -35.30 5.90 -10.80
CA VAL E 124 -36.08 5.29 -9.73
C VAL E 124 -37.03 4.28 -10.40
N GLY E 125 -37.08 3.07 -9.86
CA GLY E 125 -37.87 2.00 -10.44
C GLY E 125 -37.07 1.02 -11.28
N ASP E 126 -35.91 1.44 -11.76
CA ASP E 126 -35.05 0.52 -12.48
C ASP E 126 -34.50 -0.58 -11.57
N VAL E 127 -34.08 -1.67 -12.20
CA VAL E 127 -33.52 -2.82 -11.53
C VAL E 127 -32.06 -2.98 -11.97
N LEU E 128 -31.18 -3.26 -11.01
CA LEU E 128 -29.76 -3.43 -11.26
C LEU E 128 -29.33 -4.82 -10.86
N VAL E 129 -28.66 -5.50 -11.77
CA VAL E 129 -28.01 -6.77 -11.47
C VAL E 129 -26.50 -6.56 -11.53
N THR E 130 -25.81 -6.98 -10.47
CA THR E 130 -24.41 -6.65 -10.28
C THR E 130 -23.51 -7.80 -10.65
N THR E 131 -22.57 -7.54 -11.56
CA THR E 131 -21.58 -8.52 -11.96
C THR E 131 -20.33 -8.48 -11.11
N GLY E 132 -20.00 -7.31 -10.58
CA GLY E 132 -18.73 -7.11 -9.86
C GLY E 132 -18.81 -5.92 -8.93
N ALA E 133 -17.97 -5.94 -7.89
CA ALA E 133 -17.97 -4.89 -6.88
C ALA E 133 -16.62 -4.19 -6.72
N VAL E 134 -16.66 -2.87 -6.61
CA VAL E 134 -15.51 -2.09 -6.19
C VAL E 134 -15.36 -2.36 -4.69
N ARG E 135 -14.16 -2.78 -4.29
CA ARG E 135 -13.95 -3.27 -2.94
C ARG E 135 -13.52 -2.13 -2.00
N LEU E 136 -14.50 -1.37 -1.54
CA LEU E 136 -14.30 -0.28 -0.56
C LEU E 136 -14.73 -0.71 0.86
N ASP E 137 -14.55 -2.00 1.15
CA ASP E 137 -14.93 -2.62 2.41
C ASP E 137 -13.66 -3.24 3.02
N GLY E 138 -13.72 -3.68 4.26
CA GLY E 138 -12.55 -4.33 4.89
C GLY E 138 -12.67 -5.85 4.89
N ALA E 139 -13.89 -6.35 4.98
CA ALA E 139 -14.08 -7.79 5.19
C ALA E 139 -13.60 -8.59 3.99
N SER E 140 -13.76 -8.06 2.78
CA SER E 140 -13.30 -8.77 1.60
C SER E 140 -11.81 -9.09 1.68
N ARG E 141 -11.02 -8.21 2.30
CA ARG E 141 -9.57 -8.42 2.40
C ARG E 141 -9.16 -9.52 3.38
N HIS E 142 -10.10 -10.00 4.18
CA HIS E 142 -9.84 -11.11 5.06
C HIS E 142 -10.02 -12.46 4.33
N PHE E 143 -10.57 -12.42 3.12
CA PHE E 143 -10.80 -13.63 2.31
C PHE E 143 -9.86 -13.71 1.11
N ALA E 144 -9.48 -12.56 0.55
CA ALA E 144 -8.59 -12.52 -0.60
C ALA E 144 -7.91 -11.17 -0.68
N PRO E 145 -6.70 -11.14 -1.22
CA PRO E 145 -6.05 -9.85 -1.41
C PRO E 145 -6.82 -8.95 -2.36
N LEU E 146 -6.56 -7.65 -2.27
CA LEU E 146 -7.35 -6.64 -2.96
C LEU E 146 -7.38 -6.82 -4.47
N GLU E 147 -6.31 -7.37 -5.05
CA GLU E 147 -6.23 -7.54 -6.51
C GLU E 147 -7.19 -8.60 -7.07
N TYR E 148 -7.70 -9.45 -6.19
CA TYR E 148 -8.64 -10.52 -6.54
C TYR E 148 -10.01 -9.92 -6.75
N PRO E 149 -10.71 -10.35 -7.82
CA PRO E 149 -11.92 -9.65 -8.18
C PRO E 149 -13.13 -10.06 -7.35
N ALA E 150 -13.91 -9.08 -6.91
CA ALA E 150 -15.21 -9.34 -6.28
C ALA E 150 -16.23 -9.51 -7.40
N VAL E 151 -16.40 -10.73 -7.87
CA VAL E 151 -17.20 -10.99 -9.05
C VAL E 151 -18.33 -11.94 -8.70
N ALA E 152 -19.54 -11.63 -9.18
CA ALA E 152 -20.68 -12.53 -9.01
C ALA E 152 -20.51 -13.86 -9.75
N ASP E 153 -21.17 -14.88 -9.22
CA ASP E 153 -21.26 -16.18 -9.86
C ASP E 153 -22.06 -16.08 -11.16
N PHE E 154 -21.58 -16.80 -12.15
CA PHE E 154 -22.14 -16.74 -13.50
C PHE E 154 -23.59 -17.22 -13.49
N SER E 155 -23.86 -18.36 -12.86
CA SER E 155 -25.22 -18.92 -12.82
C SER E 155 -26.20 -17.97 -12.17
N CYS E 156 -25.81 -17.40 -11.02
CA CYS E 156 -26.75 -16.60 -10.25
C CYS E 156 -27.08 -15.34 -11.01
N THR E 157 -26.07 -14.74 -11.61
CA THR E 157 -26.25 -13.52 -12.36
C THR E 157 -27.25 -13.75 -13.53
N ASN E 158 -27.13 -14.89 -14.21
CA ASN E 158 -28.01 -15.23 -15.33
C ASN E 158 -29.44 -15.45 -14.93
N ALA E 159 -29.63 -16.18 -13.84
CA ALA E 159 -30.97 -16.41 -13.29
C ALA E 159 -31.63 -15.09 -12.89
N LEU E 160 -30.88 -14.19 -12.26
CA LEU E 160 -31.43 -12.91 -11.87
C LEU E 160 -31.82 -12.09 -13.10
N TYR E 161 -30.95 -12.07 -14.10
CA TYR E 161 -31.20 -11.34 -15.32
C TYR E 161 -32.41 -11.94 -16.06
N SER E 162 -32.37 -13.25 -16.26
CA SER E 162 -33.45 -13.94 -16.96
C SER E 162 -34.79 -13.73 -16.26
N ALA E 163 -34.80 -13.90 -14.95
CA ALA E 163 -36.00 -13.68 -14.15
C ALA E 163 -36.56 -12.30 -14.36
N ALA E 164 -35.69 -11.30 -14.42
CA ALA E 164 -36.12 -9.93 -14.61
C ALA E 164 -36.73 -9.73 -15.99
N VAL E 165 -36.08 -10.25 -17.03
CA VAL E 165 -36.54 -10.07 -18.41
C VAL E 165 -37.89 -10.75 -18.62
N ALA E 166 -38.02 -11.98 -18.12
CA ALA E 166 -39.27 -12.73 -18.17
C ALA E 166 -40.44 -12.00 -17.52
N GLN E 167 -40.15 -11.12 -16.56
CA GLN E 167 -41.19 -10.30 -15.93
C GLN E 167 -41.34 -8.92 -16.55
N GLY E 168 -40.78 -8.73 -17.74
CA GLY E 168 -40.94 -7.49 -18.51
C GLY E 168 -39.98 -6.37 -18.16
N ILE E 169 -38.90 -6.69 -17.44
CA ILE E 169 -37.93 -5.69 -16.99
C ILE E 169 -36.58 -5.90 -17.67
N THR E 170 -36.03 -4.82 -18.24
CA THR E 170 -34.65 -4.84 -18.73
C THR E 170 -33.72 -4.26 -17.66
N PRO E 171 -33.07 -5.13 -16.88
CA PRO E 171 -32.21 -4.60 -15.84
C PRO E 171 -30.90 -4.07 -16.39
N TYR E 172 -30.36 -3.03 -15.76
CA TYR E 172 -28.99 -2.65 -15.99
C TYR E 172 -28.08 -3.67 -15.32
N VAL E 173 -27.02 -4.05 -16.01
CA VAL E 173 -26.08 -5.04 -15.53
C VAL E 173 -24.70 -4.40 -15.52
N GLY E 174 -23.96 -4.56 -14.42
CA GLY E 174 -22.71 -3.82 -14.26
C GLY E 174 -22.12 -3.82 -12.87
N ILE E 175 -21.30 -2.81 -12.63
CA ILE E 175 -20.47 -2.74 -11.45
C ILE E 175 -21.09 -1.82 -10.40
N THR E 176 -20.98 -2.28 -9.16
CA THR E 176 -21.45 -1.55 -7.98
CA THR E 176 -21.48 -1.58 -7.98
C THR E 176 -20.27 -1.24 -7.07
N ALA E 177 -20.28 -0.06 -6.45
CA ALA E 177 -19.25 0.31 -5.47
C ALA E 177 -19.77 -0.10 -4.09
N SER E 178 -19.01 -0.96 -3.41
CA SER E 178 -19.44 -1.55 -2.15
C SER E 178 -18.68 -0.98 -0.95
N SER E 179 -19.34 -0.09 -0.22
CA SER E 179 -18.75 0.76 0.82
C SER E 179 -19.02 0.25 2.24
N ASP E 180 -18.00 0.30 3.09
CA ASP E 180 -18.15 0.01 4.52
C ASP E 180 -18.88 1.13 5.29
N THR E 181 -19.06 2.29 4.69
CA THR E 181 -19.88 3.30 5.34
C THR E 181 -21.03 3.78 4.46
N PHE E 182 -22.03 4.33 5.14
CA PHE E 182 -23.14 4.98 4.47
C PHE E 182 -22.81 6.42 4.12
N TYR E 183 -22.00 7.08 4.96
CA TYR E 183 -21.81 8.52 4.85
C TYR E 183 -20.51 8.89 4.09
N PRO E 184 -19.34 8.92 4.75
CA PRO E 184 -18.19 9.42 3.99
C PRO E 184 -17.76 8.53 2.82
N GLY E 185 -17.91 7.21 2.93
CA GLY E 185 -17.55 6.30 1.83
C GLY E 185 -18.41 6.44 0.58
N GLN E 186 -19.58 7.06 0.73
CA GLN E 186 -20.43 7.41 -0.40
C GLN E 186 -20.40 8.90 -0.67
N GLU E 187 -19.36 9.55 -0.16
CA GLU E 187 -19.15 10.98 -0.26
C GLU E 187 -20.41 11.81 0.03
N ARG E 188 -21.04 11.53 1.19
CA ARG E 188 -22.15 12.37 1.68
C ARG E 188 -21.59 13.49 2.56
N TYR E 189 -22.08 14.69 2.31
CA TYR E 189 -21.69 15.88 3.06
C TYR E 189 -22.80 16.36 4.01
N ASP E 190 -23.98 15.76 3.91
CA ASP E 190 -25.14 16.10 4.75
C ASP E 190 -25.03 15.36 6.12
N THR E 191 -24.02 15.73 6.89
CA THR E 191 -23.59 14.94 8.05
C THR E 191 -23.25 15.83 9.24
N PHE E 192 -22.96 15.22 10.38
CA PHE E 192 -22.55 15.93 11.56
C PHE E 192 -21.31 16.79 11.33
N SER E 193 -20.29 16.23 10.69
CA SER E 193 -19.06 16.99 10.39
C SER E 193 -19.21 17.88 9.16
N GLY E 194 -20.02 17.46 8.20
CA GLY E 194 -20.05 18.13 6.89
C GLY E 194 -18.75 17.97 6.10
N LYS E 195 -17.94 16.98 6.47
CA LYS E 195 -16.62 16.81 5.88
C LYS E 195 -16.39 15.39 5.39
N VAL E 196 -15.59 15.28 4.34
CA VAL E 196 -15.03 14.02 3.84
C VAL E 196 -13.56 14.31 3.62
N TYR E 197 -12.71 13.44 4.14
CA TYR E 197 -11.28 13.70 4.07
C TYR E 197 -10.78 13.44 2.64
N PRO E 198 -9.64 14.02 2.26
CA PRO E 198 -9.23 14.11 0.85
C PRO E 198 -9.28 12.81 0.04
N ALA E 199 -8.90 11.69 0.64
CA ALA E 199 -8.87 10.43 -0.10
C ALA E 199 -10.25 10.05 -0.61
N TYR E 200 -11.32 10.54 0.01
CA TYR E 200 -12.67 10.26 -0.50
C TYR E 200 -13.34 11.47 -1.15
N GLN E 201 -12.70 12.62 -1.12
CA GLN E 201 -13.19 13.77 -1.87
C GLN E 201 -13.07 13.50 -3.36
N GLY E 202 -14.16 13.76 -4.08
CA GLY E 202 -14.23 13.48 -5.52
C GLY E 202 -14.39 12.01 -5.91
N SER E 203 -14.63 11.13 -4.94
CA SER E 203 -14.69 9.71 -5.22
C SER E 203 -16.00 9.34 -5.93
N LEU E 204 -17.09 10.02 -5.63
CA LEU E 204 -18.36 9.77 -6.33
CA LEU E 204 -18.35 9.75 -6.32
C LEU E 204 -18.19 10.02 -7.83
N LYS E 205 -17.64 11.18 -8.17
CA LYS E 205 -17.30 11.53 -9.54
C LYS E 205 -16.35 10.48 -10.19
N GLN E 206 -15.33 10.05 -9.44
CA GLN E 206 -14.44 9.01 -9.92
C GLN E 206 -15.21 7.77 -10.32
N TRP E 207 -16.12 7.29 -9.46
CA TRP E 207 -16.87 6.09 -9.80
C TRP E 207 -17.85 6.31 -10.96
N GLN E 208 -18.45 7.49 -11.03
CA GLN E 208 -19.34 7.84 -12.15
C GLN E 208 -18.60 7.74 -13.48
N ASP E 209 -17.44 8.38 -13.52
CA ASP E 209 -16.61 8.34 -14.71
C ASP E 209 -16.13 6.93 -15.04
N LEU E 210 -16.14 5.99 -14.08
CA LEU E 210 -15.76 4.60 -14.37
C LEU E 210 -16.96 3.69 -14.57
N ASN E 211 -18.12 4.28 -14.83
CA ASN E 211 -19.33 3.56 -15.21
C ASN E 211 -19.93 2.70 -14.10
N VAL E 212 -19.64 3.07 -12.85
CA VAL E 212 -20.21 2.36 -11.71
C VAL E 212 -21.67 2.78 -11.60
N MSE E 213 -22.57 1.83 -11.44
CA MSE E 213 -24.02 2.12 -11.42
C MSE E 213 -24.49 2.74 -10.14
O MSE E 213 -25.31 3.62 -10.16
CB MSE E 213 -24.81 0.82 -11.63
CG MSE E 213 -24.57 0.21 -13.01
SE MSE E 213 -25.54 -1.50 -13.13
CE MSE E 213 -25.00 -2.46 -11.49
N ASN E 214 -23.96 2.29 -9.00
CA ASN E 214 -24.56 2.58 -7.69
C ASN E 214 -23.65 2.22 -6.53
N TYR E 215 -24.02 2.74 -5.36
CA TYR E 215 -23.42 2.31 -4.11
C TYR E 215 -24.31 1.34 -3.39
N GLU E 216 -23.66 0.53 -2.58
CA GLU E 216 -24.29 -0.53 -1.88
C GLU E 216 -23.25 -0.80 -0.75
N MSE E 217 -23.52 -1.67 0.23
CA MSE E 217 -22.58 -1.85 1.39
C MSE E 217 -22.22 -3.28 1.77
O MSE E 217 -21.64 -3.52 2.83
CB MSE E 217 -23.14 -1.15 2.64
CG MSE E 217 -23.29 0.37 2.49
SE MSE E 217 -24.06 1.21 4.11
CE MSE E 217 -22.67 0.75 5.42
N GLU E 218 -22.53 -4.26 0.92
CA GLU E 218 -22.36 -5.67 1.28
C GLU E 218 -21.79 -6.58 0.20
N SER E 219 -21.84 -6.18 -1.06
CA SER E 219 -21.56 -7.09 -2.16
C SER E 219 -20.07 -7.44 -2.31
N ALA E 220 -19.17 -6.52 -2.01
CA ALA E 220 -17.74 -6.83 -2.07
C ALA E 220 -17.41 -7.98 -1.14
N THR E 221 -17.92 -7.90 0.09
CA THR E 221 -17.70 -8.97 1.03
C THR E 221 -18.33 -10.25 0.52
N LEU E 222 -19.59 -10.17 0.09
CA LEU E 222 -20.32 -11.33 -0.33
C LEU E 222 -19.67 -12.01 -1.53
N PHE E 223 -19.34 -11.24 -2.55
CA PHE E 223 -18.80 -11.83 -3.78
C PHE E 223 -17.41 -12.42 -3.56
N THR E 224 -16.56 -11.69 -2.84
CA THR E 224 -15.20 -12.15 -2.58
C THR E 224 -15.18 -13.40 -1.71
N MSE E 225 -15.95 -13.38 -0.63
CA MSE E 225 -15.95 -14.56 0.24
C MSE E 225 -16.52 -15.77 -0.46
O MSE E 225 -15.99 -16.88 -0.29
CB MSE E 225 -16.68 -14.28 1.54
CG MSE E 225 -18.18 -14.38 1.48
SE MSE E 225 -18.89 -13.85 3.25
CE MSE E 225 -18.39 -15.50 4.22
N CYS E 226 -17.58 -15.61 -1.25
CA CYS E 226 -18.18 -16.78 -1.90
C CYS E 226 -17.22 -17.38 -2.95
N ALA E 227 -16.53 -16.52 -3.71
CA ALA E 227 -15.52 -17.01 -4.65
C ALA E 227 -14.38 -17.72 -3.93
N ALA E 228 -13.90 -17.17 -2.81
CA ALA E 228 -12.85 -17.85 -2.03
C ALA E 228 -13.29 -19.17 -1.44
N LEU E 229 -14.55 -19.23 -0.99
CA LEU E 229 -15.10 -20.40 -0.34
C LEU E 229 -15.71 -21.43 -1.30
N GLY E 230 -15.83 -21.11 -2.58
CA GLY E 230 -16.44 -22.04 -3.53
C GLY E 230 -17.96 -21.98 -3.52
N LEU E 231 -18.52 -20.90 -2.97
CA LEU E 231 -19.96 -20.73 -2.87
C LEU E 231 -20.43 -19.86 -4.02
N LYS E 232 -21.74 -19.86 -4.27
CA LYS E 232 -22.34 -19.11 -5.38
C LYS E 232 -23.16 -17.93 -4.92
N ALA E 233 -22.90 -16.75 -5.48
CA ALA E 233 -23.58 -15.55 -5.08
C ALA E 233 -24.01 -14.69 -6.25
N GLY E 234 -25.12 -13.99 -6.06
CA GLY E 234 -25.61 -13.02 -7.01
C GLY E 234 -26.32 -11.91 -6.28
N MSE E 235 -26.62 -10.81 -6.97
CA MSE E 235 -27.26 -9.65 -6.34
C MSE E 235 -28.14 -8.91 -7.32
O MSE E 235 -27.72 -8.61 -8.44
CB MSE E 235 -26.26 -8.60 -5.82
CG MSE E 235 -27.02 -7.47 -5.11
SE MSE E 235 -25.83 -6.35 -4.00
CE MSE E 235 -24.75 -5.60 -5.47
N VAL E 236 -29.36 -8.61 -6.89
CA VAL E 236 -30.27 -7.76 -7.62
C VAL E 236 -30.75 -6.65 -6.67
N ALA E 237 -30.98 -5.46 -7.21
CA ALA E 237 -31.48 -4.38 -6.39
C ALA E 237 -32.45 -3.52 -7.15
N GLY E 238 -33.41 -2.97 -6.42
CA GLY E 238 -34.34 -1.98 -6.95
C GLY E 238 -33.84 -0.60 -6.63
N VAL E 239 -33.89 0.29 -7.62
CA VAL E 239 -33.46 1.67 -7.46
C VAL E 239 -34.61 2.54 -6.92
N ILE E 240 -34.38 3.15 -5.75
CA ILE E 240 -35.40 3.95 -5.09
C ILE E 240 -35.00 5.41 -4.91
N VAL E 241 -33.77 5.74 -5.26
CA VAL E 241 -33.29 7.12 -5.21
C VAL E 241 -32.08 7.26 -6.14
N ASN E 242 -31.88 8.47 -6.67
CA ASN E 242 -30.75 8.75 -7.54
C ASN E 242 -30.04 9.99 -7.05
N ARG E 243 -28.79 9.81 -6.65
CA ARG E 243 -28.00 10.88 -6.04
C ARG E 243 -27.88 12.12 -6.92
N THR E 244 -27.95 11.93 -8.24
CA THR E 244 -27.78 13.04 -9.17
C THR E 244 -29.08 13.83 -9.43
N GLN E 245 -30.23 13.34 -8.97
CA GLN E 245 -31.51 13.88 -9.45
C GLN E 245 -32.17 14.86 -8.51
N GLN E 246 -32.81 15.85 -9.15
CA GLN E 246 -33.56 16.93 -8.51
C GLN E 246 -34.64 16.41 -7.57
N GLU E 247 -35.47 15.52 -8.10
CA GLU E 247 -36.75 15.15 -7.49
C GLU E 247 -36.59 14.28 -6.24
N ILE E 248 -37.73 14.01 -5.59
CA ILE E 248 -37.82 13.07 -4.47
C ILE E 248 -38.99 12.12 -4.79
N PRO E 249 -38.82 10.81 -4.56
CA PRO E 249 -39.85 9.87 -4.99
C PRO E 249 -40.93 9.63 -3.94
N ASN E 250 -42.14 9.33 -4.40
CA ASN E 250 -43.25 8.96 -3.51
C ASN E 250 -43.15 7.49 -3.10
N GLU E 251 -43.81 7.14 -2.00
CA GLU E 251 -43.81 5.77 -1.51
C GLU E 251 -44.56 4.78 -2.40
N ALA E 252 -45.41 5.26 -3.31
CA ALA E 252 -46.08 4.39 -4.27
C ALA E 252 -45.05 3.67 -5.15
N THR E 253 -44.24 4.45 -5.86
CA THR E 253 -43.22 3.90 -6.76
C THR E 253 -42.15 3.14 -5.98
N ILE E 254 -41.79 3.64 -4.79
CA ILE E 254 -40.82 2.96 -3.91
C ILE E 254 -41.30 1.55 -3.54
N LYS E 255 -42.53 1.44 -3.05
CA LYS E 255 -43.06 0.16 -2.58
C LYS E 255 -43.19 -0.84 -3.72
N SER E 256 -43.55 -0.37 -4.91
CA SER E 256 -43.63 -1.24 -6.08
C SER E 256 -42.24 -1.64 -6.59
N THR E 257 -41.26 -0.76 -6.42
CA THR E 257 -39.88 -1.07 -6.81
C THR E 257 -39.34 -2.24 -5.99
N GLU E 258 -39.38 -2.12 -4.68
CA GLU E 258 -38.88 -3.20 -3.83
C GLU E 258 -39.72 -4.46 -3.95
N GLN E 259 -40.99 -4.32 -4.29
CA GLN E 259 -41.86 -5.46 -4.59
C GLN E 259 -41.43 -6.13 -5.90
N LYS E 260 -41.13 -5.30 -6.89
CA LYS E 260 -40.59 -5.76 -8.17
C LYS E 260 -39.26 -6.54 -8.00
N ALA E 261 -38.37 -5.96 -7.20
CA ALA E 261 -37.07 -6.59 -6.95
C ALA E 261 -37.21 -7.93 -6.23
N VAL E 262 -38.08 -8.00 -5.22
CA VAL E 262 -38.36 -9.27 -4.56
C VAL E 262 -38.89 -10.31 -5.56
N ALA E 263 -39.77 -9.88 -6.46
CA ALA E 263 -40.31 -10.83 -7.46
C ALA E 263 -39.17 -11.43 -8.32
N VAL E 264 -38.23 -10.59 -8.74
CA VAL E 264 -37.08 -11.04 -9.52
C VAL E 264 -36.27 -12.07 -8.74
N VAL E 265 -35.99 -11.78 -7.47
CA VAL E 265 -35.15 -12.69 -6.69
C VAL E 265 -35.83 -14.03 -6.40
N ILE E 266 -37.15 -14.01 -6.22
CA ILE E 266 -37.90 -15.26 -6.00
C ILE E 266 -37.87 -16.13 -7.25
N GLU E 267 -38.16 -15.53 -8.39
CA GLU E 267 -38.15 -16.25 -9.66
C GLU E 267 -36.77 -16.80 -9.98
N ALA E 268 -35.72 -16.05 -9.63
CA ALA E 268 -34.34 -16.51 -9.84
C ALA E 268 -34.05 -17.76 -9.03
N ALA E 269 -34.42 -17.74 -7.76
CA ALA E 269 -34.33 -18.94 -6.94
C ALA E 269 -35.04 -20.15 -7.62
N ARG E 270 -36.23 -19.92 -8.19
CA ARG E 270 -36.95 -20.99 -8.88
C ARG E 270 -36.10 -21.57 -9.99
N ARG E 271 -35.63 -20.70 -10.87
CA ARG E 271 -34.83 -21.10 -12.01
C ARG E 271 -33.60 -21.91 -11.61
N LEU E 272 -32.94 -21.50 -10.53
CA LEU E 272 -31.74 -22.21 -10.08
C LEU E 272 -32.12 -23.55 -9.50
N ILE E 273 -33.22 -23.58 -8.76
CA ILE E 273 -33.76 -24.83 -8.23
C ILE E 273 -34.05 -25.77 -9.40
N SER E 274 -34.80 -25.28 -10.38
CA SER E 274 -35.14 -26.05 -11.59
C SER E 274 -33.94 -26.72 -12.30
N ALA E 275 -32.76 -26.11 -12.22
CA ALA E 275 -31.58 -26.67 -12.88
C ALA E 275 -30.60 -27.26 -11.87
N SER F 24 -2.49 6.49 -42.12
CA SER F 24 -2.89 5.91 -40.81
C SER F 24 -3.30 7.00 -39.82
N GLU F 25 -4.45 6.83 -39.19
CA GLU F 25 -4.95 7.83 -38.25
C GLU F 25 -4.91 7.36 -36.78
N VAL F 26 -4.26 6.22 -36.52
CA VAL F 26 -3.91 5.82 -35.12
C VAL F 26 -2.40 5.66 -35.04
N PHE F 27 -1.86 5.82 -33.83
CA PHE F 27 -0.40 5.92 -33.67
C PHE F 27 0.37 4.62 -33.93
N HIS F 28 -0.22 3.45 -33.62
CA HIS F 28 0.54 2.19 -33.69
C HIS F 28 0.02 1.14 -34.67
N LEU F 29 -1.30 1.04 -34.85
CA LEU F 29 -1.87 -0.11 -35.57
C LEU F 29 -1.73 -0.03 -37.09
N GLY F 30 -1.49 1.16 -37.64
CA GLY F 30 -1.42 1.34 -39.10
C GLY F 30 -2.79 1.22 -39.74
N LEU F 31 -3.82 1.63 -39.01
CA LEU F 31 -5.19 1.47 -39.48
C LEU F 31 -5.91 2.80 -39.57
N THR F 32 -6.95 2.80 -40.41
CA THR F 32 -7.89 3.91 -40.55
C THR F 32 -9.29 3.37 -40.37
N LYS F 33 -10.24 4.25 -40.07
CA LYS F 33 -11.62 3.85 -39.91
C LYS F 33 -12.20 3.24 -41.20
N ALA F 34 -11.78 3.76 -42.35
CA ALA F 34 -12.29 3.28 -43.64
C ALA F 34 -11.86 1.83 -43.90
N MSE F 35 -10.61 1.51 -43.58
CA MSE F 35 -10.11 0.13 -43.71
C MSE F 35 -10.91 -0.91 -42.92
O MSE F 35 -10.95 -2.08 -43.30
CB MSE F 35 -8.64 0.08 -43.26
CG MSE F 35 -7.69 0.71 -44.29
SE MSE F 35 -5.90 0.98 -43.50
CE MSE F 35 -5.12 -0.75 -44.01
N LEU F 36 -11.51 -0.51 -41.80
CA LEU F 36 -12.34 -1.43 -40.99
C LEU F 36 -13.74 -1.68 -41.58
N LYS F 37 -14.18 -0.82 -42.49
CA LYS F 37 -15.45 -0.98 -43.20
C LYS F 37 -16.64 -1.15 -42.25
N GLY F 38 -16.61 -0.44 -41.13
CA GLY F 38 -17.72 -0.42 -40.17
C GLY F 38 -17.65 -1.40 -39.01
N ALA F 39 -16.59 -2.20 -38.93
CA ALA F 39 -16.47 -3.22 -37.87
C ALA F 39 -16.67 -2.64 -36.46
N LYS F 40 -17.56 -3.27 -35.71
CA LYS F 40 -17.86 -2.89 -34.33
C LYS F 40 -17.29 -3.90 -33.33
N ILE F 41 -16.77 -5.01 -33.83
CA ILE F 41 -16.35 -6.10 -32.97
C ILE F 41 -15.00 -6.63 -33.44
N ALA F 42 -14.17 -7.05 -32.49
CA ALA F 42 -12.86 -7.59 -32.81
C ALA F 42 -12.57 -8.85 -32.01
N VAL F 43 -11.87 -9.76 -32.66
CA VAL F 43 -11.31 -10.93 -32.03
C VAL F 43 -9.83 -10.62 -31.86
N ILE F 44 -9.31 -10.83 -30.66
CA ILE F 44 -7.94 -10.37 -30.36
C ILE F 44 -7.05 -11.50 -29.79
N PRO F 45 -6.42 -12.31 -30.67
CA PRO F 45 -5.40 -13.25 -30.19
C PRO F 45 -4.11 -12.52 -29.85
N GLY F 46 -3.19 -13.20 -29.19
CA GLY F 46 -1.93 -12.58 -28.78
C GLY F 46 -0.83 -12.64 -29.80
N ASP F 47 -0.83 -13.73 -30.58
CA ASP F 47 0.26 -14.04 -31.49
C ASP F 47 -0.08 -13.48 -32.88
N PRO F 48 0.79 -12.60 -33.41
CA PRO F 48 0.52 -12.08 -34.77
C PRO F 48 0.29 -13.14 -35.84
N ALA F 49 0.91 -14.32 -35.71
CA ALA F 49 0.77 -15.39 -36.70
C ALA F 49 -0.60 -16.09 -36.67
N ARG F 50 -1.40 -15.82 -35.63
CA ARG F 50 -2.72 -16.43 -35.50
C ARG F 50 -3.82 -15.64 -36.17
N SER F 51 -3.57 -14.36 -36.42
CA SER F 51 -4.59 -13.46 -36.94
C SER F 51 -5.17 -13.99 -38.25
N GLU F 52 -4.30 -14.33 -39.19
CA GLU F 52 -4.75 -14.77 -40.52
C GLU F 52 -5.66 -15.99 -40.46
N ARG F 53 -5.26 -17.02 -39.73
CA ARG F 53 -6.04 -18.27 -39.74
C ARG F 53 -7.40 -18.11 -39.03
N ILE F 54 -7.46 -17.22 -38.05
CA ILE F 54 -8.73 -16.93 -37.42
C ILE F 54 -9.63 -16.21 -38.42
N ALA F 55 -9.10 -15.21 -39.10
CA ALA F 55 -9.88 -14.46 -40.10
C ALA F 55 -10.34 -15.36 -41.25
N GLN F 56 -9.56 -16.38 -41.58
CA GLN F 56 -9.92 -17.29 -42.66
C GLN F 56 -11.07 -18.26 -42.32
N ARG F 57 -11.52 -18.28 -41.07
CA ARG F 57 -12.78 -18.93 -40.74
C ARG F 57 -13.96 -18.06 -41.07
N MSE F 58 -13.71 -16.83 -41.47
CA MSE F 58 -14.78 -15.92 -41.79
C MSE F 58 -14.87 -15.78 -43.29
O MSE F 58 -14.00 -16.27 -44.02
CB MSE F 58 -14.50 -14.55 -41.15
CG MSE F 58 -14.29 -14.64 -39.64
SE MSE F 58 -13.79 -12.84 -39.01
CE MSE F 58 -13.32 -13.39 -37.17
N ASP F 59 -15.92 -15.11 -43.74
CA ASP F 59 -16.16 -14.86 -45.15
C ASP F 59 -15.36 -13.65 -45.63
N LYS F 60 -14.79 -13.79 -46.82
CA LYS F 60 -14.08 -12.73 -47.54
C LYS F 60 -12.96 -12.12 -46.71
N PRO F 61 -12.06 -12.96 -46.16
CA PRO F 61 -10.97 -12.46 -45.33
C PRO F 61 -10.00 -11.59 -46.11
N GLU F 62 -9.54 -10.50 -45.52
CA GLU F 62 -8.51 -9.68 -46.15
C GLU F 62 -7.51 -9.14 -45.14
N PHE F 63 -6.25 -9.14 -45.55
CA PHE F 63 -5.17 -8.53 -44.80
C PHE F 63 -5.40 -7.03 -44.66
N LEU F 64 -5.24 -6.50 -43.45
CA LEU F 64 -5.29 -5.05 -43.25
C LEU F 64 -3.91 -4.43 -43.05
N ALA F 65 -3.19 -4.82 -42.02
CA ALA F 65 -1.90 -4.19 -41.72
C ALA F 65 -1.08 -5.02 -40.76
N SER F 66 0.21 -4.71 -40.73
CA SER F 66 1.15 -5.34 -39.84
C SER F 66 2.14 -4.27 -39.40
N SER F 67 2.12 -3.96 -38.11
CA SER F 67 3.04 -3.02 -37.54
C SER F 67 3.40 -3.53 -36.15
N ARG F 68 4.70 -3.70 -35.91
CA ARG F 68 5.17 -4.19 -34.63
C ARG F 68 4.44 -5.49 -34.32
N GLU F 69 3.92 -5.69 -33.11
CA GLU F 69 3.24 -6.95 -32.78
C GLU F 69 1.79 -6.97 -33.26
N PHE F 70 1.37 -5.93 -33.98
CA PHE F 70 -0.04 -5.74 -34.33
C PHE F 70 -0.31 -6.11 -35.79
N THR F 71 -0.73 -7.34 -36.00
CA THR F 71 -1.15 -7.82 -37.32
C THR F 71 -2.67 -7.95 -37.34
N SER F 72 -3.31 -7.22 -38.26
CA SER F 72 -4.77 -7.16 -38.34
C SER F 72 -5.30 -7.62 -39.69
N TRP F 73 -6.47 -8.29 -39.63
CA TRP F 73 -7.21 -8.83 -40.76
C TRP F 73 -8.67 -8.46 -40.55
N LEU F 74 -9.44 -8.50 -41.63
CA LEU F 74 -10.87 -8.24 -41.58
C LEU F 74 -11.60 -9.43 -42.19
N GLY F 75 -12.77 -9.75 -41.66
CA GLY F 75 -13.59 -10.84 -42.19
C GLY F 75 -15.05 -10.53 -41.92
N TYR F 76 -15.94 -11.36 -42.45
CA TYR F 76 -17.38 -11.18 -42.27
C TYR F 76 -18.03 -12.39 -41.61
N LEU F 77 -18.84 -12.12 -40.61
CA LEU F 77 -19.67 -13.11 -39.96
C LEU F 77 -21.09 -12.56 -39.93
N GLU F 78 -22.07 -13.37 -40.32
CA GLU F 78 -23.46 -12.93 -40.36
C GLU F 78 -23.60 -11.60 -41.10
N ASN F 79 -22.88 -11.47 -42.21
CA ASN F 79 -22.86 -10.26 -43.04
C ASN F 79 -22.28 -9.00 -42.40
N GLU F 80 -21.59 -9.12 -41.26
CA GLU F 80 -21.02 -7.93 -40.62
C GLU F 80 -19.52 -8.03 -40.58
N PRO F 81 -18.82 -6.90 -40.73
CA PRO F 81 -17.38 -6.91 -40.70
C PRO F 81 -16.86 -7.13 -39.27
N VAL F 82 -15.82 -7.94 -39.15
CA VAL F 82 -15.18 -8.25 -37.87
C VAL F 82 -13.67 -8.14 -38.01
N VAL F 83 -13.01 -7.39 -37.12
CA VAL F 83 -11.56 -7.30 -37.13
C VAL F 83 -10.95 -8.42 -36.31
N VAL F 84 -9.83 -8.94 -36.78
CA VAL F 84 -9.02 -9.83 -36.00
C VAL F 84 -7.68 -9.11 -35.90
N CYS F 85 -7.28 -8.76 -34.69
CA CYS F 85 -6.02 -8.05 -34.50
C CYS F 85 -5.22 -8.65 -33.33
N SER F 86 -3.95 -8.95 -33.59
CA SER F 86 -3.07 -9.50 -32.58
C SER F 86 -2.59 -8.41 -31.61
N THR F 87 -2.40 -8.79 -30.35
CA THR F 87 -2.12 -7.83 -29.28
C THR F 87 -0.67 -7.78 -28.84
N GLY F 88 0.11 -8.80 -29.21
CA GLY F 88 1.41 -9.04 -28.55
C GLY F 88 1.21 -9.59 -27.15
N ILE F 89 2.31 -9.73 -26.41
CA ILE F 89 2.26 -10.26 -25.04
C ILE F 89 2.15 -9.11 -24.04
N GLY F 90 1.22 -9.23 -23.09
CA GLY F 90 1.14 -8.31 -21.96
C GLY F 90 0.18 -7.12 -22.08
N GLY F 91 -0.24 -6.65 -20.91
CA GLY F 91 -1.15 -5.52 -20.77
C GLY F 91 -0.76 -4.27 -21.54
N PRO F 92 0.54 -3.92 -21.55
CA PRO F 92 0.92 -2.69 -22.26
C PRO F 92 0.60 -2.71 -23.74
N SER F 93 0.93 -3.80 -24.43
CA SER F 93 0.62 -3.88 -25.86
C SER F 93 -0.89 -4.05 -26.10
N VAL F 94 -1.54 -4.88 -25.28
CA VAL F 94 -3.01 -4.97 -25.30
C VAL F 94 -3.68 -3.61 -25.17
N SER F 95 -3.15 -2.76 -24.28
CA SER F 95 -3.80 -1.48 -24.00
C SER F 95 -3.74 -0.55 -25.22
N ILE F 96 -2.66 -0.65 -25.98
CA ILE F 96 -2.51 0.10 -27.22
C ILE F 96 -3.51 -0.39 -28.25
N CYS F 97 -3.56 -1.70 -28.43
CA CYS F 97 -4.43 -2.31 -29.41
C CYS F 97 -5.91 -1.92 -29.20
N VAL F 98 -6.38 -2.13 -27.98
CA VAL F 98 -7.77 -1.88 -27.66
C VAL F 98 -8.12 -0.39 -27.73
N GLU F 99 -7.25 0.46 -27.23
CA GLU F 99 -7.49 1.92 -27.29
C GLU F 99 -7.62 2.39 -28.73
N GLU F 100 -6.73 1.90 -29.58
CA GLU F 100 -6.65 2.40 -30.95
C GLU F 100 -7.80 1.83 -31.79
N LEU F 101 -8.18 0.58 -31.58
CA LEU F 101 -9.37 0.03 -32.20
C LEU F 101 -10.63 0.73 -31.72
N ALA F 102 -10.68 1.08 -30.43
CA ALA F 102 -11.83 1.85 -29.93
C ALA F 102 -11.93 3.20 -30.62
N GLN F 103 -10.81 3.90 -30.79
CA GLN F 103 -10.78 5.15 -31.54
C GLN F 103 -11.37 4.97 -32.96
N LEU F 104 -11.23 3.78 -33.53
CA LEU F 104 -11.76 3.46 -34.85
C LEU F 104 -13.14 2.83 -34.86
N GLY F 105 -13.80 2.80 -33.71
CA GLY F 105 -15.21 2.42 -33.63
C GLY F 105 -15.48 0.99 -33.16
N VAL F 106 -14.46 0.23 -32.81
CA VAL F 106 -14.69 -1.13 -32.31
C VAL F 106 -15.14 -1.02 -30.85
N GLY F 107 -16.27 -1.66 -30.51
CA GLY F 107 -16.87 -1.58 -29.17
C GLY F 107 -16.89 -2.90 -28.38
N THR F 108 -16.58 -4.01 -29.04
CA THR F 108 -16.62 -5.32 -28.42
C THR F 108 -15.34 -6.10 -28.76
N PHE F 109 -14.77 -6.74 -27.75
CA PHE F 109 -13.46 -7.37 -27.85
C PHE F 109 -13.50 -8.76 -27.25
N LEU F 110 -13.23 -9.76 -28.08
CA LEU F 110 -13.24 -11.13 -27.64
C LEU F 110 -11.83 -11.67 -27.66
N ARG F 111 -11.36 -12.10 -26.49
CA ARG F 111 -10.00 -12.59 -26.33
C ARG F 111 -10.03 -14.09 -26.48
N ILE F 112 -9.12 -14.61 -27.30
CA ILE F 112 -9.00 -16.05 -27.53
C ILE F 112 -7.53 -16.40 -27.32
N GLY F 113 -7.29 -17.51 -26.64
CA GLY F 113 -5.94 -18.06 -26.50
C GLY F 113 -5.94 -19.49 -25.99
N THR F 114 -4.75 -19.97 -25.70
CA THR F 114 -4.58 -21.24 -25.03
C THR F 114 -3.82 -20.93 -23.76
N THR F 115 -3.97 -21.78 -22.77
CA THR F 115 -3.53 -21.47 -21.42
C THR F 115 -3.10 -22.73 -20.70
N GLY F 116 -2.40 -22.54 -19.59
CA GLY F 116 -2.21 -23.59 -18.60
C GLY F 116 -3.23 -23.44 -17.49
N ALA F 117 -3.59 -24.54 -16.83
CA ALA F 117 -4.50 -24.54 -15.71
C ALA F 117 -3.68 -24.73 -14.44
N ILE F 118 -4.21 -24.28 -13.30
CA ILE F 118 -3.55 -24.55 -12.00
C ILE F 118 -4.38 -25.39 -11.03
N GLN F 119 -5.55 -25.85 -11.49
CA GLN F 119 -6.40 -26.70 -10.69
C GLN F 119 -6.26 -28.14 -11.21
N PRO F 120 -6.12 -29.12 -10.29
CA PRO F 120 -5.91 -30.54 -10.68
C PRO F 120 -7.03 -31.16 -11.48
N TYR F 121 -8.26 -30.68 -11.28
CA TYR F 121 -9.42 -31.25 -11.96
C TYR F 121 -9.63 -30.67 -13.35
N ILE F 122 -8.83 -29.68 -13.76
CA ILE F 122 -8.99 -29.12 -15.09
C ILE F 122 -8.07 -29.89 -16.03
N ASN F 123 -8.64 -30.48 -17.07
CA ASN F 123 -7.86 -31.31 -17.97
C ASN F 123 -7.49 -30.58 -19.25
N VAL F 124 -6.38 -31.02 -19.83
CA VAL F 124 -5.97 -30.62 -21.16
C VAL F 124 -7.13 -30.90 -22.09
N GLY F 125 -7.48 -29.91 -22.92
CA GLY F 125 -8.64 -30.03 -23.79
C GLY F 125 -9.84 -29.28 -23.25
N ASP F 126 -9.85 -28.97 -21.96
CA ASP F 126 -11.00 -28.25 -21.40
C ASP F 126 -10.99 -26.81 -21.88
N VAL F 127 -12.12 -26.13 -21.71
CA VAL F 127 -12.28 -24.75 -22.11
C VAL F 127 -12.67 -23.91 -20.90
N LEU F 128 -12.02 -22.76 -20.79
CA LEU F 128 -12.21 -21.84 -19.69
C LEU F 128 -12.83 -20.54 -20.19
N VAL F 129 -13.93 -20.14 -19.57
CA VAL F 129 -14.51 -18.83 -19.81
C VAL F 129 -14.30 -18.02 -18.53
N THR F 130 -13.67 -16.85 -18.66
CA THR F 130 -13.24 -16.06 -17.51
C THR F 130 -14.24 -14.94 -17.20
N THR F 131 -14.78 -14.96 -15.98
CA THR F 131 -15.66 -13.89 -15.51
C THR F 131 -14.88 -12.73 -14.89
N GLY F 132 -13.76 -13.04 -14.28
CA GLY F 132 -12.96 -12.02 -13.58
C GLY F 132 -11.50 -12.38 -13.49
N ALA F 133 -10.65 -11.36 -13.32
CA ALA F 133 -9.21 -11.54 -13.30
C ALA F 133 -8.60 -10.99 -12.01
N VAL F 134 -7.64 -11.74 -11.49
CA VAL F 134 -6.79 -11.27 -10.42
C VAL F 134 -5.79 -10.30 -11.06
N ARG F 135 -5.78 -9.08 -10.54
CA ARG F 135 -4.96 -8.05 -11.15
C ARG F 135 -3.50 -8.09 -10.71
N LEU F 136 -2.70 -8.96 -11.32
CA LEU F 136 -1.25 -9.02 -11.05
C LEU F 136 -0.46 -8.34 -12.17
N ASP F 137 -1.03 -7.26 -12.68
CA ASP F 137 -0.50 -6.52 -13.83
C ASP F 137 -0.30 -5.08 -13.40
N GLY F 138 0.29 -4.28 -14.25
CA GLY F 138 0.42 -2.88 -13.93
C GLY F 138 -0.53 -1.99 -14.69
N ALA F 139 -0.83 -2.35 -15.93
CA ALA F 139 -1.59 -1.45 -16.80
C ALA F 139 -3.02 -1.23 -16.31
N SER F 140 -3.64 -2.23 -15.70
CA SER F 140 -4.98 -2.08 -15.15
C SER F 140 -5.04 -0.89 -14.18
N ARG F 141 -3.96 -0.67 -13.42
CA ARG F 141 -3.94 0.42 -12.45
C ARG F 141 -3.85 1.80 -13.06
N HIS F 142 -3.60 1.86 -14.36
CA HIS F 142 -3.61 3.16 -15.02
C HIS F 142 -5.04 3.51 -15.49
N PHE F 143 -5.97 2.55 -15.39
CA PHE F 143 -7.37 2.76 -15.78
C PHE F 143 -8.32 2.90 -14.59
N ALA F 144 -8.03 2.18 -13.51
CA ALA F 144 -8.88 2.20 -12.33
C ALA F 144 -8.07 1.77 -11.12
N PRO F 145 -8.47 2.22 -9.92
CA PRO F 145 -7.69 1.79 -8.76
C PRO F 145 -7.86 0.30 -8.54
N LEU F 146 -6.95 -0.26 -7.77
CA LEU F 146 -6.90 -1.71 -7.59
C LEU F 146 -8.18 -2.35 -7.05
N GLU F 147 -8.90 -1.64 -6.19
CA GLU F 147 -10.14 -2.17 -5.63
C GLU F 147 -11.29 -2.39 -6.68
N TYR F 148 -11.17 -1.75 -7.84
CA TYR F 148 -12.16 -1.87 -8.90
C TYR F 148 -11.99 -3.24 -9.54
N PRO F 149 -13.11 -3.92 -9.84
CA PRO F 149 -12.97 -5.29 -10.28
C PRO F 149 -12.66 -5.42 -11.77
N ALA F 150 -11.78 -6.36 -12.10
CA ALA F 150 -11.50 -6.72 -13.48
C ALA F 150 -12.50 -7.77 -13.89
N VAL F 151 -13.67 -7.31 -14.31
CA VAL F 151 -14.80 -8.20 -14.53
C VAL F 151 -15.19 -8.14 -16.01
N ALA F 152 -15.54 -9.30 -16.57
CA ALA F 152 -15.94 -9.39 -17.99
C ALA F 152 -17.34 -8.84 -18.22
N ASP F 153 -17.61 -8.47 -19.46
CA ASP F 153 -18.94 -8.03 -19.85
C ASP F 153 -19.88 -9.23 -19.82
N PHE F 154 -21.05 -9.02 -19.26
CA PHE F 154 -22.09 -10.05 -19.12
C PHE F 154 -22.50 -10.70 -20.46
N SER F 155 -22.84 -9.90 -21.46
CA SER F 155 -23.29 -10.45 -22.75
C SER F 155 -22.17 -11.26 -23.43
N CYS F 156 -20.94 -10.74 -23.37
CA CYS F 156 -19.81 -11.44 -23.95
C CYS F 156 -19.60 -12.77 -23.29
N THR F 157 -19.67 -12.79 -21.97
CA THR F 157 -19.42 -14.01 -21.22
C THR F 157 -20.51 -15.03 -21.53
N ASN F 158 -21.76 -14.58 -21.55
CA ASN F 158 -22.88 -15.44 -21.91
C ASN F 158 -22.75 -16.02 -23.31
N ALA F 159 -22.32 -15.20 -24.26
CA ALA F 159 -22.16 -15.66 -25.64
C ALA F 159 -21.11 -16.76 -25.72
N LEU F 160 -20.00 -16.57 -25.00
CA LEU F 160 -18.92 -17.54 -25.00
C LEU F 160 -19.31 -18.83 -24.30
N TYR F 161 -19.97 -18.71 -23.15
CA TYR F 161 -20.50 -19.88 -22.45
C TYR F 161 -21.46 -20.66 -23.36
N SER F 162 -22.44 -19.96 -23.92
CA SER F 162 -23.47 -20.58 -24.75
C SER F 162 -22.89 -21.28 -25.98
N ALA F 163 -21.92 -20.64 -26.63
CA ALA F 163 -21.27 -21.21 -27.80
C ALA F 163 -20.55 -22.48 -27.42
N ALA F 164 -19.87 -22.47 -26.27
CA ALA F 164 -19.19 -23.69 -25.83
C ALA F 164 -20.17 -24.84 -25.61
N VAL F 165 -21.24 -24.58 -24.87
CA VAL F 165 -22.26 -25.62 -24.61
C VAL F 165 -22.85 -26.19 -25.92
N ALA F 166 -23.12 -25.30 -26.88
CA ALA F 166 -23.62 -25.70 -28.20
C ALA F 166 -22.65 -26.62 -28.98
N GLN F 167 -21.37 -26.61 -28.63
CA GLN F 167 -20.43 -27.57 -29.18
C GLN F 167 -20.23 -28.78 -28.28
N GLY F 168 -21.11 -28.97 -27.31
CA GLY F 168 -20.99 -30.09 -26.40
C GLY F 168 -19.84 -29.96 -25.42
N ILE F 169 -19.45 -28.73 -25.11
CA ILE F 169 -18.41 -28.50 -24.10
C ILE F 169 -19.07 -27.87 -22.89
N THR F 170 -18.79 -28.42 -21.71
CA THR F 170 -19.13 -27.77 -20.45
C THR F 170 -17.88 -27.02 -20.00
N PRO F 171 -17.82 -25.72 -20.28
CA PRO F 171 -16.63 -24.97 -19.90
C PRO F 171 -16.58 -24.72 -18.40
N TYR F 172 -15.37 -24.59 -17.87
CA TYR F 172 -15.19 -24.00 -16.55
C TYR F 172 -15.36 -22.50 -16.64
N VAL F 173 -16.15 -21.94 -15.74
CA VAL F 173 -16.45 -20.51 -15.75
C VAL F 173 -15.97 -19.94 -14.42
N GLY F 174 -15.13 -18.91 -14.46
CA GLY F 174 -14.48 -18.45 -13.23
C GLY F 174 -13.34 -17.46 -13.37
N ILE F 175 -12.46 -17.47 -12.36
CA ILE F 175 -11.46 -16.45 -12.17
C ILE F 175 -10.10 -16.89 -12.71
N THR F 176 -9.45 -15.97 -13.41
CA THR F 176 -8.13 -16.19 -13.95
C THR F 176 -7.17 -15.23 -13.28
N ALA F 177 -5.93 -15.66 -13.06
CA ALA F 177 -4.88 -14.79 -12.54
C ALA F 177 -4.09 -14.20 -13.69
N SER F 178 -4.06 -12.87 -13.75
CA SER F 178 -3.51 -12.18 -14.90
C SER F 178 -2.21 -11.51 -14.51
N SER F 179 -1.12 -12.08 -14.99
CA SER F 179 0.23 -11.74 -14.55
C SER F 179 0.99 -10.95 -15.60
N ASP F 180 1.72 -9.93 -15.16
CA ASP F 180 2.65 -9.22 -16.04
C ASP F 180 3.89 -9.98 -16.41
N THR F 181 4.14 -11.13 -15.77
CA THR F 181 5.27 -11.96 -16.19
C THR F 181 4.89 -13.40 -16.48
N PHE F 182 5.69 -14.03 -17.31
CA PHE F 182 5.55 -15.44 -17.59
C PHE F 182 6.23 -16.30 -16.54
N TYR F 183 7.36 -15.81 -16.00
CA TYR F 183 8.17 -16.61 -15.08
C TYR F 183 7.88 -16.37 -13.57
N PRO F 184 8.46 -15.32 -12.94
CA PRO F 184 8.23 -15.27 -11.49
C PRO F 184 6.78 -15.04 -11.04
N GLY F 185 6.02 -14.24 -11.78
CA GLY F 185 4.63 -13.98 -11.43
C GLY F 185 3.73 -15.19 -11.59
N GLN F 186 4.19 -16.21 -12.30
CA GLN F 186 3.51 -17.50 -12.32
C GLN F 186 4.23 -18.56 -11.46
N GLU F 187 5.08 -18.08 -10.55
CA GLU F 187 5.93 -18.87 -9.68
C GLU F 187 6.65 -20.03 -10.39
N ARG F 188 7.31 -19.71 -11.51
CA ARG F 188 8.18 -20.68 -12.20
C ARG F 188 9.59 -20.60 -11.67
N TYR F 189 10.12 -21.76 -11.29
CA TYR F 189 11.51 -21.90 -10.83
C TYR F 189 12.43 -22.46 -11.92
N ASP F 190 11.85 -22.91 -13.04
CA ASP F 190 12.64 -23.45 -14.17
C ASP F 190 13.16 -22.30 -15.05
N THR F 191 14.14 -21.60 -14.51
CA THR F 191 14.53 -20.30 -15.02
C THR F 191 16.03 -20.15 -14.90
N PHE F 192 16.52 -19.02 -15.43
CA PHE F 192 17.93 -18.61 -15.30
C PHE F 192 18.41 -18.57 -13.86
N SER F 193 17.67 -17.89 -12.97
CA SER F 193 18.05 -17.79 -11.57
C SER F 193 17.59 -19.01 -10.75
N GLY F 194 16.48 -19.59 -11.13
CA GLY F 194 15.81 -20.60 -10.33
C GLY F 194 15.22 -20.02 -9.05
N LYS F 195 15.03 -18.71 -8.99
CA LYS F 195 14.58 -18.04 -7.75
C LYS F 195 13.32 -17.22 -7.99
N VAL F 196 12.51 -17.11 -6.95
CA VAL F 196 11.36 -16.20 -6.93
C VAL F 196 11.45 -15.50 -5.59
N TYR F 197 11.31 -14.18 -5.56
CA TYR F 197 11.39 -13.46 -4.28
C TYR F 197 10.14 -13.67 -3.39
N PRO F 198 10.28 -13.45 -2.08
CA PRO F 198 9.25 -13.86 -1.14
C PRO F 198 7.82 -13.49 -1.46
N ALA F 199 7.57 -12.28 -1.95
CA ALA F 199 6.19 -11.87 -2.21
C ALA F 199 5.45 -12.82 -3.16
N TYR F 200 6.19 -13.53 -4.02
CA TYR F 200 5.61 -14.47 -4.99
C TYR F 200 5.84 -15.95 -4.66
N GLN F 201 6.65 -16.25 -3.63
CA GLN F 201 6.79 -17.62 -3.13
C GLN F 201 5.49 -18.05 -2.51
N GLY F 202 5.02 -19.24 -2.89
CA GLY F 202 3.71 -19.73 -2.44
C GLY F 202 2.50 -19.06 -3.07
N SER F 203 2.69 -18.22 -4.09
CA SER F 203 1.57 -17.54 -4.71
C SER F 203 0.70 -18.48 -5.55
N LEU F 204 1.31 -19.43 -6.24
CA LEU F 204 0.53 -20.39 -7.02
C LEU F 204 -0.46 -21.11 -6.12
N LYS F 205 0.05 -21.66 -5.02
CA LYS F 205 -0.79 -22.33 -4.02
C LYS F 205 -1.87 -21.39 -3.47
N GLN F 206 -1.52 -20.16 -3.16
CA GLN F 206 -2.52 -19.16 -2.74
C GLN F 206 -3.70 -19.05 -3.71
N TRP F 207 -3.40 -18.94 -5.00
CA TRP F 207 -4.45 -18.78 -6.01
C TRP F 207 -5.24 -20.09 -6.17
N GLN F 208 -4.56 -21.22 -6.08
CA GLN F 208 -5.25 -22.51 -6.16
C GLN F 208 -6.28 -22.60 -5.05
N ASP F 209 -5.86 -22.27 -3.83
CA ASP F 209 -6.77 -22.32 -2.70
C ASP F 209 -7.89 -21.30 -2.80
N LEU F 210 -7.73 -20.25 -3.61
CA LEU F 210 -8.79 -19.27 -3.82
C LEU F 210 -9.59 -19.59 -5.10
N ASN F 211 -9.47 -20.81 -5.59
CA ASN F 211 -10.29 -21.32 -6.70
C ASN F 211 -10.03 -20.65 -8.04
N VAL F 212 -8.85 -20.07 -8.19
CA VAL F 212 -8.42 -19.53 -9.48
C VAL F 212 -8.10 -20.71 -10.44
N MSE F 213 -8.50 -20.58 -11.69
CA MSE F 213 -8.44 -21.70 -12.67
C MSE F 213 -7.11 -21.80 -13.36
O MSE F 213 -6.61 -22.90 -13.64
CB MSE F 213 -9.48 -21.53 -13.78
CG MSE F 213 -10.92 -21.41 -13.27
SE MSE F 213 -12.20 -21.11 -14.76
CE MSE F 213 -11.46 -19.51 -15.65
N ASN F 214 -6.51 -20.65 -13.65
CA ASN F 214 -5.37 -20.58 -14.56
C ASN F 214 -4.67 -19.24 -14.50
N TYR F 215 -3.45 -19.21 -15.04
CA TYR F 215 -2.73 -17.99 -15.26
C TYR F 215 -2.83 -17.59 -16.69
N GLU F 216 -2.71 -16.29 -16.89
CA GLU F 216 -2.78 -15.69 -18.19
C GLU F 216 -2.11 -14.27 -18.06
N MSE F 217 -1.93 -13.52 -19.14
CA MSE F 217 -1.11 -12.30 -19.07
C MSE F 217 -1.76 -11.03 -19.56
O MSE F 217 -1.10 -9.99 -19.63
CB MSE F 217 0.21 -12.54 -19.82
CG MSE F 217 1.01 -13.71 -19.19
SE MSE F 217 2.82 -13.89 -19.92
CE MSE F 217 3.59 -12.16 -19.39
N GLU F 218 -3.04 -11.07 -19.91
CA GLU F 218 -3.65 -9.91 -20.55
C GLU F 218 -5.05 -9.48 -20.04
N SER F 219 -5.77 -10.40 -19.40
CA SER F 219 -7.17 -10.17 -19.06
C SER F 219 -7.40 -9.09 -18.04
N ALA F 220 -6.49 -8.91 -17.10
CA ALA F 220 -6.71 -7.87 -16.09
C ALA F 220 -6.76 -6.51 -16.75
N THR F 221 -5.83 -6.28 -17.66
CA THR F 221 -5.76 -5.04 -18.37
C THR F 221 -6.97 -4.88 -19.26
N LEU F 222 -7.28 -5.93 -20.02
CA LEU F 222 -8.41 -5.90 -20.94
C LEU F 222 -9.73 -5.64 -20.23
N PHE F 223 -10.02 -6.39 -19.16
CA PHE F 223 -11.32 -6.21 -18.51
C PHE F 223 -11.46 -4.87 -17.79
N THR F 224 -10.40 -4.43 -17.13
CA THR F 224 -10.44 -3.18 -16.39
C THR F 224 -10.58 -2.00 -17.36
N MSE F 225 -9.78 -2.00 -18.42
CA MSE F 225 -9.83 -0.88 -19.34
C MSE F 225 -11.16 -0.84 -20.04
O MSE F 225 -11.71 0.24 -20.23
CB MSE F 225 -8.67 -0.85 -20.32
CG MSE F 225 -8.85 -1.79 -21.49
SE MSE F 225 -7.17 -1.77 -22.54
CE MSE F 225 -7.41 0.05 -23.26
N CYS F 226 -11.70 -1.99 -20.41
CA CYS F 226 -12.97 -2.03 -21.12
C CYS F 226 -14.12 -1.55 -20.22
N ALA F 227 -14.14 -1.98 -18.96
CA ALA F 227 -15.17 -1.46 -18.04
C ALA F 227 -15.02 0.04 -17.84
N ALA F 228 -13.79 0.53 -17.70
CA ALA F 228 -13.54 1.97 -17.57
C ALA F 228 -13.91 2.83 -18.79
N LEU F 229 -13.76 2.28 -19.99
CA LEU F 229 -14.05 3.00 -21.22
C LEU F 229 -15.44 2.73 -21.78
N GLY F 230 -16.19 1.84 -21.16
CA GLY F 230 -17.52 1.51 -21.65
C GLY F 230 -17.51 0.56 -22.83
N LEU F 231 -16.46 -0.24 -22.95
CA LEU F 231 -16.35 -1.23 -24.01
C LEU F 231 -16.70 -2.60 -23.46
N LYS F 232 -17.02 -3.54 -24.34
CA LYS F 232 -17.42 -4.88 -23.91
CA LYS F 232 -17.42 -4.89 -23.93
C LYS F 232 -16.29 -5.89 -24.20
N ALA F 233 -15.91 -6.66 -23.17
CA ALA F 233 -14.87 -7.67 -23.31
C ALA F 233 -15.26 -9.01 -22.74
N GLY F 234 -14.74 -10.06 -23.38
CA GLY F 234 -14.85 -11.43 -22.85
C GLY F 234 -13.61 -12.21 -23.20
N MSE F 235 -13.45 -13.37 -22.56
CA MSE F 235 -12.25 -14.20 -22.79
CA MSE F 235 -12.28 -14.19 -22.80
C MSE F 235 -12.61 -15.64 -22.68
O MSE F 235 -13.25 -16.06 -21.71
CB MSE F 235 -11.09 -13.93 -21.83
CB MSE F 235 -11.23 -13.85 -21.74
CG MSE F 235 -9.88 -14.83 -22.19
CG MSE F 235 -10.14 -14.91 -21.80
SE MSE F 235 -8.17 -14.20 -21.40
SE MSE F 235 -8.54 -14.25 -20.88
CE MSE F 235 -8.77 -14.44 -19.53
CE MSE F 235 -7.38 -15.34 -22.02
N VAL F 236 -12.15 -16.41 -23.66
CA VAL F 236 -12.23 -17.86 -23.65
C VAL F 236 -10.85 -18.41 -23.95
N ALA F 237 -10.51 -19.55 -23.36
CA ALA F 237 -9.23 -20.18 -23.66
C ALA F 237 -9.27 -21.71 -23.59
N GLY F 238 -8.44 -22.35 -24.41
CA GLY F 238 -8.29 -23.80 -24.40
C GLY F 238 -7.13 -24.18 -23.54
N VAL F 239 -7.31 -25.19 -22.69
CA VAL F 239 -6.24 -25.63 -21.80
C VAL F 239 -5.29 -26.59 -22.51
N ILE F 240 -4.03 -26.22 -22.64
CA ILE F 240 -3.05 -27.07 -23.34
C ILE F 240 -1.98 -27.66 -22.44
N VAL F 241 -2.03 -27.31 -21.16
CA VAL F 241 -1.07 -27.79 -20.19
C VAL F 241 -1.65 -27.60 -18.78
N ASN F 242 -1.26 -28.46 -17.86
CA ASN F 242 -1.67 -28.33 -16.46
C ASN F 242 -0.45 -28.46 -15.56
N ARG F 243 -0.17 -27.40 -14.80
CA ARG F 243 0.99 -27.31 -13.90
C ARG F 243 0.98 -28.46 -12.87
N THR F 244 -0.21 -28.81 -12.40
CA THR F 244 -0.36 -29.81 -11.34
C THR F 244 -0.30 -31.23 -11.85
N GLN F 245 -0.41 -31.44 -13.17
CA GLN F 245 -0.48 -32.80 -13.71
C GLN F 245 0.88 -33.29 -14.18
N GLN F 246 1.05 -34.60 -14.06
CA GLN F 246 2.28 -35.29 -14.45
C GLN F 246 2.56 -35.27 -15.97
N GLU F 247 1.53 -35.61 -16.76
CA GLU F 247 1.67 -35.90 -18.19
C GLU F 247 2.03 -34.70 -19.06
N ILE F 248 2.91 -34.92 -20.05
CA ILE F 248 2.99 -34.02 -21.21
C ILE F 248 1.94 -34.51 -22.20
N PRO F 249 1.11 -33.58 -22.74
CA PRO F 249 0.15 -33.99 -23.77
C PRO F 249 0.78 -33.95 -25.15
N ASN F 250 0.29 -34.78 -26.08
CA ASN F 250 0.85 -34.84 -27.42
C ASN F 250 0.38 -33.66 -28.28
N GLU F 251 1.05 -33.48 -29.42
CA GLU F 251 0.80 -32.34 -30.32
C GLU F 251 -0.62 -32.30 -30.89
N ALA F 252 -1.16 -33.47 -31.20
CA ALA F 252 -2.51 -33.56 -31.76
C ALA F 252 -3.56 -33.07 -30.77
N THR F 253 -3.40 -33.45 -29.51
CA THR F 253 -4.29 -32.97 -28.45
C THR F 253 -4.21 -31.45 -28.31
N ILE F 254 -3.01 -30.91 -28.43
CA ILE F 254 -2.78 -29.47 -28.30
C ILE F 254 -3.35 -28.68 -29.48
N LYS F 255 -3.10 -29.17 -30.68
CA LYS F 255 -3.59 -28.50 -31.88
C LYS F 255 -5.14 -28.58 -31.96
N SER F 256 -5.71 -29.68 -31.51
CA SER F 256 -7.16 -29.81 -31.53
C SER F 256 -7.82 -28.86 -30.51
N THR F 257 -7.15 -28.69 -29.37
CA THR F 257 -7.61 -27.74 -28.36
C THR F 257 -7.64 -26.30 -28.90
N GLU F 258 -6.62 -25.90 -29.65
CA GLU F 258 -6.61 -24.58 -30.29
C GLU F 258 -7.83 -24.40 -31.17
N GLN F 259 -8.06 -25.36 -32.06
CA GLN F 259 -9.20 -25.32 -32.98
C GLN F 259 -10.55 -25.23 -32.25
N LYS F 260 -10.69 -26.07 -31.23
CA LYS F 260 -11.87 -26.10 -30.35
C LYS F 260 -12.20 -24.72 -29.81
N ALA F 261 -11.17 -24.01 -29.33
CA ALA F 261 -11.40 -22.75 -28.67
C ALA F 261 -11.74 -21.66 -29.68
N VAL F 262 -11.04 -21.69 -30.82
CA VAL F 262 -11.33 -20.73 -31.88
C VAL F 262 -12.77 -20.94 -32.36
N ALA F 263 -13.22 -22.17 -32.49
CA ALA F 263 -14.59 -22.41 -32.92
C ALA F 263 -15.58 -21.76 -31.95
N VAL F 264 -15.25 -21.82 -30.66
CA VAL F 264 -16.13 -21.21 -29.64
C VAL F 264 -16.18 -19.70 -29.81
N VAL F 265 -15.02 -19.08 -30.01
CA VAL F 265 -14.99 -17.63 -30.11
C VAL F 265 -15.68 -17.11 -31.37
N ILE F 266 -15.58 -17.83 -32.49
CA ILE F 266 -16.25 -17.44 -33.73
C ILE F 266 -17.75 -17.51 -33.53
N GLU F 267 -18.22 -18.62 -32.98
CA GLU F 267 -19.65 -18.79 -32.69
C GLU F 267 -20.17 -17.73 -31.72
N ALA F 268 -19.39 -17.46 -30.67
CA ALA F 268 -19.73 -16.37 -29.74
C ALA F 268 -19.93 -15.06 -30.48
N ALA F 269 -19.01 -14.76 -31.41
CA ALA F 269 -19.14 -13.53 -32.19
C ALA F 269 -20.41 -13.54 -33.07
N ARG F 270 -20.74 -14.68 -33.67
CA ARG F 270 -22.01 -14.79 -34.41
C ARG F 270 -23.18 -14.41 -33.54
N ARG F 271 -23.23 -14.95 -32.33
CA ARG F 271 -24.33 -14.66 -31.43
C ARG F 271 -24.40 -13.18 -31.06
N LEU F 272 -23.27 -12.57 -30.73
CA LEU F 272 -23.29 -11.15 -30.37
C LEU F 272 -23.76 -10.29 -31.54
N ILE F 273 -23.30 -10.64 -32.74
CA ILE F 273 -23.71 -9.92 -33.94
C ILE F 273 -25.22 -10.07 -34.14
N SER F 274 -25.70 -11.30 -34.07
CA SER F 274 -27.12 -11.61 -34.27
C SER F 274 -28.01 -10.90 -33.29
N ALA F 275 -27.54 -10.76 -32.05
CA ALA F 275 -28.31 -10.07 -31.01
C ALA F 275 -28.45 -8.58 -31.29
N GLY F 276 -27.52 -8.00 -32.04
CA GLY F 276 -27.57 -6.57 -32.38
C GLY F 276 -28.71 -6.19 -33.31
C1 GOL G . 13.61 19.09 15.37
O1 GOL G . 13.53 20.49 15.12
C2 GOL G . 12.50 18.69 16.33
O2 GOL G . 12.68 19.45 17.53
C3 GOL G . 12.49 17.19 16.65
O3 GOL G . 11.16 16.76 17.05
C1 GOL H . -4.89 16.97 -0.91
O1 GOL H . -5.85 17.64 -0.07
C2 GOL H . -4.43 15.64 -0.30
O2 GOL H . -3.38 15.11 -1.12
C3 GOL H . -3.97 15.80 1.15
O3 GOL H . -2.78 15.03 1.44
C1 GOL I . 5.62 2.94 -27.65
O1 GOL I . 5.27 3.55 -28.91
C2 GOL I . 6.86 2.07 -27.82
O2 GOL I . 7.96 2.90 -28.17
C3 GOL I . 7.15 1.28 -26.52
O3 GOL I . 8.39 1.67 -25.89
C1 GOL J . 24.54 4.32 -12.82
O1 GOL J . 23.36 4.11 -12.03
C2 GOL J . 25.63 5.11 -12.08
O2 GOL J . 26.68 5.51 -12.99
C3 GOL J . 25.10 6.36 -11.37
O3 GOL J . 24.09 6.03 -10.41
C1 GOL K . -6.08 7.23 26.06
O1 GOL K . -6.11 6.58 24.79
C2 GOL K . -4.86 6.72 26.80
O2 GOL K . -4.57 7.63 27.88
C3 GOL K . -3.66 6.61 25.84
O3 GOL K . -2.42 6.69 26.56
C1 GOL L . -19.08 -8.36 17.77
O1 GOL L . -18.09 -7.62 18.50
C2 GOL L . -18.95 -9.82 18.21
O2 GOL L . -19.22 -9.88 19.60
C3 GOL L . -19.97 -10.71 17.50
O3 GOL L . -19.92 -12.05 18.02
C1 GOL M . -15.39 -12.17 18.58
O1 GOL M . -15.18 -10.83 18.09
C2 GOL M . -14.36 -12.65 19.62
O2 GOL M . -14.90 -13.72 20.44
C3 GOL M . -13.94 -11.51 20.53
O3 GOL M . -12.63 -11.74 21.10
C1 GOL N . 23.98 4.69 11.17
O1 GOL N . 24.51 5.55 10.16
C2 GOL N . 25.06 3.81 11.78
O2 GOL N . 26.37 4.32 11.49
C3 GOL N . 24.89 3.78 13.29
O3 GOL N . 25.61 2.68 13.87
C1 GOL O . -28.50 0.95 4.89
O1 GOL O . -29.24 2.04 4.33
C2 GOL O . -28.46 -0.29 4.01
O2 GOL O . -29.30 -0.19 2.86
C3 GOL O . -27.04 -0.56 3.52
O3 GOL O . -27.01 -1.74 2.73
C1 GOL P . -20.37 -12.13 -13.95
O1 GOL P . -20.87 -13.17 -13.09
C2 GOL P . -20.41 -12.62 -15.40
O2 GOL P . -21.73 -12.99 -15.79
C3 GOL P . -19.94 -11.54 -16.35
O3 GOL P . -18.82 -10.87 -15.76
C1 GOL Q . 1.06 -14.52 -23.36
O1 GOL Q . -0.37 -14.59 -23.32
C2 GOL Q . 1.66 -15.73 -24.10
O2 GOL Q . 0.83 -16.87 -23.89
C3 GOL Q . 3.07 -16.03 -23.63
O3 GOL Q . 3.38 -17.44 -23.74
#